data_1QSN
# 
_entry.id   1QSN 
# 
_audit_conform.dict_name       mmcif_pdbx.dic 
_audit_conform.dict_version    5.386 
_audit_conform.dict_location   http://mmcif.pdb.org/dictionaries/ascii/mmcif_pdbx.dic 
# 
loop_
_database_2.database_id 
_database_2.database_code 
_database_2.pdbx_database_accession 
_database_2.pdbx_DOI 
PDB   1QSN         pdb_00001qsn 10.2210/pdb1qsn/pdb 
RCSB  RCSB009217   ?            ?                   
WWPDB D_1000009217 ?            ?                   
# 
loop_
_pdbx_audit_revision_history.ordinal 
_pdbx_audit_revision_history.data_content_type 
_pdbx_audit_revision_history.major_revision 
_pdbx_audit_revision_history.minor_revision 
_pdbx_audit_revision_history.revision_date 
1 'Structure model' 1 0 1999-09-08 
2 'Structure model' 1 1 2008-04-27 
3 'Structure model' 1 2 2011-07-13 
4 'Structure model' 1 3 2024-02-14 
# 
_pdbx_audit_revision_details.ordinal             1 
_pdbx_audit_revision_details.revision_ordinal    1 
_pdbx_audit_revision_details.data_content_type   'Structure model' 
_pdbx_audit_revision_details.provider            repository 
_pdbx_audit_revision_details.type                'Initial release' 
_pdbx_audit_revision_details.description         ? 
_pdbx_audit_revision_details.details             ? 
# 
loop_
_pdbx_audit_revision_group.ordinal 
_pdbx_audit_revision_group.revision_ordinal 
_pdbx_audit_revision_group.data_content_type 
_pdbx_audit_revision_group.group 
1 2 'Structure model' 'Version format compliance' 
2 3 'Structure model' 'Version format compliance' 
3 4 'Structure model' 'Data collection'           
4 4 'Structure model' 'Database references'       
5 4 'Structure model' 'Derived calculations'      
# 
loop_
_pdbx_audit_revision_category.ordinal 
_pdbx_audit_revision_category.revision_ordinal 
_pdbx_audit_revision_category.data_content_type 
_pdbx_audit_revision_category.category 
1 4 'Structure model' chem_comp_atom     
2 4 'Structure model' chem_comp_bond     
3 4 'Structure model' database_2         
4 4 'Structure model' struct_ref_seq_dif 
5 4 'Structure model' struct_site        
# 
loop_
_pdbx_audit_revision_item.ordinal 
_pdbx_audit_revision_item.revision_ordinal 
_pdbx_audit_revision_item.data_content_type 
_pdbx_audit_revision_item.item 
1 4 'Structure model' '_database_2.pdbx_DOI'                
2 4 'Structure model' '_database_2.pdbx_database_accession' 
3 4 'Structure model' '_struct_ref_seq_dif.details'         
4 4 'Structure model' '_struct_site.pdbx_auth_asym_id'      
5 4 'Structure model' '_struct_site.pdbx_auth_comp_id'      
6 4 'Structure model' '_struct_site.pdbx_auth_seq_id'       
# 
_pdbx_database_status.status_code                     REL 
_pdbx_database_status.entry_id                        1QSN 
_pdbx_database_status.recvd_initial_deposition_date   1999-06-22 
_pdbx_database_status.deposit_site                    RCSB 
_pdbx_database_status.process_site                    RCSB 
_pdbx_database_status.SG_entry                        . 
_pdbx_database_status.status_code_sf                  ? 
_pdbx_database_status.status_code_mr                  ? 
_pdbx_database_status.pdb_format_compatible           Y 
_pdbx_database_status.status_code_cs                  ? 
_pdbx_database_status.status_code_nmr_data            ? 
_pdbx_database_status.methods_development_category    ? 
# 
loop_
_audit_author.name 
_audit_author.pdbx_ordinal 
'Rojas, J.R.'     1 
'Trievel, R.C.'   2 
'Zhou, J.'        3 
'Mo, Y.'          4 
'Li, X.'          5 
'Berger, S.L.'    6 
'David Allis, C.' 7 
'Marmorstein, R.' 8 
# 
_citation.id                        primary 
_citation.title                     'Structure of Tetrahymena GCN5 bound to coenzyme A and a histone H3 peptide.' 
_citation.journal_abbrev            Nature 
_citation.journal_volume            401 
_citation.page_first                93 
_citation.page_last                 98 
_citation.year                      1999 
_citation.journal_id_ASTM           NATUAS 
_citation.country                   UK 
_citation.journal_id_ISSN           0028-0836 
_citation.journal_id_CSD            0006 
_citation.book_publisher            ? 
_citation.pdbx_database_id_PubMed   10485713 
_citation.pdbx_database_id_DOI      10.1038/43487 
# 
loop_
_citation_author.citation_id 
_citation_author.name 
_citation_author.ordinal 
_citation_author.identifier_ORCID 
primary 'Rojas, J.R.'     1 ? 
primary 'Trievel, R.C.'   2 ? 
primary 'Zhou, J.'        3 ? 
primary 'Mo, Y.'          4 ? 
primary 'Li, X.'          5 ? 
primary 'Berger, S.L.'    6 ? 
primary 'Allis, C.D.'     7 ? 
primary 'Marmorstein, R.' 8 ? 
# 
loop_
_entity.id 
_entity.type 
_entity.src_method 
_entity.pdbx_description 
_entity.formula_weight 
_entity.pdbx_number_of_molecules 
_entity.pdbx_ec 
_entity.pdbx_mutation 
_entity.pdbx_fragment 
_entity.details 
1 polymer     man 'TGCN5 HISTONE ACETYL TRANSFERASE' 19344.500 1   2.3.1.- ? 'CATALYTIC DOMAIN'                 ? 
2 polymer     nat 'HISTONE H3'                       1161.355  1   ?       ? '11 MER PEPTIDE (RESIDUES 9 - 19)' ? 
3 non-polymer syn 'COENZYME A'                       767.534   1   ?       ? ?                                  ? 
4 water       nat water                              18.015    122 ?       ? ?                                  ? 
# 
loop_
_entity_poly.entity_id 
_entity_poly.type 
_entity_poly.nstd_linkage 
_entity_poly.nstd_monomer 
_entity_poly.pdbx_seq_one_letter_code 
_entity_poly.pdbx_seq_one_letter_code_can 
_entity_poly.pdbx_strand_id 
_entity_poly.pdbx_target_identifier 
1 'polypeptide(L)' no no 
;LDFDILTNDGTHRNMKLLIDLKNIFSRQLPKMPKEYIVKLVFDRHHESMVILKNKQKVIGGICFRQYKPQRFAEVAFLAV
TANEQVRGYGTRLMNKFKDHMQKQNIEYLLTYADNFAIGYFKKQGFTKEHRMPQEKWKGYIKDYDGGTLMECYIHPYVDY
GR
;
;LDFDILTNDGTHRNMKLLIDLKNIFSRQLPKMPKEYIVKLVFDRHHESMVILKNKQKVIGGICFRQYKPQRFAEVAFLAV
TANEQVRGYGTRLMNKFKDHMQKQNIEYLLTYADNFAIGYFKKQGFTKEHRMPQEKWKGYIKDYDGGTLMECYIHPYVDY
GR
;
A ? 
2 'polypeptide(L)' no no KSTGGKAPRKQ KSTGGKAPRKQ B ? 
# 
loop_
_pdbx_entity_nonpoly.entity_id 
_pdbx_entity_nonpoly.name 
_pdbx_entity_nonpoly.comp_id 
3 'COENZYME A' COA 
4 water        HOH 
# 
loop_
_entity_poly_seq.entity_id 
_entity_poly_seq.num 
_entity_poly_seq.mon_id 
_entity_poly_seq.hetero 
1 1   LEU n 
1 2   ASP n 
1 3   PHE n 
1 4   ASP n 
1 5   ILE n 
1 6   LEU n 
1 7   THR n 
1 8   ASN n 
1 9   ASP n 
1 10  GLY n 
1 11  THR n 
1 12  HIS n 
1 13  ARG n 
1 14  ASN n 
1 15  MET n 
1 16  LYS n 
1 17  LEU n 
1 18  LEU n 
1 19  ILE n 
1 20  ASP n 
1 21  LEU n 
1 22  LYS n 
1 23  ASN n 
1 24  ILE n 
1 25  PHE n 
1 26  SER n 
1 27  ARG n 
1 28  GLN n 
1 29  LEU n 
1 30  PRO n 
1 31  LYS n 
1 32  MET n 
1 33  PRO n 
1 34  LYS n 
1 35  GLU n 
1 36  TYR n 
1 37  ILE n 
1 38  VAL n 
1 39  LYS n 
1 40  LEU n 
1 41  VAL n 
1 42  PHE n 
1 43  ASP n 
1 44  ARG n 
1 45  HIS n 
1 46  HIS n 
1 47  GLU n 
1 48  SER n 
1 49  MET n 
1 50  VAL n 
1 51  ILE n 
1 52  LEU n 
1 53  LYS n 
1 54  ASN n 
1 55  LYS n 
1 56  GLN n 
1 57  LYS n 
1 58  VAL n 
1 59  ILE n 
1 60  GLY n 
1 61  GLY n 
1 62  ILE n 
1 63  CYS n 
1 64  PHE n 
1 65  ARG n 
1 66  GLN n 
1 67  TYR n 
1 68  LYS n 
1 69  PRO n 
1 70  GLN n 
1 71  ARG n 
1 72  PHE n 
1 73  ALA n 
1 74  GLU n 
1 75  VAL n 
1 76  ALA n 
1 77  PHE n 
1 78  LEU n 
1 79  ALA n 
1 80  VAL n 
1 81  THR n 
1 82  ALA n 
1 83  ASN n 
1 84  GLU n 
1 85  GLN n 
1 86  VAL n 
1 87  ARG n 
1 88  GLY n 
1 89  TYR n 
1 90  GLY n 
1 91  THR n 
1 92  ARG n 
1 93  LEU n 
1 94  MET n 
1 95  ASN n 
1 96  LYS n 
1 97  PHE n 
1 98  LYS n 
1 99  ASP n 
1 100 HIS n 
1 101 MET n 
1 102 GLN n 
1 103 LYS n 
1 104 GLN n 
1 105 ASN n 
1 106 ILE n 
1 107 GLU n 
1 108 TYR n 
1 109 LEU n 
1 110 LEU n 
1 111 THR n 
1 112 TYR n 
1 113 ALA n 
1 114 ASP n 
1 115 ASN n 
1 116 PHE n 
1 117 ALA n 
1 118 ILE n 
1 119 GLY n 
1 120 TYR n 
1 121 PHE n 
1 122 LYS n 
1 123 LYS n 
1 124 GLN n 
1 125 GLY n 
1 126 PHE n 
1 127 THR n 
1 128 LYS n 
1 129 GLU n 
1 130 HIS n 
1 131 ARG n 
1 132 MET n 
1 133 PRO n 
1 134 GLN n 
1 135 GLU n 
1 136 LYS n 
1 137 TRP n 
1 138 LYS n 
1 139 GLY n 
1 140 TYR n 
1 141 ILE n 
1 142 LYS n 
1 143 ASP n 
1 144 TYR n 
1 145 ASP n 
1 146 GLY n 
1 147 GLY n 
1 148 THR n 
1 149 LEU n 
1 150 MET n 
1 151 GLU n 
1 152 CYS n 
1 153 TYR n 
1 154 ILE n 
1 155 HIS n 
1 156 PRO n 
1 157 TYR n 
1 158 VAL n 
1 159 ASP n 
1 160 TYR n 
1 161 GLY n 
1 162 ARG n 
2 1   LYS n 
2 2   SER n 
2 3   THR n 
2 4   GLY n 
2 5   GLY n 
2 6   LYS n 
2 7   ALA n 
2 8   PRO n 
2 9   ARG n 
2 10  LYS n 
2 11  GLN n 
# 
_entity_src_gen.entity_id                          1 
_entity_src_gen.pdbx_src_id                        1 
_entity_src_gen.pdbx_alt_source_flag               sample 
_entity_src_gen.pdbx_seq_type                      ? 
_entity_src_gen.pdbx_beg_seq_num                   ? 
_entity_src_gen.pdbx_end_seq_num                   ? 
_entity_src_gen.gene_src_common_name               ? 
_entity_src_gen.gene_src_genus                     Tetrahymena 
_entity_src_gen.pdbx_gene_src_gene                 ? 
_entity_src_gen.gene_src_species                   ? 
_entity_src_gen.gene_src_strain                    ? 
_entity_src_gen.gene_src_tissue                    ? 
_entity_src_gen.gene_src_tissue_fraction           ? 
_entity_src_gen.gene_src_details                   ? 
_entity_src_gen.pdbx_gene_src_fragment             ? 
_entity_src_gen.pdbx_gene_src_scientific_name      'Tetrahymena thermophila' 
_entity_src_gen.pdbx_gene_src_ncbi_taxonomy_id     5911 
_entity_src_gen.pdbx_gene_src_variant              ? 
_entity_src_gen.pdbx_gene_src_cell_line            ? 
_entity_src_gen.pdbx_gene_src_atcc                 ? 
_entity_src_gen.pdbx_gene_src_organ                ? 
_entity_src_gen.pdbx_gene_src_organelle            ? 
_entity_src_gen.pdbx_gene_src_cell                 ? 
_entity_src_gen.pdbx_gene_src_cellular_location    ? 
_entity_src_gen.host_org_common_name               ? 
_entity_src_gen.pdbx_host_org_scientific_name      'Escherichia coli' 
_entity_src_gen.pdbx_host_org_ncbi_taxonomy_id     562 
_entity_src_gen.host_org_genus                     Escherichia 
_entity_src_gen.pdbx_host_org_gene                 ? 
_entity_src_gen.pdbx_host_org_organ                ? 
_entity_src_gen.host_org_species                   ? 
_entity_src_gen.pdbx_host_org_tissue               ? 
_entity_src_gen.pdbx_host_org_tissue_fraction      ? 
_entity_src_gen.pdbx_host_org_strain               ? 
_entity_src_gen.pdbx_host_org_variant              ? 
_entity_src_gen.pdbx_host_org_cell_line            ? 
_entity_src_gen.pdbx_host_org_atcc                 ? 
_entity_src_gen.pdbx_host_org_culture_collection   ? 
_entity_src_gen.pdbx_host_org_cell                 ? 
_entity_src_gen.pdbx_host_org_organelle            ? 
_entity_src_gen.pdbx_host_org_cellular_location    ? 
_entity_src_gen.pdbx_host_org_vector_type          ? 
_entity_src_gen.pdbx_host_org_vector               ? 
_entity_src_gen.host_org_details                   ? 
_entity_src_gen.expression_system_id               ? 
_entity_src_gen.plasmid_name                       'PRSET A' 
_entity_src_gen.plasmid_details                    ? 
_entity_src_gen.pdbx_description                   ? 
# 
_entity_src_nat.entity_id                  2 
_entity_src_nat.pdbx_src_id                1 
_entity_src_nat.pdbx_alt_source_flag       sample 
_entity_src_nat.pdbx_beg_seq_num           ? 
_entity_src_nat.pdbx_end_seq_num           ? 
_entity_src_nat.common_name                
;baker's yeast
;
_entity_src_nat.pdbx_organism_scientific   'Saccharomyces cerevisiae' 
_entity_src_nat.pdbx_ncbi_taxonomy_id      4932 
_entity_src_nat.genus                      Saccharomyces 
_entity_src_nat.species                    ? 
_entity_src_nat.strain                     ? 
_entity_src_nat.tissue                     ? 
_entity_src_nat.tissue_fraction            ? 
_entity_src_nat.pdbx_secretion             ? 
_entity_src_nat.pdbx_fragment              ? 
_entity_src_nat.pdbx_variant               ? 
_entity_src_nat.pdbx_cell_line             ? 
_entity_src_nat.pdbx_atcc                  ? 
_entity_src_nat.pdbx_cellular_location     ? 
_entity_src_nat.pdbx_organ                 ? 
_entity_src_nat.pdbx_organelle             ? 
_entity_src_nat.pdbx_cell                  ? 
_entity_src_nat.pdbx_plasmid_name          ? 
_entity_src_nat.pdbx_plasmid_details       ? 
_entity_src_nat.details                    ? 
# 
loop_
_chem_comp.id 
_chem_comp.type 
_chem_comp.mon_nstd_flag 
_chem_comp.name 
_chem_comp.pdbx_synonyms 
_chem_comp.formula 
_chem_comp.formula_weight 
ALA 'L-peptide linking' y ALANINE         ? 'C3 H7 N O2'          89.093  
ARG 'L-peptide linking' y ARGININE        ? 'C6 H15 N4 O2 1'      175.209 
ASN 'L-peptide linking' y ASPARAGINE      ? 'C4 H8 N2 O3'         132.118 
ASP 'L-peptide linking' y 'ASPARTIC ACID' ? 'C4 H7 N O4'          133.103 
COA non-polymer         . 'COENZYME A'    ? 'C21 H36 N7 O16 P3 S' 767.534 
CYS 'L-peptide linking' y CYSTEINE        ? 'C3 H7 N O2 S'        121.158 
GLN 'L-peptide linking' y GLUTAMINE       ? 'C5 H10 N2 O3'        146.144 
GLU 'L-peptide linking' y 'GLUTAMIC ACID' ? 'C5 H9 N O4'          147.129 
GLY 'peptide linking'   y GLYCINE         ? 'C2 H5 N O2'          75.067  
HIS 'L-peptide linking' y HISTIDINE       ? 'C6 H10 N3 O2 1'      156.162 
HOH non-polymer         . WATER           ? 'H2 O'                18.015  
ILE 'L-peptide linking' y ISOLEUCINE      ? 'C6 H13 N O2'         131.173 
LEU 'L-peptide linking' y LEUCINE         ? 'C6 H13 N O2'         131.173 
LYS 'L-peptide linking' y LYSINE          ? 'C6 H15 N2 O2 1'      147.195 
MET 'L-peptide linking' y METHIONINE      ? 'C5 H11 N O2 S'       149.211 
PHE 'L-peptide linking' y PHENYLALANINE   ? 'C9 H11 N O2'         165.189 
PRO 'L-peptide linking' y PROLINE         ? 'C5 H9 N O2'          115.130 
SER 'L-peptide linking' y SERINE          ? 'C3 H7 N O3'          105.093 
THR 'L-peptide linking' y THREONINE       ? 'C4 H9 N O3'          119.119 
TRP 'L-peptide linking' y TRYPTOPHAN      ? 'C11 H12 N2 O2'       204.225 
TYR 'L-peptide linking' y TYROSINE        ? 'C9 H11 N O3'         181.189 
VAL 'L-peptide linking' y VALINE          ? 'C5 H11 N O2'         117.146 
# 
loop_
_pdbx_poly_seq_scheme.asym_id 
_pdbx_poly_seq_scheme.entity_id 
_pdbx_poly_seq_scheme.seq_id 
_pdbx_poly_seq_scheme.mon_id 
_pdbx_poly_seq_scheme.ndb_seq_num 
_pdbx_poly_seq_scheme.pdb_seq_num 
_pdbx_poly_seq_scheme.auth_seq_num 
_pdbx_poly_seq_scheme.pdb_mon_id 
_pdbx_poly_seq_scheme.auth_mon_id 
_pdbx_poly_seq_scheme.pdb_strand_id 
_pdbx_poly_seq_scheme.pdb_ins_code 
_pdbx_poly_seq_scheme.hetero 
A 1 1   LEU 1   49  49  LEU LEU A . n 
A 1 2   ASP 2   50  50  ASP ASP A . n 
A 1 3   PHE 3   51  51  PHE PHE A . n 
A 1 4   ASP 4   52  52  ASP ASP A . n 
A 1 5   ILE 5   53  53  ILE ILE A . n 
A 1 6   LEU 6   54  54  LEU LEU A . n 
A 1 7   THR 7   55  55  THR THR A . n 
A 1 8   ASN 8   56  56  ASN ASN A . n 
A 1 9   ASP 9   57  57  ASP ASP A . n 
A 1 10  GLY 10  58  58  GLY GLY A . n 
A 1 11  THR 11  59  59  THR THR A . n 
A 1 12  HIS 12  60  60  HIS HIS A . n 
A 1 13  ARG 13  61  61  ARG ARG A . n 
A 1 14  ASN 14  62  62  ASN ASN A . n 
A 1 15  MET 15  63  63  MET MET A . n 
A 1 16  LYS 16  64  64  LYS LYS A . n 
A 1 17  LEU 17  65  65  LEU LEU A . n 
A 1 18  LEU 18  66  66  LEU LEU A . n 
A 1 19  ILE 19  67  67  ILE ILE A . n 
A 1 20  ASP 20  68  68  ASP ASP A . n 
A 1 21  LEU 21  69  69  LEU LEU A . n 
A 1 22  LYS 22  70  70  LYS LYS A . n 
A 1 23  ASN 23  71  71  ASN ASN A . n 
A 1 24  ILE 24  72  72  ILE ILE A . n 
A 1 25  PHE 25  73  73  PHE PHE A . n 
A 1 26  SER 26  74  74  SER SER A . n 
A 1 27  ARG 27  75  75  ARG ARG A . n 
A 1 28  GLN 28  76  76  GLN GLN A . n 
A 1 29  LEU 29  77  77  LEU LEU A . n 
A 1 30  PRO 30  78  78  PRO PRO A . n 
A 1 31  LYS 31  79  79  LYS LYS A . n 
A 1 32  MET 32  80  80  MET MET A . n 
A 1 33  PRO 33  81  81  PRO PRO A . n 
A 1 34  LYS 34  82  82  LYS LYS A . n 
A 1 35  GLU 35  83  83  GLU GLU A . n 
A 1 36  TYR 36  84  84  TYR TYR A . n 
A 1 37  ILE 37  85  85  ILE ILE A . n 
A 1 38  VAL 38  86  86  VAL VAL A . n 
A 1 39  LYS 39  87  87  LYS LYS A . n 
A 1 40  LEU 40  88  88  LEU LEU A . n 
A 1 41  VAL 41  89  89  VAL VAL A . n 
A 1 42  PHE 42  90  90  PHE PHE A . n 
A 1 43  ASP 43  91  91  ASP ASP A . n 
A 1 44  ARG 44  92  92  ARG ARG A . n 
A 1 45  HIS 45  93  93  HIS HIS A . n 
A 1 46  HIS 46  94  94  HIS HIS A . n 
A 1 47  GLU 47  95  95  GLU GLU A . n 
A 1 48  SER 48  96  96  SER SER A . n 
A 1 49  MET 49  97  97  MET MET A . n 
A 1 50  VAL 50  98  98  VAL VAL A . n 
A 1 51  ILE 51  99  99  ILE ILE A . n 
A 1 52  LEU 52  100 100 LEU LEU A . n 
A 1 53  LYS 53  101 101 LYS LYS A . n 
A 1 54  ASN 54  102 102 ASN ASN A . n 
A 1 55  LYS 55  103 103 LYS LYS A . n 
A 1 56  GLN 56  104 104 GLN GLN A . n 
A 1 57  LYS 57  105 105 LYS LYS A . n 
A 1 58  VAL 58  106 106 VAL VAL A . n 
A 1 59  ILE 59  107 107 ILE ILE A . n 
A 1 60  GLY 60  108 108 GLY GLY A . n 
A 1 61  GLY 61  109 109 GLY GLY A . n 
A 1 62  ILE 62  110 110 ILE ILE A . n 
A 1 63  CYS 63  111 111 CYS CYS A . n 
A 1 64  PHE 64  112 112 PHE PHE A . n 
A 1 65  ARG 65  113 113 ARG ARG A . n 
A 1 66  GLN 66  114 114 GLN GLN A . n 
A 1 67  TYR 67  115 115 TYR TYR A . n 
A 1 68  LYS 68  116 116 LYS LYS A . n 
A 1 69  PRO 69  117 117 PRO PRO A . n 
A 1 70  GLN 70  118 118 GLN GLN A . n 
A 1 71  ARG 71  119 119 ARG ARG A . n 
A 1 72  PHE 72  120 120 PHE PHE A . n 
A 1 73  ALA 73  121 121 ALA ALA A . n 
A 1 74  GLU 74  122 122 GLU GLU A . n 
A 1 75  VAL 75  123 123 VAL VAL A . n 
A 1 76  ALA 76  124 124 ALA ALA A . n 
A 1 77  PHE 77  125 125 PHE PHE A . n 
A 1 78  LEU 78  126 126 LEU LEU A . n 
A 1 79  ALA 79  127 127 ALA ALA A . n 
A 1 80  VAL 80  128 128 VAL VAL A . n 
A 1 81  THR 81  129 129 THR THR A . n 
A 1 82  ALA 82  130 130 ALA ALA A . n 
A 1 83  ASN 83  131 131 ASN ASN A . n 
A 1 84  GLU 84  132 132 GLU GLU A . n 
A 1 85  GLN 85  133 133 GLN GLN A . n 
A 1 86  VAL 86  134 134 VAL VAL A . n 
A 1 87  ARG 87  135 135 ARG ARG A . n 
A 1 88  GLY 88  136 136 GLY GLY A . n 
A 1 89  TYR 89  137 137 TYR TYR A . n 
A 1 90  GLY 90  138 138 GLY GLY A . n 
A 1 91  THR 91  139 139 THR THR A . n 
A 1 92  ARG 92  140 140 ARG ARG A . n 
A 1 93  LEU 93  141 141 LEU LEU A . n 
A 1 94  MET 94  142 142 MET MET A . n 
A 1 95  ASN 95  143 143 ASN ASN A . n 
A 1 96  LYS 96  144 144 LYS LYS A . n 
A 1 97  PHE 97  145 145 PHE PHE A . n 
A 1 98  LYS 98  146 146 LYS LYS A . n 
A 1 99  ASP 99  147 147 ASP ASP A . n 
A 1 100 HIS 100 148 148 HIS HIS A . n 
A 1 101 MET 101 149 149 MET MET A . n 
A 1 102 GLN 102 150 150 GLN GLN A . n 
A 1 103 LYS 103 151 151 LYS LYS A . n 
A 1 104 GLN 104 152 152 GLN GLN A . n 
A 1 105 ASN 105 153 153 ASN ASN A . n 
A 1 106 ILE 106 154 154 ILE ILE A . n 
A 1 107 GLU 107 155 155 GLU GLU A . n 
A 1 108 TYR 108 156 156 TYR TYR A . n 
A 1 109 LEU 109 157 157 LEU LEU A . n 
A 1 110 LEU 110 158 158 LEU LEU A . n 
A 1 111 THR 111 159 159 THR THR A . n 
A 1 112 TYR 112 160 160 TYR TYR A . n 
A 1 113 ALA 113 161 161 ALA ALA A . n 
A 1 114 ASP 114 162 162 ASP ASP A . n 
A 1 115 ASN 115 163 163 ASN ASN A . n 
A 1 116 PHE 116 164 164 PHE PHE A . n 
A 1 117 ALA 117 165 165 ALA ALA A . n 
A 1 118 ILE 118 166 166 ILE ILE A . n 
A 1 119 GLY 119 167 167 GLY GLY A . n 
A 1 120 TYR 120 168 168 TYR TYR A . n 
A 1 121 PHE 121 169 169 PHE PHE A . n 
A 1 122 LYS 122 170 170 LYS LYS A . n 
A 1 123 LYS 123 171 171 LYS LYS A . n 
A 1 124 GLN 124 172 172 GLN GLN A . n 
A 1 125 GLY 125 173 173 GLY GLY A . n 
A 1 126 PHE 126 174 174 PHE PHE A . n 
A 1 127 THR 127 175 175 THR THR A . n 
A 1 128 LYS 128 176 176 LYS LYS A . n 
A 1 129 GLU 129 177 177 GLU GLU A . n 
A 1 130 HIS 130 178 178 HIS HIS A . n 
A 1 131 ARG 131 179 179 ARG ARG A . n 
A 1 132 MET 132 180 180 MET MET A . n 
A 1 133 PRO 133 181 181 PRO PRO A . n 
A 1 134 GLN 134 182 182 GLN GLN A . n 
A 1 135 GLU 135 183 183 GLU GLU A . n 
A 1 136 LYS 136 184 184 LYS LYS A . n 
A 1 137 TRP 137 185 185 TRP TRP A . n 
A 1 138 LYS 138 186 186 LYS LYS A . n 
A 1 139 GLY 139 187 187 GLY GLY A . n 
A 1 140 TYR 140 188 188 TYR TYR A . n 
A 1 141 ILE 141 189 189 ILE ILE A . n 
A 1 142 LYS 142 190 190 LYS LYS A . n 
A 1 143 ASP 143 191 191 ASP ASP A . n 
A 1 144 TYR 144 192 192 TYR TYR A . n 
A 1 145 ASP 145 193 193 ASP ASP A . n 
A 1 146 GLY 146 194 194 GLY GLY A . n 
A 1 147 GLY 147 195 195 GLY GLY A . n 
A 1 148 THR 148 196 196 THR THR A . n 
A 1 149 LEU 149 197 197 LEU LEU A . n 
A 1 150 MET 150 198 198 MET MET A . n 
A 1 151 GLU 151 199 199 GLU GLU A . n 
A 1 152 CYS 152 200 200 CYS CYS A . n 
A 1 153 TYR 153 201 201 TYR TYR A . n 
A 1 154 ILE 154 202 202 ILE ILE A . n 
A 1 155 HIS 155 203 203 HIS HIS A . n 
A 1 156 PRO 156 204 204 PRO PRO A . n 
A 1 157 TYR 157 205 205 TYR TYR A . n 
A 1 158 VAL 158 206 206 VAL VAL A . n 
A 1 159 ASP 159 207 207 ASP ASP A . n 
A 1 160 TYR 160 208 208 TYR TYR A . n 
A 1 161 GLY 161 209 209 GLY GLY A . n 
A 1 162 ARG 162 210 210 ARG ARG A . n 
B 2 1   LYS 1   309 309 LYS ALA B . n 
B 2 2   SER 2   310 310 SER ALA B . n 
B 2 3   THR 3   311 311 THR GLY B . n 
B 2 4   GLY 4   312 312 GLY GLY B . n 
B 2 5   GLY 5   313 313 GLY GLY B . n 
B 2 6   LYS 6   314 314 LYS LYS B . n 
B 2 7   ALA 7   315 315 ALA ALA B . n 
B 2 8   PRO 8   316 316 PRO PRO B . n 
B 2 9   ARG 9   317 317 ARG ARG B . n 
B 2 10  LYS 10  318 318 LYS LYS B . n 
B 2 11  GLN 11  319 319 GLN GLN B . n 
# 
loop_
_pdbx_nonpoly_scheme.asym_id 
_pdbx_nonpoly_scheme.entity_id 
_pdbx_nonpoly_scheme.mon_id 
_pdbx_nonpoly_scheme.ndb_seq_num 
_pdbx_nonpoly_scheme.pdb_seq_num 
_pdbx_nonpoly_scheme.auth_seq_num 
_pdbx_nonpoly_scheme.pdb_mon_id 
_pdbx_nonpoly_scheme.auth_mon_id 
_pdbx_nonpoly_scheme.pdb_strand_id 
_pdbx_nonpoly_scheme.pdb_ins_code 
C 3 COA 1   401 401 COA COA A . 
D 4 HOH 1   501 501 HOH HOH A . 
D 4 HOH 2   502 502 HOH HOH A . 
D 4 HOH 3   503 503 HOH HOH A . 
D 4 HOH 4   504 504 HOH HOH A . 
D 4 HOH 5   505 505 HOH HOH A . 
D 4 HOH 6   506 506 HOH HOH A . 
D 4 HOH 7   507 507 HOH HOH A . 
D 4 HOH 8   508 508 HOH HOH A . 
D 4 HOH 9   509 509 HOH HOH A . 
D 4 HOH 10  510 510 HOH HOH A . 
D 4 HOH 11  511 511 HOH HOH A . 
D 4 HOH 12  512 512 HOH HOH A . 
D 4 HOH 13  513 513 HOH HOH A . 
D 4 HOH 14  514 514 HOH HOH A . 
D 4 HOH 15  515 515 HOH HOH A . 
D 4 HOH 16  516 516 HOH HOH A . 
D 4 HOH 17  517 517 HOH HOH A . 
D 4 HOH 18  518 518 HOH HOH A . 
D 4 HOH 19  519 519 HOH HOH A . 
D 4 HOH 20  520 520 HOH HOH A . 
D 4 HOH 21  521 521 HOH HOH A . 
D 4 HOH 22  522 522 HOH HOH A . 
D 4 HOH 23  523 523 HOH HOH A . 
D 4 HOH 24  524 524 HOH HOH A . 
D 4 HOH 25  525 525 HOH HOH A . 
D 4 HOH 26  526 526 HOH HOH A . 
D 4 HOH 27  527 527 HOH HOH A . 
D 4 HOH 28  528 528 HOH HOH A . 
D 4 HOH 29  529 529 HOH HOH A . 
D 4 HOH 30  530 530 HOH HOH A . 
D 4 HOH 31  531 531 HOH HOH A . 
D 4 HOH 32  532 532 HOH HOH A . 
D 4 HOH 33  533 533 HOH HOH A . 
D 4 HOH 34  534 534 HOH HOH A . 
D 4 HOH 35  535 535 HOH HOH A . 
D 4 HOH 36  536 536 HOH HOH A . 
D 4 HOH 37  537 537 HOH HOH A . 
D 4 HOH 38  538 538 HOH HOH A . 
D 4 HOH 39  539 539 HOH HOH A . 
D 4 HOH 40  540 540 HOH HOH A . 
D 4 HOH 41  541 541 HOH HOH A . 
D 4 HOH 42  542 542 HOH HOH A . 
D 4 HOH 43  543 543 HOH HOH A . 
D 4 HOH 44  544 544 HOH HOH A . 
D 4 HOH 45  545 545 HOH HOH A . 
D 4 HOH 46  546 546 HOH HOH A . 
D 4 HOH 47  547 547 HOH HOH A . 
D 4 HOH 48  548 548 HOH HOH A . 
D 4 HOH 49  549 549 HOH HOH A . 
D 4 HOH 50  550 550 HOH HOH A . 
D 4 HOH 51  551 551 HOH HOH A . 
D 4 HOH 52  552 552 HOH HOH A . 
D 4 HOH 53  553 553 HOH HOH A . 
D 4 HOH 54  554 554 HOH HOH A . 
D 4 HOH 55  555 555 HOH HOH A . 
D 4 HOH 56  556 556 HOH HOH A . 
D 4 HOH 57  557 557 HOH HOH A . 
D 4 HOH 58  558 558 HOH HOH A . 
D 4 HOH 59  559 559 HOH HOH A . 
D 4 HOH 60  560 560 HOH HOH A . 
D 4 HOH 61  561 561 HOH HOH A . 
D 4 HOH 62  562 562 HOH HOH A . 
D 4 HOH 63  563 563 HOH HOH A . 
D 4 HOH 64  564 564 HOH HOH A . 
D 4 HOH 65  565 565 HOH HOH A . 
D 4 HOH 66  566 566 HOH HOH A . 
D 4 HOH 67  567 567 HOH HOH A . 
D 4 HOH 68  568 568 HOH HOH A . 
D 4 HOH 69  569 569 HOH HOH A . 
D 4 HOH 70  570 570 HOH HOH A . 
D 4 HOH 71  571 571 HOH HOH A . 
D 4 HOH 72  572 572 HOH HOH A . 
D 4 HOH 73  573 573 HOH HOH A . 
D 4 HOH 74  574 574 HOH HOH A . 
D 4 HOH 75  575 575 HOH HOH A . 
D 4 HOH 76  576 576 HOH HOH A . 
D 4 HOH 77  577 577 HOH HOH A . 
D 4 HOH 78  578 578 HOH HOH A . 
D 4 HOH 79  579 579 HOH HOH A . 
D 4 HOH 80  580 580 HOH HOH A . 
D 4 HOH 81  581 581 HOH HOH A . 
D 4 HOH 82  582 582 HOH HOH A . 
D 4 HOH 83  583 583 HOH HOH A . 
D 4 HOH 84  584 584 HOH HOH A . 
D 4 HOH 85  586 586 HOH HOH A . 
D 4 HOH 86  587 587 HOH HOH A . 
D 4 HOH 87  588 588 HOH HOH A . 
D 4 HOH 88  589 589 HOH HOH A . 
D 4 HOH 89  590 590 HOH HOH A . 
D 4 HOH 90  591 591 HOH HOH A . 
D 4 HOH 91  592 592 HOH HOH A . 
D 4 HOH 92  593 593 HOH HOH A . 
D 4 HOH 93  594 594 HOH HOH A . 
D 4 HOH 94  595 595 HOH HOH A . 
D 4 HOH 95  596 596 HOH HOH A . 
D 4 HOH 96  597 597 HOH HOH A . 
D 4 HOH 97  598 598 HOH HOH A . 
D 4 HOH 98  599 599 HOH HOH A . 
D 4 HOH 99  600 600 HOH HOH A . 
D 4 HOH 100 601 601 HOH HOH A . 
D 4 HOH 101 602 602 HOH HOH A . 
D 4 HOH 102 603 603 HOH HOH A . 
D 4 HOH 103 604 604 HOH HOH A . 
D 4 HOH 104 605 605 HOH HOH A . 
D 4 HOH 105 606 606 HOH HOH A . 
D 4 HOH 106 607 607 HOH HOH A . 
D 4 HOH 107 608 608 HOH HOH A . 
D 4 HOH 108 611 611 HOH HOH A . 
D 4 HOH 109 614 614 HOH HOH A . 
D 4 HOH 110 618 618 HOH HOH A . 
D 4 HOH 111 619 619 HOH HOH A . 
D 4 HOH 112 620 620 HOH HOH A . 
D 4 HOH 113 621 621 HOH HOH A . 
D 4 HOH 114 622 622 HOH HOH A . 
D 4 HOH 115 624 624 HOH HOH A . 
D 4 HOH 116 625 625 HOH HOH A . 
D 4 HOH 117 626 626 HOH HOH A . 
E 4 HOH 1   585 585 HOH HOH B . 
E 4 HOH 2   609 609 HOH HOH B . 
E 4 HOH 3   612 612 HOH HOH B . 
E 4 HOH 4   615 615 HOH HOH B . 
E 4 HOH 5   616 616 HOH HOH B . 
# 
loop_
_pdbx_unobs_or_zero_occ_atoms.id 
_pdbx_unobs_or_zero_occ_atoms.PDB_model_num 
_pdbx_unobs_or_zero_occ_atoms.polymer_flag 
_pdbx_unobs_or_zero_occ_atoms.occupancy_flag 
_pdbx_unobs_or_zero_occ_atoms.auth_asym_id 
_pdbx_unobs_or_zero_occ_atoms.auth_comp_id 
_pdbx_unobs_or_zero_occ_atoms.auth_seq_id 
_pdbx_unobs_or_zero_occ_atoms.PDB_ins_code 
_pdbx_unobs_or_zero_occ_atoms.auth_atom_id 
_pdbx_unobs_or_zero_occ_atoms.label_alt_id 
_pdbx_unobs_or_zero_occ_atoms.label_asym_id 
_pdbx_unobs_or_zero_occ_atoms.label_comp_id 
_pdbx_unobs_or_zero_occ_atoms.label_seq_id 
_pdbx_unobs_or_zero_occ_atoms.label_atom_id 
1 1 Y 1 B LYS 309 ? CG  ? B LYS 1 CG  
2 1 Y 1 B LYS 309 ? CD  ? B LYS 1 CD  
3 1 Y 1 B LYS 309 ? CE  ? B LYS 1 CE  
4 1 Y 1 B LYS 309 ? NZ  ? B LYS 1 NZ  
5 1 Y 1 B SER 310 ? OG  ? B SER 2 OG  
6 1 Y 1 B THR 311 ? CB  ? B THR 3 CB  
7 1 Y 1 B THR 311 ? OG1 ? B THR 3 OG1 
8 1 Y 1 B THR 311 ? CG2 ? B THR 3 CG2 
# 
loop_
_software.name 
_software.classification 
_software.version 
_software.citation_id 
_software.pdbx_ordinal 
AMoRE     phasing          . ? 1 
CNS       refinement       . ? 2 
DENZO     'data reduction' . ? 3 
SCALEPACK 'data scaling'   . ? 4 
# 
_cell.entry_id           1QSN 
_cell.length_a           65.090 
_cell.length_b           65.090 
_cell.length_c           96.630 
_cell.angle_alpha        90.00 
_cell.angle_beta         90.00 
_cell.angle_gamma        120.00 
_cell.Z_PDB              6 
_cell.pdbx_unique_axis   ? 
_cell.length_a_esd       ? 
_cell.length_b_esd       ? 
_cell.length_c_esd       ? 
_cell.angle_alpha_esd    ? 
_cell.angle_beta_esd     ? 
_cell.angle_gamma_esd    ? 
# 
_symmetry.entry_id                         1QSN 
_symmetry.space_group_name_H-M             'P 32 2 1' 
_symmetry.pdbx_full_space_group_name_H-M   ? 
_symmetry.cell_setting                     ? 
_symmetry.Int_Tables_number                154 
_symmetry.space_group_name_Hall            ? 
# 
_exptl.entry_id          1QSN 
_exptl.method            'X-RAY DIFFRACTION' 
_exptl.crystals_number   1 
# 
_exptl_crystal.id                    1 
_exptl_crystal.density_meas          ? 
_exptl_crystal.density_Matthews      2.88 
_exptl_crystal.density_percent_sol   57.30 
_exptl_crystal.description           ? 
_exptl_crystal.F_000                 ? 
_exptl_crystal.preparation           ? 
# 
_exptl_crystal_grow.crystal_id      1 
_exptl_crystal_grow.method          'VAPOR DIFFUSION, HANGING DROP' 
_exptl_crystal_grow.temp            298.00 
_exptl_crystal_grow.temp_details    ? 
_exptl_crystal_grow.pH              7.50 
_exptl_crystal_grow.pdbx_details    
'TRIS, AMMONIUM SULFATE, MANGANESE CHLORIDE, pH 7.50, VAPOR DIFFUSION, HANGING DROP, temperature 298.00K' 
_exptl_crystal_grow.pdbx_pH_range   . 
# 
_diffrn.id                     1 
_diffrn.ambient_temp           ? 
_diffrn.ambient_temp_details   ? 
_diffrn.crystal_id             1 
# 
_diffrn_detector.diffrn_id              1 
_diffrn_detector.detector               CCD 
_diffrn_detector.type                   CUSTOM-MADE 
_diffrn_detector.pdbx_collection_date   1998-09-11 
_diffrn_detector.details                ? 
# 
_diffrn_radiation.diffrn_id                        1 
_diffrn_radiation.wavelength_id                    1 
_diffrn_radiation.pdbx_monochromatic_or_laue_m_l   M 
_diffrn_radiation.monochromator                    ? 
_diffrn_radiation.pdbx_diffrn_protocol             'SINGLE WAVELENGTH' 
_diffrn_radiation.pdbx_scattering_type             x-ray 
# 
_diffrn_radiation_wavelength.id           1 
_diffrn_radiation_wavelength.wavelength   0.917 
_diffrn_radiation_wavelength.wt           1.0 
# 
_diffrn_source.diffrn_id                   1 
_diffrn_source.source                      SYNCHROTRON 
_diffrn_source.type                        'CHESS BEAMLINE A1' 
_diffrn_source.pdbx_synchrotron_site       CHESS 
_diffrn_source.pdbx_synchrotron_beamline   A1 
_diffrn_source.pdbx_wavelength             0.917 
_diffrn_source.pdbx_wavelength_list        ? 
# 
_reflns.entry_id                     1QSN 
_reflns.observed_criterion_sigma_I   -3.000 
_reflns.observed_criterion_sigma_F   ? 
_reflns.d_resolution_low             30.000 
_reflns.d_resolution_high            2.000 
_reflns.number_obs                   12960 
_reflns.number_all                   13391 
_reflns.percent_possible_obs         96.900 
_reflns.pdbx_Rmerge_I_obs            0.0470000 
_reflns.pdbx_Rsym_value              ? 
_reflns.pdbx_netI_over_sigmaI        33.3000 
_reflns.B_iso_Wilson_estimate        29.80 
_reflns.pdbx_redundancy              15.10 
_reflns.R_free_details               ? 
_reflns.limit_h_max                  ? 
_reflns.limit_h_min                  ? 
_reflns.limit_k_max                  ? 
_reflns.limit_k_min                  ? 
_reflns.limit_l_max                  ? 
_reflns.limit_l_min                  ? 
_reflns.observed_criterion_F_max     ? 
_reflns.observed_criterion_F_min     ? 
_reflns.pdbx_chi_squared             ? 
_reflns.pdbx_scaling_rejects         ? 
_reflns.pdbx_diffrn_id               1 
_reflns.pdbx_ordinal                 1 
# 
_reflns_shell.d_res_high             2.150 
_reflns_shell.d_res_low              2.210 
_reflns_shell.percent_possible_all   77.90 
_reflns_shell.Rmerge_I_obs           0.0660000 
_reflns_shell.pdbx_Rsym_value        ? 
_reflns_shell.meanI_over_sigI_obs    ? 
_reflns_shell.pdbx_redundancy        5.700 
_reflns_shell.percent_possible_obs   ? 
_reflns_shell.number_unique_all      ? 
_reflns_shell.number_measured_all    ? 
_reflns_shell.number_measured_obs    ? 
_reflns_shell.number_unique_obs      ? 
_reflns_shell.pdbx_chi_squared       ? 
_reflns_shell.pdbx_diffrn_id         ? 
_reflns_shell.pdbx_ordinal           1 
# 
_refine.entry_id                                 1QSN 
_refine.ls_number_reflns_obs                     12960 
_refine.ls_number_reflns_all                     13064 
_refine.pdbx_ls_sigma_I                          ? 
_refine.pdbx_ls_sigma_F                          2.000 
_refine.pdbx_data_cutoff_high_absF               ? 
_refine.pdbx_data_cutoff_low_absF                ? 
_refine.pdbx_data_cutoff_high_rms_absF           ? 
_refine.ls_d_res_low                             30.0 
_refine.ls_d_res_high                            2.20 
_refine.ls_percent_reflns_obs                    96.4 
_refine.ls_R_factor_obs                          0.239 
_refine.ls_R_factor_all                          ? 
_refine.ls_R_factor_R_work                       0.239 
_refine.ls_R_factor_R_free                       0.266 
_refine.ls_R_factor_R_free_error                 ? 
_refine.ls_R_factor_R_free_error_details         ? 
_refine.ls_percent_reflns_R_free                 ? 
_refine.ls_number_reflns_R_free                  1300 
_refine.ls_number_parameters                     ? 
_refine.ls_number_restraints                     ? 
_refine.occupancy_min                            ? 
_refine.occupancy_max                            ? 
_refine.correlation_coeff_Fo_to_Fc               ? 
_refine.correlation_coeff_Fo_to_Fc_free          ? 
_refine.B_iso_mean                               ? 
_refine.aniso_B[1][1]                            ? 
_refine.aniso_B[2][2]                            ? 
_refine.aniso_B[3][3]                            ? 
_refine.aniso_B[1][2]                            ? 
_refine.aniso_B[1][3]                            ? 
_refine.aniso_B[2][3]                            ? 
_refine.solvent_model_details                    ? 
_refine.solvent_model_param_ksol                 ? 
_refine.solvent_model_param_bsol                 ? 
_refine.pdbx_solvent_vdw_probe_radii             ? 
_refine.pdbx_solvent_ion_probe_radii             ? 
_refine.pdbx_solvent_shrinkage_radii             ? 
_refine.pdbx_ls_cross_valid_method               ? 
_refine.details                                  'USED MAXIMUM LIKELIHOOD ALGORITHM' 
_refine.pdbx_starting_model                      ? 
_refine.pdbx_method_to_determine_struct          ? 
_refine.pdbx_isotropic_thermal_model             ? 
_refine.pdbx_stereochemistry_target_values       'ENGH & HUBER' 
_refine.pdbx_stereochem_target_val_spec_case     ? 
_refine.pdbx_R_Free_selection_details            RANDOM 
_refine.pdbx_overall_ESU_R                       ? 
_refine.pdbx_overall_ESU_R_Free                  ? 
_refine.overall_SU_ML                            ? 
_refine.overall_SU_B                             ? 
_refine.ls_redundancy_reflns_obs                 ? 
_refine.pdbx_overall_phase_error                 ? 
_refine.B_iso_min                                ? 
_refine.B_iso_max                                ? 
_refine.overall_SU_R_Cruickshank_DPI             ? 
_refine.overall_SU_R_free                        ? 
_refine.ls_wR_factor_R_free                      ? 
_refine.ls_wR_factor_R_work                      ? 
_refine.overall_FOM_free_R_set                   ? 
_refine.overall_FOM_work_R_set                   ? 
_refine.pdbx_refine_id                           'X-RAY DIFFRACTION' 
_refine.pdbx_diffrn_id                           1 
_refine.pdbx_TLS_residual_ADP_flag               ? 
_refine.pdbx_overall_SU_R_free_Cruickshank_DPI   ? 
_refine.pdbx_overall_SU_R_Blow_DPI               ? 
_refine.pdbx_overall_SU_R_free_Blow_DPI          ? 
# 
_refine_hist.pdbx_refine_id                   'X-RAY DIFFRACTION' 
_refine_hist.cycle_id                         LAST 
_refine_hist.pdbx_number_atoms_protein        1432 
_refine_hist.pdbx_number_atoms_nucleic_acid   0 
_refine_hist.pdbx_number_atoms_ligand         48 
_refine_hist.number_atoms_solvent             122 
_refine_hist.number_atoms_total               1602 
_refine_hist.d_res_high                       2.20 
_refine_hist.d_res_low                        30.0 
# 
loop_
_refine_ls_restr.type 
_refine_ls_restr.dev_ideal 
_refine_ls_restr.dev_ideal_target 
_refine_ls_restr.weight 
_refine_ls_restr.number 
_refine_ls_restr.pdbx_refine_id 
_refine_ls_restr.pdbx_restraint_function 
c_bond_d                0.009 ? ? ? 'X-RAY DIFFRACTION' ? 
c_bond_d_na             ?     ? ? ? 'X-RAY DIFFRACTION' ? 
c_bond_d_prot           ?     ? ? ? 'X-RAY DIFFRACTION' ? 
c_angle_d               ?     ? ? ? 'X-RAY DIFFRACTION' ? 
c_angle_d_na            ?     ? ? ? 'X-RAY DIFFRACTION' ? 
c_angle_d_prot          ?     ? ? ? 'X-RAY DIFFRACTION' ? 
c_angle_deg             1.34  ? ? ? 'X-RAY DIFFRACTION' ? 
c_angle_deg_na          ?     ? ? ? 'X-RAY DIFFRACTION' ? 
c_angle_deg_prot        ?     ? ? ? 'X-RAY DIFFRACTION' ? 
c_dihedral_angle_d      ?     ? ? ? 'X-RAY DIFFRACTION' ? 
c_dihedral_angle_d_na   ?     ? ? ? 'X-RAY DIFFRACTION' ? 
c_dihedral_angle_d_prot ?     ? ? ? 'X-RAY DIFFRACTION' ? 
c_improper_angle_d      ?     ? ? ? 'X-RAY DIFFRACTION' ? 
c_improper_angle_d_na   ?     ? ? ? 'X-RAY DIFFRACTION' ? 
c_improper_angle_d_prot ?     ? ? ? 'X-RAY DIFFRACTION' ? 
c_mcbond_it             ?     ? ? ? 'X-RAY DIFFRACTION' ? 
c_mcangle_it            ?     ? ? ? 'X-RAY DIFFRACTION' ? 
c_scbond_it             ?     ? ? ? 'X-RAY DIFFRACTION' ? 
c_scangle_it            ?     ? ? ? 'X-RAY DIFFRACTION' ? 
# 
_struct.entry_id                  1QSN 
_struct.title                     'CRYSTAL STRUCTURE OF TETRAHYMENA GCN5 WITH BOUND COENZYME A AND HISTONE H3 PEPTIDE' 
_struct.pdbx_model_details        ? 
_struct.pdbx_CASP_flag            ? 
_struct.pdbx_model_type_details   ? 
# 
_struct_keywords.entry_id        1QSN 
_struct_keywords.pdbx_keywords   TRANSFERASE 
_struct_keywords.text            
'HISTONE ACETYLTRANSFERASE, GCN5-RELATED N-ACETYLTRANSFERASE, COA-BINDING PROTEIN, TERNARY COMPLEX, TRANSFERASE' 
# 
loop_
_struct_asym.id 
_struct_asym.pdbx_blank_PDB_chainid_flag 
_struct_asym.pdbx_modified 
_struct_asym.entity_id 
_struct_asym.details 
A N N 1 ? 
B N N 2 ? 
C N N 3 ? 
D N N 4 ? 
E N N 4 ? 
# 
loop_
_struct_ref.id 
_struct_ref.db_name 
_struct_ref.db_code 
_struct_ref.entity_id 
_struct_ref.pdbx_db_accession 
_struct_ref.pdbx_align_begin 
_struct_ref.pdbx_seq_one_letter_code 
_struct_ref.pdbx_db_isoform 
1 UNP Q27198_TETTH 1 Q27198 ? ? ? 
2 UNP H3_YEAST     2 P61830 ? ? ? 
# 
loop_
_struct_ref_seq.align_id 
_struct_ref_seq.ref_id 
_struct_ref_seq.pdbx_PDB_id_code 
_struct_ref_seq.pdbx_strand_id 
_struct_ref_seq.seq_align_beg 
_struct_ref_seq.pdbx_seq_align_beg_ins_code 
_struct_ref_seq.seq_align_end 
_struct_ref_seq.pdbx_seq_align_end_ins_code 
_struct_ref_seq.pdbx_db_accession 
_struct_ref_seq.db_align_beg 
_struct_ref_seq.pdbx_db_align_beg_ins_code 
_struct_ref_seq.db_align_end 
_struct_ref_seq.pdbx_db_align_end_ins_code 
_struct_ref_seq.pdbx_auth_seq_align_beg 
_struct_ref_seq.pdbx_auth_seq_align_end 
1 1 1QSN A 1 ? 161 ? Q27198 49 ? 209 ? 49  209 
2 2 1QSN B 1 ? 11  ? P61830 10 ? 20  ? 309 319 
# 
_struct_ref_seq_dif.align_id                     1 
_struct_ref_seq_dif.pdbx_pdb_id_code             1QSN 
_struct_ref_seq_dif.mon_id                       PHE 
_struct_ref_seq_dif.pdbx_pdb_strand_id           A 
_struct_ref_seq_dif.seq_num                      42 
_struct_ref_seq_dif.pdbx_pdb_ins_code            ? 
_struct_ref_seq_dif.pdbx_seq_db_name             UNP 
_struct_ref_seq_dif.pdbx_seq_db_accession_code   Q27198 
_struct_ref_seq_dif.db_mon_id                    LEU 
_struct_ref_seq_dif.pdbx_seq_db_seq_num          90 
_struct_ref_seq_dif.details                      conflict 
_struct_ref_seq_dif.pdbx_auth_seq_num            90 
_struct_ref_seq_dif.pdbx_ordinal                 1 
# 
_pdbx_struct_assembly.id                   1 
_pdbx_struct_assembly.details              author_and_software_defined_assembly 
_pdbx_struct_assembly.method_details       PISA 
_pdbx_struct_assembly.oligomeric_details   dimeric 
_pdbx_struct_assembly.oligomeric_count     2 
# 
loop_
_pdbx_struct_assembly_prop.biol_id 
_pdbx_struct_assembly_prop.type 
_pdbx_struct_assembly_prop.value 
_pdbx_struct_assembly_prop.details 
1 'ABSA (A^2)' 2600 ? 
1 MORE         -5   ? 
1 'SSA (A^2)'  9230 ? 
# 
_pdbx_struct_assembly_gen.assembly_id       1 
_pdbx_struct_assembly_gen.oper_expression   1 
_pdbx_struct_assembly_gen.asym_id_list      A,B,C,D,E 
# 
_pdbx_struct_oper_list.id                   1 
_pdbx_struct_oper_list.type                 'identity operation' 
_pdbx_struct_oper_list.name                 1_555 
_pdbx_struct_oper_list.symmetry_operation   x,y,z 
_pdbx_struct_oper_list.matrix[1][1]         1.0000000000 
_pdbx_struct_oper_list.matrix[1][2]         0.0000000000 
_pdbx_struct_oper_list.matrix[1][3]         0.0000000000 
_pdbx_struct_oper_list.vector[1]            0.0000000000 
_pdbx_struct_oper_list.matrix[2][1]         0.0000000000 
_pdbx_struct_oper_list.matrix[2][2]         1.0000000000 
_pdbx_struct_oper_list.matrix[2][3]         0.0000000000 
_pdbx_struct_oper_list.vector[2]            0.0000000000 
_pdbx_struct_oper_list.matrix[3][1]         0.0000000000 
_pdbx_struct_oper_list.matrix[3][2]         0.0000000000 
_pdbx_struct_oper_list.matrix[3][3]         1.0000000000 
_pdbx_struct_oper_list.vector[3]            0.0000000000 
# 
_struct_biol.id        1 
_struct_biol.details   ? 
# 
loop_
_struct_conf.conf_type_id 
_struct_conf.id 
_struct_conf.pdbx_PDB_helix_id 
_struct_conf.beg_label_comp_id 
_struct_conf.beg_label_asym_id 
_struct_conf.beg_label_seq_id 
_struct_conf.pdbx_beg_PDB_ins_code 
_struct_conf.end_label_comp_id 
_struct_conf.end_label_asym_id 
_struct_conf.end_label_seq_id 
_struct_conf.pdbx_end_PDB_ins_code 
_struct_conf.beg_auth_comp_id 
_struct_conf.beg_auth_asym_id 
_struct_conf.beg_auth_seq_id 
_struct_conf.end_auth_comp_id 
_struct_conf.end_auth_asym_id 
_struct_conf.end_auth_seq_id 
_struct_conf.pdbx_PDB_helix_class 
_struct_conf.details 
_struct_conf.pdbx_PDB_helix_length 
HELX_P HELX_P1 1 THR A 11  ? LEU A 29  ? THR A 59  LEU A 77  1 ? 19 
HELX_P HELX_P2 2 PRO A 33  ? PHE A 42  ? PRO A 81  PHE A 90  1 ? 10 
HELX_P HELX_P3 3 ALA A 82  ? GLN A 85  ? ALA A 130 GLN A 133 5 ? 4  
HELX_P HELX_P4 4 GLY A 88  ? GLN A 104 ? GLY A 136 GLN A 152 1 ? 17 
HELX_P HELX_P5 5 ASN A 115 ? GLN A 124 ? ASN A 163 GLN A 172 1 ? 10 
HELX_P HELX_P6 6 PRO A 133 ? LYS A 138 ? PRO A 181 LYS A 186 1 ? 6  
# 
_struct_conf_type.id          HELX_P 
_struct_conf_type.criteria    ? 
_struct_conf_type.reference   ? 
# 
_struct_sheet.id               A 
_struct_sheet.type             ? 
_struct_sheet.number_strands   6 
_struct_sheet.details          ? 
# 
loop_
_struct_sheet_order.sheet_id 
_struct_sheet_order.range_id_1 
_struct_sheet_order.range_id_2 
_struct_sheet_order.offset 
_struct_sheet_order.sense 
A 1 2 ? anti-parallel 
A 2 3 ? anti-parallel 
A 3 4 ? anti-parallel 
A 4 5 ? parallel      
A 5 6 ? anti-parallel 
# 
loop_
_struct_sheet_range.sheet_id 
_struct_sheet_range.id 
_struct_sheet_range.beg_label_comp_id 
_struct_sheet_range.beg_label_asym_id 
_struct_sheet_range.beg_label_seq_id 
_struct_sheet_range.pdbx_beg_PDB_ins_code 
_struct_sheet_range.end_label_comp_id 
_struct_sheet_range.end_label_asym_id 
_struct_sheet_range.end_label_seq_id 
_struct_sheet_range.pdbx_end_PDB_ins_code 
_struct_sheet_range.beg_auth_comp_id 
_struct_sheet_range.beg_auth_asym_id 
_struct_sheet_range.beg_auth_seq_id 
_struct_sheet_range.end_auth_comp_id 
_struct_sheet_range.end_auth_asym_id 
_struct_sheet_range.end_auth_seq_id 
A 1 ASP A 2   ? LEU A 6   ? ASP A 50  LEU A 54  
A 2 HIS A 46  ? LYS A 53  ? HIS A 94  LYS A 101 
A 3 LYS A 57  ? TYR A 67  ? LYS A 105 TYR A 115 
A 4 PHE A 72  ? VAL A 80  ? PHE A 120 VAL A 128 
A 5 TYR A 108 ? ALA A 113 ? TYR A 156 ALA A 161 
A 6 THR A 148 ? TYR A 153 ? THR A 196 TYR A 201 
# 
loop_
_pdbx_struct_sheet_hbond.sheet_id 
_pdbx_struct_sheet_hbond.range_id_1 
_pdbx_struct_sheet_hbond.range_id_2 
_pdbx_struct_sheet_hbond.range_1_label_atom_id 
_pdbx_struct_sheet_hbond.range_1_label_comp_id 
_pdbx_struct_sheet_hbond.range_1_label_asym_id 
_pdbx_struct_sheet_hbond.range_1_label_seq_id 
_pdbx_struct_sheet_hbond.range_1_PDB_ins_code 
_pdbx_struct_sheet_hbond.range_1_auth_atom_id 
_pdbx_struct_sheet_hbond.range_1_auth_comp_id 
_pdbx_struct_sheet_hbond.range_1_auth_asym_id 
_pdbx_struct_sheet_hbond.range_1_auth_seq_id 
_pdbx_struct_sheet_hbond.range_2_label_atom_id 
_pdbx_struct_sheet_hbond.range_2_label_comp_id 
_pdbx_struct_sheet_hbond.range_2_label_asym_id 
_pdbx_struct_sheet_hbond.range_2_label_seq_id 
_pdbx_struct_sheet_hbond.range_2_PDB_ins_code 
_pdbx_struct_sheet_hbond.range_2_auth_atom_id 
_pdbx_struct_sheet_hbond.range_2_auth_comp_id 
_pdbx_struct_sheet_hbond.range_2_auth_asym_id 
_pdbx_struct_sheet_hbond.range_2_auth_seq_id 
A 1 2 N LEU A 6   ? N LEU A 54  O SER A 48  ? O SER A 96  
A 2 3 N LYS A 53  ? N LYS A 101 O LYS A 57  ? O LYS A 105 
A 3 4 N TYR A 67  ? N TYR A 115 O PHE A 72  ? O PHE A 120 
A 4 5 N ALA A 73  ? N ALA A 121 O TYR A 108 ? O TYR A 156 
A 5 6 O ALA A 113 ? O ALA A 161 N THR A 148 ? N THR A 196 
# 
_struct_site.id                   AC1 
_struct_site.pdbx_evidence_code   Software 
_struct_site.pdbx_auth_asym_id    A 
_struct_site.pdbx_auth_comp_id    COA 
_struct_site.pdbx_auth_seq_id     401 
_struct_site.pdbx_auth_ins_code   ? 
_struct_site.pdbx_num_residues    16 
_struct_site.details              'BINDING SITE FOR RESIDUE COA A 401' 
# 
loop_
_struct_site_gen.id 
_struct_site_gen.site_id 
_struct_site_gen.pdbx_num_res 
_struct_site_gen.label_comp_id 
_struct_site_gen.label_asym_id 
_struct_site_gen.label_seq_id 
_struct_site_gen.pdbx_auth_ins_code 
_struct_site_gen.auth_comp_id 
_struct_site_gen.auth_asym_id 
_struct_site_gen.auth_seq_id 
_struct_site_gen.label_atom_id 
_struct_site_gen.label_alt_id 
_struct_site_gen.symmetry 
_struct_site_gen.details 
1  AC1 16 LEU A 29  ? LEU A 77  . ? 1_555 ? 
2  AC1 16 LEU A 78  ? LEU A 126 . ? 1_555 ? 
3  AC1 16 ALA A 79  ? ALA A 127 . ? 1_555 ? 
4  AC1 16 VAL A 80  ? VAL A 128 . ? 1_555 ? 
5  AC1 16 GLN A 85  ? GLN A 133 . ? 1_555 ? 
6  AC1 16 VAL A 86  ? VAL A 134 . ? 1_555 ? 
7  AC1 16 ARG A 87  ? ARG A 135 . ? 1_555 ? 
8  AC1 16 GLY A 88  ? GLY A 136 . ? 1_555 ? 
9  AC1 16 GLY A 90  ? GLY A 138 . ? 1_555 ? 
10 AC1 16 THR A 91  ? THR A 139 . ? 1_555 ? 
11 AC1 16 PHE A 116 ? PHE A 164 . ? 1_555 ? 
12 AC1 16 TYR A 120 ? TYR A 168 . ? 1_555 ? 
13 AC1 16 HOH D .   ? HOH A 584 . ? 1_555 ? 
14 AC1 16 LYS B 6   ? LYS B 314 . ? 1_555 ? 
15 AC1 16 PRO B 8   ? PRO B 316 . ? 1_555 ? 
16 AC1 16 GLN B 11  ? GLN B 319 . ? 1_555 ? 
# 
loop_
_pdbx_validate_symm_contact.id 
_pdbx_validate_symm_contact.PDB_model_num 
_pdbx_validate_symm_contact.auth_atom_id_1 
_pdbx_validate_symm_contact.auth_asym_id_1 
_pdbx_validate_symm_contact.auth_comp_id_1 
_pdbx_validate_symm_contact.auth_seq_id_1 
_pdbx_validate_symm_contact.PDB_ins_code_1 
_pdbx_validate_symm_contact.label_alt_id_1 
_pdbx_validate_symm_contact.site_symmetry_1 
_pdbx_validate_symm_contact.auth_atom_id_2 
_pdbx_validate_symm_contact.auth_asym_id_2 
_pdbx_validate_symm_contact.auth_comp_id_2 
_pdbx_validate_symm_contact.auth_seq_id_2 
_pdbx_validate_symm_contact.PDB_ins_code_2 
_pdbx_validate_symm_contact.label_alt_id_2 
_pdbx_validate_symm_contact.site_symmetry_2 
_pdbx_validate_symm_contact.dist 
1 1 O A HOH 586 ? ? 1_555 O A HOH 586 ? ? 5_556 2.06 
2 1 O A HOH 501 ? ? 1_555 O A HOH 558 ? ? 5_556 2.12 
# 
loop_
_pdbx_validate_torsion.id 
_pdbx_validate_torsion.PDB_model_num 
_pdbx_validate_torsion.auth_comp_id 
_pdbx_validate_torsion.auth_asym_id 
_pdbx_validate_torsion.auth_seq_id 
_pdbx_validate_torsion.PDB_ins_code 
_pdbx_validate_torsion.label_alt_id 
_pdbx_validate_torsion.phi 
_pdbx_validate_torsion.psi 
1 1 GLN A 104 ? ? -161.23 -29.94  
2 1 TYR A 115 ? ? -115.51 73.99   
3 1 ASN A 163 ? ? 48.29   -125.09 
4 1 TYR A 205 ? ? -142.18 39.85   
5 1 SER B 310 ? ? -133.77 -61.69  
6 1 THR B 311 ? ? 110.72  -65.49  
7 1 LYS B 314 ? ? -57.78  56.89   
8 1 ARG B 317 ? ? -26.16  -107.77 
# 
loop_
_chem_comp_atom.comp_id 
_chem_comp_atom.atom_id 
_chem_comp_atom.type_symbol 
_chem_comp_atom.pdbx_aromatic_flag 
_chem_comp_atom.pdbx_stereo_config 
_chem_comp_atom.pdbx_ordinal 
ALA N    N N N 1   
ALA CA   C N S 2   
ALA C    C N N 3   
ALA O    O N N 4   
ALA CB   C N N 5   
ALA OXT  O N N 6   
ALA H    H N N 7   
ALA H2   H N N 8   
ALA HA   H N N 9   
ALA HB1  H N N 10  
ALA HB2  H N N 11  
ALA HB3  H N N 12  
ALA HXT  H N N 13  
ARG N    N N N 14  
ARG CA   C N S 15  
ARG C    C N N 16  
ARG O    O N N 17  
ARG CB   C N N 18  
ARG CG   C N N 19  
ARG CD   C N N 20  
ARG NE   N N N 21  
ARG CZ   C N N 22  
ARG NH1  N N N 23  
ARG NH2  N N N 24  
ARG OXT  O N N 25  
ARG H    H N N 26  
ARG H2   H N N 27  
ARG HA   H N N 28  
ARG HB2  H N N 29  
ARG HB3  H N N 30  
ARG HG2  H N N 31  
ARG HG3  H N N 32  
ARG HD2  H N N 33  
ARG HD3  H N N 34  
ARG HE   H N N 35  
ARG HH11 H N N 36  
ARG HH12 H N N 37  
ARG HH21 H N N 38  
ARG HH22 H N N 39  
ARG HXT  H N N 40  
ASN N    N N N 41  
ASN CA   C N S 42  
ASN C    C N N 43  
ASN O    O N N 44  
ASN CB   C N N 45  
ASN CG   C N N 46  
ASN OD1  O N N 47  
ASN ND2  N N N 48  
ASN OXT  O N N 49  
ASN H    H N N 50  
ASN H2   H N N 51  
ASN HA   H N N 52  
ASN HB2  H N N 53  
ASN HB3  H N N 54  
ASN HD21 H N N 55  
ASN HD22 H N N 56  
ASN HXT  H N N 57  
ASP N    N N N 58  
ASP CA   C N S 59  
ASP C    C N N 60  
ASP O    O N N 61  
ASP CB   C N N 62  
ASP CG   C N N 63  
ASP OD1  O N N 64  
ASP OD2  O N N 65  
ASP OXT  O N N 66  
ASP H    H N N 67  
ASP H2   H N N 68  
ASP HA   H N N 69  
ASP HB2  H N N 70  
ASP HB3  H N N 71  
ASP HD2  H N N 72  
ASP HXT  H N N 73  
COA N1A  N Y N 74  
COA C2A  C Y N 75  
COA N3A  N Y N 76  
COA C4A  C Y N 77  
COA C5A  C Y N 78  
COA C6A  C Y N 79  
COA N6A  N N N 80  
COA N7A  N Y N 81  
COA C8A  C Y N 82  
COA N9A  N Y N 83  
COA C1B  C N R 84  
COA C2B  C N R 85  
COA O2B  O N N 86  
COA C3B  C N S 87  
COA O3B  O N N 88  
COA P3B  P N N 89  
COA O7A  O N N 90  
COA O8A  O N N 91  
COA O9A  O N N 92  
COA C4B  C N R 93  
COA O4B  O N N 94  
COA C5B  C N N 95  
COA O5B  O N N 96  
COA P1A  P N S 97  
COA O1A  O N N 98  
COA O2A  O N N 99  
COA O3A  O N N 100 
COA P2A  P N S 101 
COA O4A  O N N 102 
COA O5A  O N N 103 
COA O6A  O N N 104 
COA CBP  C N N 105 
COA CCP  C N N 106 
COA CDP  C N N 107 
COA CEP  C N N 108 
COA CAP  C N R 109 
COA OAP  O N N 110 
COA C9P  C N N 111 
COA O9P  O N N 112 
COA N8P  N N N 113 
COA C7P  C N N 114 
COA C6P  C N N 115 
COA C5P  C N N 116 
COA O5P  O N N 117 
COA N4P  N N N 118 
COA C3P  C N N 119 
COA C2P  C N N 120 
COA S1P  S N N 121 
COA H2A  H N N 122 
COA H61A H N N 123 
COA H62A H N N 124 
COA H8A  H N N 125 
COA H1B  H N N 126 
COA H2B  H N N 127 
COA HO2A H N N 128 
COA H3B  H N N 129 
COA HOA8 H N N 130 
COA HOA9 H N N 131 
COA H4B  H N N 132 
COA H51A H N N 133 
COA H52A H N N 134 
COA HOA2 H N N 135 
COA HOA5 H N N 136 
COA H121 H N N 137 
COA H122 H N N 138 
COA H131 H N N 139 
COA H132 H N N 140 
COA H133 H N N 141 
COA H141 H N N 142 
COA H142 H N N 143 
COA H143 H N N 144 
COA H10  H N N 145 
COA HO1  H N N 146 
COA HN8  H N N 147 
COA H71  H N N 148 
COA H72  H N N 149 
COA H61  H N N 150 
COA H62  H N N 151 
COA HN4  H N N 152 
COA H31  H N N 153 
COA H32  H N N 154 
COA H21  H N N 155 
COA H22  H N N 156 
COA HS1  H N N 157 
CYS N    N N N 158 
CYS CA   C N R 159 
CYS C    C N N 160 
CYS O    O N N 161 
CYS CB   C N N 162 
CYS SG   S N N 163 
CYS OXT  O N N 164 
CYS H    H N N 165 
CYS H2   H N N 166 
CYS HA   H N N 167 
CYS HB2  H N N 168 
CYS HB3  H N N 169 
CYS HG   H N N 170 
CYS HXT  H N N 171 
GLN N    N N N 172 
GLN CA   C N S 173 
GLN C    C N N 174 
GLN O    O N N 175 
GLN CB   C N N 176 
GLN CG   C N N 177 
GLN CD   C N N 178 
GLN OE1  O N N 179 
GLN NE2  N N N 180 
GLN OXT  O N N 181 
GLN H    H N N 182 
GLN H2   H N N 183 
GLN HA   H N N 184 
GLN HB2  H N N 185 
GLN HB3  H N N 186 
GLN HG2  H N N 187 
GLN HG3  H N N 188 
GLN HE21 H N N 189 
GLN HE22 H N N 190 
GLN HXT  H N N 191 
GLU N    N N N 192 
GLU CA   C N S 193 
GLU C    C N N 194 
GLU O    O N N 195 
GLU CB   C N N 196 
GLU CG   C N N 197 
GLU CD   C N N 198 
GLU OE1  O N N 199 
GLU OE2  O N N 200 
GLU OXT  O N N 201 
GLU H    H N N 202 
GLU H2   H N N 203 
GLU HA   H N N 204 
GLU HB2  H N N 205 
GLU HB3  H N N 206 
GLU HG2  H N N 207 
GLU HG3  H N N 208 
GLU HE2  H N N 209 
GLU HXT  H N N 210 
GLY N    N N N 211 
GLY CA   C N N 212 
GLY C    C N N 213 
GLY O    O N N 214 
GLY OXT  O N N 215 
GLY H    H N N 216 
GLY H2   H N N 217 
GLY HA2  H N N 218 
GLY HA3  H N N 219 
GLY HXT  H N N 220 
HIS N    N N N 221 
HIS CA   C N S 222 
HIS C    C N N 223 
HIS O    O N N 224 
HIS CB   C N N 225 
HIS CG   C Y N 226 
HIS ND1  N Y N 227 
HIS CD2  C Y N 228 
HIS CE1  C Y N 229 
HIS NE2  N Y N 230 
HIS OXT  O N N 231 
HIS H    H N N 232 
HIS H2   H N N 233 
HIS HA   H N N 234 
HIS HB2  H N N 235 
HIS HB3  H N N 236 
HIS HD1  H N N 237 
HIS HD2  H N N 238 
HIS HE1  H N N 239 
HIS HE2  H N N 240 
HIS HXT  H N N 241 
HOH O    O N N 242 
HOH H1   H N N 243 
HOH H2   H N N 244 
ILE N    N N N 245 
ILE CA   C N S 246 
ILE C    C N N 247 
ILE O    O N N 248 
ILE CB   C N S 249 
ILE CG1  C N N 250 
ILE CG2  C N N 251 
ILE CD1  C N N 252 
ILE OXT  O N N 253 
ILE H    H N N 254 
ILE H2   H N N 255 
ILE HA   H N N 256 
ILE HB   H N N 257 
ILE HG12 H N N 258 
ILE HG13 H N N 259 
ILE HG21 H N N 260 
ILE HG22 H N N 261 
ILE HG23 H N N 262 
ILE HD11 H N N 263 
ILE HD12 H N N 264 
ILE HD13 H N N 265 
ILE HXT  H N N 266 
LEU N    N N N 267 
LEU CA   C N S 268 
LEU C    C N N 269 
LEU O    O N N 270 
LEU CB   C N N 271 
LEU CG   C N N 272 
LEU CD1  C N N 273 
LEU CD2  C N N 274 
LEU OXT  O N N 275 
LEU H    H N N 276 
LEU H2   H N N 277 
LEU HA   H N N 278 
LEU HB2  H N N 279 
LEU HB3  H N N 280 
LEU HG   H N N 281 
LEU HD11 H N N 282 
LEU HD12 H N N 283 
LEU HD13 H N N 284 
LEU HD21 H N N 285 
LEU HD22 H N N 286 
LEU HD23 H N N 287 
LEU HXT  H N N 288 
LYS N    N N N 289 
LYS CA   C N S 290 
LYS C    C N N 291 
LYS O    O N N 292 
LYS CB   C N N 293 
LYS CG   C N N 294 
LYS CD   C N N 295 
LYS CE   C N N 296 
LYS NZ   N N N 297 
LYS OXT  O N N 298 
LYS H    H N N 299 
LYS H2   H N N 300 
LYS HA   H N N 301 
LYS HB2  H N N 302 
LYS HB3  H N N 303 
LYS HG2  H N N 304 
LYS HG3  H N N 305 
LYS HD2  H N N 306 
LYS HD3  H N N 307 
LYS HE2  H N N 308 
LYS HE3  H N N 309 
LYS HZ1  H N N 310 
LYS HZ2  H N N 311 
LYS HZ3  H N N 312 
LYS HXT  H N N 313 
MET N    N N N 314 
MET CA   C N S 315 
MET C    C N N 316 
MET O    O N N 317 
MET CB   C N N 318 
MET CG   C N N 319 
MET SD   S N N 320 
MET CE   C N N 321 
MET OXT  O N N 322 
MET H    H N N 323 
MET H2   H N N 324 
MET HA   H N N 325 
MET HB2  H N N 326 
MET HB3  H N N 327 
MET HG2  H N N 328 
MET HG3  H N N 329 
MET HE1  H N N 330 
MET HE2  H N N 331 
MET HE3  H N N 332 
MET HXT  H N N 333 
PHE N    N N N 334 
PHE CA   C N S 335 
PHE C    C N N 336 
PHE O    O N N 337 
PHE CB   C N N 338 
PHE CG   C Y N 339 
PHE CD1  C Y N 340 
PHE CD2  C Y N 341 
PHE CE1  C Y N 342 
PHE CE2  C Y N 343 
PHE CZ   C Y N 344 
PHE OXT  O N N 345 
PHE H    H N N 346 
PHE H2   H N N 347 
PHE HA   H N N 348 
PHE HB2  H N N 349 
PHE HB3  H N N 350 
PHE HD1  H N N 351 
PHE HD2  H N N 352 
PHE HE1  H N N 353 
PHE HE2  H N N 354 
PHE HZ   H N N 355 
PHE HXT  H N N 356 
PRO N    N N N 357 
PRO CA   C N S 358 
PRO C    C N N 359 
PRO O    O N N 360 
PRO CB   C N N 361 
PRO CG   C N N 362 
PRO CD   C N N 363 
PRO OXT  O N N 364 
PRO H    H N N 365 
PRO HA   H N N 366 
PRO HB2  H N N 367 
PRO HB3  H N N 368 
PRO HG2  H N N 369 
PRO HG3  H N N 370 
PRO HD2  H N N 371 
PRO HD3  H N N 372 
PRO HXT  H N N 373 
SER N    N N N 374 
SER CA   C N S 375 
SER C    C N N 376 
SER O    O N N 377 
SER CB   C N N 378 
SER OG   O N N 379 
SER OXT  O N N 380 
SER H    H N N 381 
SER H2   H N N 382 
SER HA   H N N 383 
SER HB2  H N N 384 
SER HB3  H N N 385 
SER HG   H N N 386 
SER HXT  H N N 387 
THR N    N N N 388 
THR CA   C N S 389 
THR C    C N N 390 
THR O    O N N 391 
THR CB   C N R 392 
THR OG1  O N N 393 
THR CG2  C N N 394 
THR OXT  O N N 395 
THR H    H N N 396 
THR H2   H N N 397 
THR HA   H N N 398 
THR HB   H N N 399 
THR HG1  H N N 400 
THR HG21 H N N 401 
THR HG22 H N N 402 
THR HG23 H N N 403 
THR HXT  H N N 404 
TRP N    N N N 405 
TRP CA   C N S 406 
TRP C    C N N 407 
TRP O    O N N 408 
TRP CB   C N N 409 
TRP CG   C Y N 410 
TRP CD1  C Y N 411 
TRP CD2  C Y N 412 
TRP NE1  N Y N 413 
TRP CE2  C Y N 414 
TRP CE3  C Y N 415 
TRP CZ2  C Y N 416 
TRP CZ3  C Y N 417 
TRP CH2  C Y N 418 
TRP OXT  O N N 419 
TRP H    H N N 420 
TRP H2   H N N 421 
TRP HA   H N N 422 
TRP HB2  H N N 423 
TRP HB3  H N N 424 
TRP HD1  H N N 425 
TRP HE1  H N N 426 
TRP HE3  H N N 427 
TRP HZ2  H N N 428 
TRP HZ3  H N N 429 
TRP HH2  H N N 430 
TRP HXT  H N N 431 
TYR N    N N N 432 
TYR CA   C N S 433 
TYR C    C N N 434 
TYR O    O N N 435 
TYR CB   C N N 436 
TYR CG   C Y N 437 
TYR CD1  C Y N 438 
TYR CD2  C Y N 439 
TYR CE1  C Y N 440 
TYR CE2  C Y N 441 
TYR CZ   C Y N 442 
TYR OH   O N N 443 
TYR OXT  O N N 444 
TYR H    H N N 445 
TYR H2   H N N 446 
TYR HA   H N N 447 
TYR HB2  H N N 448 
TYR HB3  H N N 449 
TYR HD1  H N N 450 
TYR HD2  H N N 451 
TYR HE1  H N N 452 
TYR HE2  H N N 453 
TYR HH   H N N 454 
TYR HXT  H N N 455 
VAL N    N N N 456 
VAL CA   C N S 457 
VAL C    C N N 458 
VAL O    O N N 459 
VAL CB   C N N 460 
VAL CG1  C N N 461 
VAL CG2  C N N 462 
VAL OXT  O N N 463 
VAL H    H N N 464 
VAL H2   H N N 465 
VAL HA   H N N 466 
VAL HB   H N N 467 
VAL HG11 H N N 468 
VAL HG12 H N N 469 
VAL HG13 H N N 470 
VAL HG21 H N N 471 
VAL HG22 H N N 472 
VAL HG23 H N N 473 
VAL HXT  H N N 474 
# 
loop_
_chem_comp_bond.comp_id 
_chem_comp_bond.atom_id_1 
_chem_comp_bond.atom_id_2 
_chem_comp_bond.value_order 
_chem_comp_bond.pdbx_aromatic_flag 
_chem_comp_bond.pdbx_stereo_config 
_chem_comp_bond.pdbx_ordinal 
ALA N   CA   sing N N 1   
ALA N   H    sing N N 2   
ALA N   H2   sing N N 3   
ALA CA  C    sing N N 4   
ALA CA  CB   sing N N 5   
ALA CA  HA   sing N N 6   
ALA C   O    doub N N 7   
ALA C   OXT  sing N N 8   
ALA CB  HB1  sing N N 9   
ALA CB  HB2  sing N N 10  
ALA CB  HB3  sing N N 11  
ALA OXT HXT  sing N N 12  
ARG N   CA   sing N N 13  
ARG N   H    sing N N 14  
ARG N   H2   sing N N 15  
ARG CA  C    sing N N 16  
ARG CA  CB   sing N N 17  
ARG CA  HA   sing N N 18  
ARG C   O    doub N N 19  
ARG C   OXT  sing N N 20  
ARG CB  CG   sing N N 21  
ARG CB  HB2  sing N N 22  
ARG CB  HB3  sing N N 23  
ARG CG  CD   sing N N 24  
ARG CG  HG2  sing N N 25  
ARG CG  HG3  sing N N 26  
ARG CD  NE   sing N N 27  
ARG CD  HD2  sing N N 28  
ARG CD  HD3  sing N N 29  
ARG NE  CZ   sing N N 30  
ARG NE  HE   sing N N 31  
ARG CZ  NH1  sing N N 32  
ARG CZ  NH2  doub N N 33  
ARG NH1 HH11 sing N N 34  
ARG NH1 HH12 sing N N 35  
ARG NH2 HH21 sing N N 36  
ARG NH2 HH22 sing N N 37  
ARG OXT HXT  sing N N 38  
ASN N   CA   sing N N 39  
ASN N   H    sing N N 40  
ASN N   H2   sing N N 41  
ASN CA  C    sing N N 42  
ASN CA  CB   sing N N 43  
ASN CA  HA   sing N N 44  
ASN C   O    doub N N 45  
ASN C   OXT  sing N N 46  
ASN CB  CG   sing N N 47  
ASN CB  HB2  sing N N 48  
ASN CB  HB3  sing N N 49  
ASN CG  OD1  doub N N 50  
ASN CG  ND2  sing N N 51  
ASN ND2 HD21 sing N N 52  
ASN ND2 HD22 sing N N 53  
ASN OXT HXT  sing N N 54  
ASP N   CA   sing N N 55  
ASP N   H    sing N N 56  
ASP N   H2   sing N N 57  
ASP CA  C    sing N N 58  
ASP CA  CB   sing N N 59  
ASP CA  HA   sing N N 60  
ASP C   O    doub N N 61  
ASP C   OXT  sing N N 62  
ASP CB  CG   sing N N 63  
ASP CB  HB2  sing N N 64  
ASP CB  HB3  sing N N 65  
ASP CG  OD1  doub N N 66  
ASP CG  OD2  sing N N 67  
ASP OD2 HD2  sing N N 68  
ASP OXT HXT  sing N N 69  
COA N1A C2A  sing Y N 70  
COA N1A C6A  doub Y N 71  
COA C2A N3A  doub Y N 72  
COA C2A H2A  sing N N 73  
COA N3A C4A  sing Y N 74  
COA C4A C5A  doub Y N 75  
COA C4A N9A  sing Y N 76  
COA C5A C6A  sing Y N 77  
COA C5A N7A  sing Y N 78  
COA C6A N6A  sing N N 79  
COA N6A H61A sing N N 80  
COA N6A H62A sing N N 81  
COA N7A C8A  doub Y N 82  
COA C8A N9A  sing Y N 83  
COA C8A H8A  sing N N 84  
COA N9A C1B  sing N N 85  
COA C1B C2B  sing N N 86  
COA C1B O4B  sing N N 87  
COA C1B H1B  sing N N 88  
COA C2B O2B  sing N N 89  
COA C2B C3B  sing N N 90  
COA C2B H2B  sing N N 91  
COA O2B HO2A sing N N 92  
COA C3B O3B  sing N N 93  
COA C3B C4B  sing N N 94  
COA C3B H3B  sing N N 95  
COA O3B P3B  sing N N 96  
COA P3B O7A  doub N N 97  
COA P3B O8A  sing N N 98  
COA P3B O9A  sing N N 99  
COA O8A HOA8 sing N N 100 
COA O9A HOA9 sing N N 101 
COA C4B O4B  sing N N 102 
COA C4B C5B  sing N N 103 
COA C4B H4B  sing N N 104 
COA C5B O5B  sing N N 105 
COA C5B H51A sing N N 106 
COA C5B H52A sing N N 107 
COA O5B P1A  sing N N 108 
COA P1A O1A  doub N N 109 
COA P1A O2A  sing N N 110 
COA P1A O3A  sing N N 111 
COA O2A HOA2 sing N N 112 
COA O3A P2A  sing N N 113 
COA P2A O4A  doub N N 114 
COA P2A O5A  sing N N 115 
COA P2A O6A  sing N N 116 
COA O5A HOA5 sing N N 117 
COA O6A CCP  sing N N 118 
COA CBP CCP  sing N N 119 
COA CBP CDP  sing N N 120 
COA CBP CEP  sing N N 121 
COA CBP CAP  sing N N 122 
COA CCP H121 sing N N 123 
COA CCP H122 sing N N 124 
COA CDP H131 sing N N 125 
COA CDP H132 sing N N 126 
COA CDP H133 sing N N 127 
COA CEP H141 sing N N 128 
COA CEP H142 sing N N 129 
COA CEP H143 sing N N 130 
COA CAP OAP  sing N N 131 
COA CAP C9P  sing N N 132 
COA CAP H10  sing N N 133 
COA OAP HO1  sing N N 134 
COA C9P O9P  doub N N 135 
COA C9P N8P  sing N N 136 
COA N8P C7P  sing N N 137 
COA N8P HN8  sing N N 138 
COA C7P C6P  sing N N 139 
COA C7P H71  sing N N 140 
COA C7P H72  sing N N 141 
COA C6P C5P  sing N N 142 
COA C6P H61  sing N N 143 
COA C6P H62  sing N N 144 
COA C5P O5P  doub N N 145 
COA C5P N4P  sing N N 146 
COA N4P C3P  sing N N 147 
COA N4P HN4  sing N N 148 
COA C3P C2P  sing N N 149 
COA C3P H31  sing N N 150 
COA C3P H32  sing N N 151 
COA C2P S1P  sing N N 152 
COA C2P H21  sing N N 153 
COA C2P H22  sing N N 154 
COA S1P HS1  sing N N 155 
CYS N   CA   sing N N 156 
CYS N   H    sing N N 157 
CYS N   H2   sing N N 158 
CYS CA  C    sing N N 159 
CYS CA  CB   sing N N 160 
CYS CA  HA   sing N N 161 
CYS C   O    doub N N 162 
CYS C   OXT  sing N N 163 
CYS CB  SG   sing N N 164 
CYS CB  HB2  sing N N 165 
CYS CB  HB3  sing N N 166 
CYS SG  HG   sing N N 167 
CYS OXT HXT  sing N N 168 
GLN N   CA   sing N N 169 
GLN N   H    sing N N 170 
GLN N   H2   sing N N 171 
GLN CA  C    sing N N 172 
GLN CA  CB   sing N N 173 
GLN CA  HA   sing N N 174 
GLN C   O    doub N N 175 
GLN C   OXT  sing N N 176 
GLN CB  CG   sing N N 177 
GLN CB  HB2  sing N N 178 
GLN CB  HB3  sing N N 179 
GLN CG  CD   sing N N 180 
GLN CG  HG2  sing N N 181 
GLN CG  HG3  sing N N 182 
GLN CD  OE1  doub N N 183 
GLN CD  NE2  sing N N 184 
GLN NE2 HE21 sing N N 185 
GLN NE2 HE22 sing N N 186 
GLN OXT HXT  sing N N 187 
GLU N   CA   sing N N 188 
GLU N   H    sing N N 189 
GLU N   H2   sing N N 190 
GLU CA  C    sing N N 191 
GLU CA  CB   sing N N 192 
GLU CA  HA   sing N N 193 
GLU C   O    doub N N 194 
GLU C   OXT  sing N N 195 
GLU CB  CG   sing N N 196 
GLU CB  HB2  sing N N 197 
GLU CB  HB3  sing N N 198 
GLU CG  CD   sing N N 199 
GLU CG  HG2  sing N N 200 
GLU CG  HG3  sing N N 201 
GLU CD  OE1  doub N N 202 
GLU CD  OE2  sing N N 203 
GLU OE2 HE2  sing N N 204 
GLU OXT HXT  sing N N 205 
GLY N   CA   sing N N 206 
GLY N   H    sing N N 207 
GLY N   H2   sing N N 208 
GLY CA  C    sing N N 209 
GLY CA  HA2  sing N N 210 
GLY CA  HA3  sing N N 211 
GLY C   O    doub N N 212 
GLY C   OXT  sing N N 213 
GLY OXT HXT  sing N N 214 
HIS N   CA   sing N N 215 
HIS N   H    sing N N 216 
HIS N   H2   sing N N 217 
HIS CA  C    sing N N 218 
HIS CA  CB   sing N N 219 
HIS CA  HA   sing N N 220 
HIS C   O    doub N N 221 
HIS C   OXT  sing N N 222 
HIS CB  CG   sing N N 223 
HIS CB  HB2  sing N N 224 
HIS CB  HB3  sing N N 225 
HIS CG  ND1  sing Y N 226 
HIS CG  CD2  doub Y N 227 
HIS ND1 CE1  doub Y N 228 
HIS ND1 HD1  sing N N 229 
HIS CD2 NE2  sing Y N 230 
HIS CD2 HD2  sing N N 231 
HIS CE1 NE2  sing Y N 232 
HIS CE1 HE1  sing N N 233 
HIS NE2 HE2  sing N N 234 
HIS OXT HXT  sing N N 235 
HOH O   H1   sing N N 236 
HOH O   H2   sing N N 237 
ILE N   CA   sing N N 238 
ILE N   H    sing N N 239 
ILE N   H2   sing N N 240 
ILE CA  C    sing N N 241 
ILE CA  CB   sing N N 242 
ILE CA  HA   sing N N 243 
ILE C   O    doub N N 244 
ILE C   OXT  sing N N 245 
ILE CB  CG1  sing N N 246 
ILE CB  CG2  sing N N 247 
ILE CB  HB   sing N N 248 
ILE CG1 CD1  sing N N 249 
ILE CG1 HG12 sing N N 250 
ILE CG1 HG13 sing N N 251 
ILE CG2 HG21 sing N N 252 
ILE CG2 HG22 sing N N 253 
ILE CG2 HG23 sing N N 254 
ILE CD1 HD11 sing N N 255 
ILE CD1 HD12 sing N N 256 
ILE CD1 HD13 sing N N 257 
ILE OXT HXT  sing N N 258 
LEU N   CA   sing N N 259 
LEU N   H    sing N N 260 
LEU N   H2   sing N N 261 
LEU CA  C    sing N N 262 
LEU CA  CB   sing N N 263 
LEU CA  HA   sing N N 264 
LEU C   O    doub N N 265 
LEU C   OXT  sing N N 266 
LEU CB  CG   sing N N 267 
LEU CB  HB2  sing N N 268 
LEU CB  HB3  sing N N 269 
LEU CG  CD1  sing N N 270 
LEU CG  CD2  sing N N 271 
LEU CG  HG   sing N N 272 
LEU CD1 HD11 sing N N 273 
LEU CD1 HD12 sing N N 274 
LEU CD1 HD13 sing N N 275 
LEU CD2 HD21 sing N N 276 
LEU CD2 HD22 sing N N 277 
LEU CD2 HD23 sing N N 278 
LEU OXT HXT  sing N N 279 
LYS N   CA   sing N N 280 
LYS N   H    sing N N 281 
LYS N   H2   sing N N 282 
LYS CA  C    sing N N 283 
LYS CA  CB   sing N N 284 
LYS CA  HA   sing N N 285 
LYS C   O    doub N N 286 
LYS C   OXT  sing N N 287 
LYS CB  CG   sing N N 288 
LYS CB  HB2  sing N N 289 
LYS CB  HB3  sing N N 290 
LYS CG  CD   sing N N 291 
LYS CG  HG2  sing N N 292 
LYS CG  HG3  sing N N 293 
LYS CD  CE   sing N N 294 
LYS CD  HD2  sing N N 295 
LYS CD  HD3  sing N N 296 
LYS CE  NZ   sing N N 297 
LYS CE  HE2  sing N N 298 
LYS CE  HE3  sing N N 299 
LYS NZ  HZ1  sing N N 300 
LYS NZ  HZ2  sing N N 301 
LYS NZ  HZ3  sing N N 302 
LYS OXT HXT  sing N N 303 
MET N   CA   sing N N 304 
MET N   H    sing N N 305 
MET N   H2   sing N N 306 
MET CA  C    sing N N 307 
MET CA  CB   sing N N 308 
MET CA  HA   sing N N 309 
MET C   O    doub N N 310 
MET C   OXT  sing N N 311 
MET CB  CG   sing N N 312 
MET CB  HB2  sing N N 313 
MET CB  HB3  sing N N 314 
MET CG  SD   sing N N 315 
MET CG  HG2  sing N N 316 
MET CG  HG3  sing N N 317 
MET SD  CE   sing N N 318 
MET CE  HE1  sing N N 319 
MET CE  HE2  sing N N 320 
MET CE  HE3  sing N N 321 
MET OXT HXT  sing N N 322 
PHE N   CA   sing N N 323 
PHE N   H    sing N N 324 
PHE N   H2   sing N N 325 
PHE CA  C    sing N N 326 
PHE CA  CB   sing N N 327 
PHE CA  HA   sing N N 328 
PHE C   O    doub N N 329 
PHE C   OXT  sing N N 330 
PHE CB  CG   sing N N 331 
PHE CB  HB2  sing N N 332 
PHE CB  HB3  sing N N 333 
PHE CG  CD1  doub Y N 334 
PHE CG  CD2  sing Y N 335 
PHE CD1 CE1  sing Y N 336 
PHE CD1 HD1  sing N N 337 
PHE CD2 CE2  doub Y N 338 
PHE CD2 HD2  sing N N 339 
PHE CE1 CZ   doub Y N 340 
PHE CE1 HE1  sing N N 341 
PHE CE2 CZ   sing Y N 342 
PHE CE2 HE2  sing N N 343 
PHE CZ  HZ   sing N N 344 
PHE OXT HXT  sing N N 345 
PRO N   CA   sing N N 346 
PRO N   CD   sing N N 347 
PRO N   H    sing N N 348 
PRO CA  C    sing N N 349 
PRO CA  CB   sing N N 350 
PRO CA  HA   sing N N 351 
PRO C   O    doub N N 352 
PRO C   OXT  sing N N 353 
PRO CB  CG   sing N N 354 
PRO CB  HB2  sing N N 355 
PRO CB  HB3  sing N N 356 
PRO CG  CD   sing N N 357 
PRO CG  HG2  sing N N 358 
PRO CG  HG3  sing N N 359 
PRO CD  HD2  sing N N 360 
PRO CD  HD3  sing N N 361 
PRO OXT HXT  sing N N 362 
SER N   CA   sing N N 363 
SER N   H    sing N N 364 
SER N   H2   sing N N 365 
SER CA  C    sing N N 366 
SER CA  CB   sing N N 367 
SER CA  HA   sing N N 368 
SER C   O    doub N N 369 
SER C   OXT  sing N N 370 
SER CB  OG   sing N N 371 
SER CB  HB2  sing N N 372 
SER CB  HB3  sing N N 373 
SER OG  HG   sing N N 374 
SER OXT HXT  sing N N 375 
THR N   CA   sing N N 376 
THR N   H    sing N N 377 
THR N   H2   sing N N 378 
THR CA  C    sing N N 379 
THR CA  CB   sing N N 380 
THR CA  HA   sing N N 381 
THR C   O    doub N N 382 
THR C   OXT  sing N N 383 
THR CB  OG1  sing N N 384 
THR CB  CG2  sing N N 385 
THR CB  HB   sing N N 386 
THR OG1 HG1  sing N N 387 
THR CG2 HG21 sing N N 388 
THR CG2 HG22 sing N N 389 
THR CG2 HG23 sing N N 390 
THR OXT HXT  sing N N 391 
TRP N   CA   sing N N 392 
TRP N   H    sing N N 393 
TRP N   H2   sing N N 394 
TRP CA  C    sing N N 395 
TRP CA  CB   sing N N 396 
TRP CA  HA   sing N N 397 
TRP C   O    doub N N 398 
TRP C   OXT  sing N N 399 
TRP CB  CG   sing N N 400 
TRP CB  HB2  sing N N 401 
TRP CB  HB3  sing N N 402 
TRP CG  CD1  doub Y N 403 
TRP CG  CD2  sing Y N 404 
TRP CD1 NE1  sing Y N 405 
TRP CD1 HD1  sing N N 406 
TRP CD2 CE2  doub Y N 407 
TRP CD2 CE3  sing Y N 408 
TRP NE1 CE2  sing Y N 409 
TRP NE1 HE1  sing N N 410 
TRP CE2 CZ2  sing Y N 411 
TRP CE3 CZ3  doub Y N 412 
TRP CE3 HE3  sing N N 413 
TRP CZ2 CH2  doub Y N 414 
TRP CZ2 HZ2  sing N N 415 
TRP CZ3 CH2  sing Y N 416 
TRP CZ3 HZ3  sing N N 417 
TRP CH2 HH2  sing N N 418 
TRP OXT HXT  sing N N 419 
TYR N   CA   sing N N 420 
TYR N   H    sing N N 421 
TYR N   H2   sing N N 422 
TYR CA  C    sing N N 423 
TYR CA  CB   sing N N 424 
TYR CA  HA   sing N N 425 
TYR C   O    doub N N 426 
TYR C   OXT  sing N N 427 
TYR CB  CG   sing N N 428 
TYR CB  HB2  sing N N 429 
TYR CB  HB3  sing N N 430 
TYR CG  CD1  doub Y N 431 
TYR CG  CD2  sing Y N 432 
TYR CD1 CE1  sing Y N 433 
TYR CD1 HD1  sing N N 434 
TYR CD2 CE2  doub Y N 435 
TYR CD2 HD2  sing N N 436 
TYR CE1 CZ   doub Y N 437 
TYR CE1 HE1  sing N N 438 
TYR CE2 CZ   sing Y N 439 
TYR CE2 HE2  sing N N 440 
TYR CZ  OH   sing N N 441 
TYR OH  HH   sing N N 442 
TYR OXT HXT  sing N N 443 
VAL N   CA   sing N N 444 
VAL N   H    sing N N 445 
VAL N   H2   sing N N 446 
VAL CA  C    sing N N 447 
VAL CA  CB   sing N N 448 
VAL CA  HA   sing N N 449 
VAL C   O    doub N N 450 
VAL C   OXT  sing N N 451 
VAL CB  CG1  sing N N 452 
VAL CB  CG2  sing N N 453 
VAL CB  HB   sing N N 454 
VAL CG1 HG11 sing N N 455 
VAL CG1 HG12 sing N N 456 
VAL CG1 HG13 sing N N 457 
VAL CG2 HG21 sing N N 458 
VAL CG2 HG22 sing N N 459 
VAL CG2 HG23 sing N N 460 
VAL OXT HXT  sing N N 461 
# 
_atom_sites.entry_id                    1QSN 
_atom_sites.fract_transf_matrix[1][1]   0.00565631 
_atom_sites.fract_transf_matrix[1][2]   0.01664338 
_atom_sites.fract_transf_matrix[1][3]   -0.00238803 
_atom_sites.fract_transf_matrix[2][1]   0.01472540 
_atom_sites.fract_transf_matrix[2][2]   0.00310209 
_atom_sites.fract_transf_matrix[2][3]   -0.00939401 
_atom_sites.fract_transf_matrix[3][1]   -0.00565563 
_atom_sites.fract_transf_matrix[3][2]   0.00068240 
_atom_sites.fract_transf_matrix[3][3]   -0.00864003 
_atom_sites.fract_transf_vector[1]      0.735083 
_atom_sites.fract_transf_vector[2]      0.273623 
_atom_sites.fract_transf_vector[3]      0.574310 
# 
loop_
_atom_type.symbol 
C 
N 
O 
P 
S 
# 
loop_
_atom_site.group_PDB 
_atom_site.id 
_atom_site.type_symbol 
_atom_site.label_atom_id 
_atom_site.label_alt_id 
_atom_site.label_comp_id 
_atom_site.label_asym_id 
_atom_site.label_entity_id 
_atom_site.label_seq_id 
_atom_site.pdbx_PDB_ins_code 
_atom_site.Cartn_x 
_atom_site.Cartn_y 
_atom_site.Cartn_z 
_atom_site.occupancy 
_atom_site.B_iso_or_equiv 
_atom_site.pdbx_formal_charge 
_atom_site.auth_seq_id 
_atom_site.auth_comp_id 
_atom_site.auth_asym_id 
_atom_site.auth_atom_id 
_atom_site.pdbx_PDB_model_num 
ATOM   1    N N   . LEU A 1 1   ? 1.099   16.414  11.303  1.00 32.68 ? 49  LEU A N   1 
ATOM   2    C CA  . LEU A 1 1   ? 1.324   15.338  10.295  1.00 33.27 ? 49  LEU A CA  1 
ATOM   3    C C   . LEU A 1 1   ? 1.230   13.953  10.951  1.00 33.37 ? 49  LEU A C   1 
ATOM   4    O O   . LEU A 1 1   ? 2.209   13.451  11.500  1.00 34.04 ? 49  LEU A O   1 
ATOM   5    C CB  . LEU A 1 1   ? 2.700   15.521  9.647   1.00 33.07 ? 49  LEU A CB  1 
ATOM   6    C CG  . LEU A 1 1   ? 2.926   15.027  8.214   1.00 33.88 ? 49  LEU A CG  1 
ATOM   7    C CD1 . LEU A 1 1   ? 2.802   13.522  8.157   1.00 34.64 ? 49  LEU A CD1 1 
ATOM   8    C CD2 . LEU A 1 1   ? 1.917   15.681  7.284   1.00 33.86 ? 49  LEU A CD2 1 
ATOM   9    N N   . ASP A 1 2   ? 0.048   13.343  10.896  1.00 32.88 ? 50  ASP A N   1 
ATOM   10   C CA  . ASP A 1 2   ? -0.161  12.020  11.483  1.00 32.69 ? 50  ASP A CA  1 
ATOM   11   C C   . ASP A 1 2   ? -0.293  10.932  10.422  1.00 31.88 ? 50  ASP A C   1 
ATOM   12   O O   . ASP A 1 2   ? -0.713  11.197  9.294   1.00 31.89 ? 50  ASP A O   1 
ATOM   13   C CB  . ASP A 1 2   ? -1.428  12.005  12.337  1.00 34.59 ? 50  ASP A CB  1 
ATOM   14   C CG  . ASP A 1 2   ? -1.331  12.909  13.542  1.00 36.61 ? 50  ASP A CG  1 
ATOM   15   O OD1 . ASP A 1 2   ? -0.522  12.619  14.453  1.00 37.08 ? 50  ASP A OD1 1 
ATOM   16   O OD2 . ASP A 1 2   ? -2.069  13.914  13.573  1.00 37.73 ? 50  ASP A OD2 1 
ATOM   17   N N   . PHE A 1 3   ? 0.072   9.709   10.794  1.00 30.08 ? 51  PHE A N   1 
ATOM   18   C CA  . PHE A 1 3   ? -0.038  8.561   9.899   1.00 29.43 ? 51  PHE A CA  1 
ATOM   19   C C   . PHE A 1 3   ? -0.980  7.595   10.588  1.00 28.80 ? 51  PHE A C   1 
ATOM   20   O O   . PHE A 1 3   ? -0.544  6.746   11.367  1.00 30.19 ? 51  PHE A O   1 
ATOM   21   C CB  . PHE A 1 3   ? 1.320   7.882   9.684   1.00 28.13 ? 51  PHE A CB  1 
ATOM   22   C CG  . PHE A 1 3   ? 2.348   8.770   9.052   1.00 27.82 ? 51  PHE A CG  1 
ATOM   23   C CD1 . PHE A 1 3   ? 3.035   9.711   9.815   1.00 27.01 ? 51  PHE A CD1 1 
ATOM   24   C CD2 . PHE A 1 3   ? 2.604   8.695   7.686   1.00 27.17 ? 51  PHE A CD2 1 
ATOM   25   C CE1 . PHE A 1 3   ? 3.964   10.570  9.228   1.00 27.36 ? 51  PHE A CE1 1 
ATOM   26   C CE2 . PHE A 1 3   ? 3.531   9.550   7.084   1.00 28.13 ? 51  PHE A CE2 1 
ATOM   27   C CZ  . PHE A 1 3   ? 4.213   10.492  7.860   1.00 27.73 ? 51  PHE A CZ  1 
ATOM   28   N N   . ASP A 1 4   ? -2.272  7.724   10.310  1.00 27.48 ? 52  ASP A N   1 
ATOM   29   C CA  . ASP A 1 4   ? -3.245  6.865   10.961  1.00 27.28 ? 52  ASP A CA  1 
ATOM   30   C C   . ASP A 1 4   ? -3.927  5.832   10.081  1.00 27.18 ? 52  ASP A C   1 
ATOM   31   O O   . ASP A 1 4   ? -4.068  6.007   8.868   1.00 25.77 ? 52  ASP A O   1 
ATOM   32   C CB  . ASP A 1 4   ? -4.322  7.718   11.633  1.00 28.84 ? 52  ASP A CB  1 
ATOM   33   C CG  . ASP A 1 4   ? -3.739  8.817   12.511  1.00 30.12 ? 52  ASP A CG  1 
ATOM   34   O OD1 . ASP A 1 4   ? -2.623  8.635   13.030  1.00 31.62 ? 52  ASP A OD1 1 
ATOM   35   O OD2 . ASP A 1 4   ? -4.406  9.858   12.695  1.00 32.07 ? 52  ASP A OD2 1 
ATOM   36   N N   . ILE A 1 5   ? -4.341  4.745   10.718  1.00 25.95 ? 53  ILE A N   1 
ATOM   37   C CA  . ILE A 1 5   ? -5.061  3.694   10.038  1.00 27.49 ? 53  ILE A CA  1 
ATOM   38   C C   . ILE A 1 5   ? -6.467  4.269   9.860   1.00 28.23 ? 53  ILE A C   1 
ATOM   39   O O   . ILE A 1 5   ? -7.107  4.665   10.830  1.00 30.32 ? 53  ILE A O   1 
ATOM   40   C CB  . ILE A 1 5   ? -5.110  2.408   10.901  1.00 27.16 ? 53  ILE A CB  1 
ATOM   41   C CG1 . ILE A 1 5   ? -3.751  1.705   10.846  1.00 26.14 ? 53  ILE A CG1 1 
ATOM   42   C CG2 . ILE A 1 5   ? -6.226  1.486   10.420  1.00 27.35 ? 53  ILE A CG2 1 
ATOM   43   C CD1 . ILE A 1 5   ? -3.316  1.342   9.441   1.00 26.84 ? 53  ILE A CD1 1 
ATOM   44   N N   . LEU A 1 6   ? -6.937  4.340   8.621   1.00 27.50 ? 54  LEU A N   1 
ATOM   45   C CA  . LEU A 1 6   ? -8.256  4.898   8.361   1.00 27.52 ? 54  LEU A CA  1 
ATOM   46   C C   . LEU A 1 6   ? -9.267  3.768   8.273   1.00 27.35 ? 54  LEU A C   1 
ATOM   47   O O   . LEU A 1 6   ? -9.244  2.959   7.340   1.00 27.47 ? 54  LEU A O   1 
ATOM   48   C CB  . LEU A 1 6   ? -8.231  5.702   7.060   1.00 27.28 ? 54  LEU A CB  1 
ATOM   49   C CG  . LEU A 1 6   ? -9.418  6.609   6.742   1.00 28.07 ? 54  LEU A CG  1 
ATOM   50   C CD1 . LEU A 1 6   ? -9.643  7.611   7.866   1.00 26.51 ? 54  LEU A CD1 1 
ATOM   51   C CD2 . LEU A 1 6   ? -9.144  7.327   5.423   1.00 27.36 ? 54  LEU A CD2 1 
ATOM   52   N N   . THR A 1 7   ? -10.141 3.713   9.270   1.00 26.94 ? 55  THR A N   1 
ATOM   53   C CA  . THR A 1 7   ? -11.167 2.688   9.353   1.00 27.82 ? 55  THR A CA  1 
ATOM   54   C C   . THR A 1 7   ? -12.413 3.028   8.538   1.00 26.13 ? 55  THR A C   1 
ATOM   55   O O   . THR A 1 7   ? -12.928 4.148   8.594   1.00 25.14 ? 55  THR A O   1 
ATOM   56   C CB  . THR A 1 7   ? -11.599 2.462   10.819  1.00 28.85 ? 55  THR A CB  1 
ATOM   57   O OG1 . THR A 1 7   ? -10.498 1.930   11.563  1.00 32.49 ? 55  THR A OG1 1 
ATOM   58   C CG2 . THR A 1 7   ? -12.763 1.495   10.891  1.00 30.88 ? 55  THR A CG2 1 
ATOM   59   N N   . ASN A 1 8   ? -12.887 2.041   7.784   1.00 24.55 ? 56  ASN A N   1 
ATOM   60   C CA  . ASN A 1 8   ? -14.083 2.195   6.969   1.00 22.94 ? 56  ASN A CA  1 
ATOM   61   C C   . ASN A 1 8   ? -15.273 1.741   7.820   1.00 21.79 ? 56  ASN A C   1 
ATOM   62   O O   . ASN A 1 8   ? -15.751 0.612   7.699   1.00 22.35 ? 56  ASN A O   1 
ATOM   63   C CB  . ASN A 1 8   ? -13.946 1.339   5.715   1.00 22.53 ? 56  ASN A CB  1 
ATOM   64   C CG  . ASN A 1 8   ? -15.209 1.335   4.871   1.00 23.61 ? 56  ASN A CG  1 
ATOM   65   O OD1 . ASN A 1 8   ? -16.103 2.160   5.064   1.00 23.67 ? 56  ASN A OD1 1 
ATOM   66   N ND2 . ASN A 1 8   ? -15.283 0.405   3.925   1.00 20.63 ? 56  ASN A ND2 1 
ATOM   67   N N   . ASP A 1 9   ? -15.738 2.639   8.681   1.00 20.70 ? 57  ASP A N   1 
ATOM   68   C CA  . ASP A 1 9   ? -16.825 2.348   9.602   1.00 22.41 ? 57  ASP A CA  1 
ATOM   69   C C   . ASP A 1 9   ? -18.152 3.002   9.216   1.00 22.58 ? 57  ASP A C   1 
ATOM   70   O O   . ASP A 1 9   ? -19.063 3.084   10.036  1.00 22.83 ? 57  ASP A O   1 
ATOM   71   C CB  . ASP A 1 9   ? -16.424 2.797   11.015  1.00 22.09 ? 57  ASP A CB  1 
ATOM   72   C CG  . ASP A 1 9   ? -16.193 4.295   11.101  1.00 24.34 ? 57  ASP A CG  1 
ATOM   73   O OD1 . ASP A 1 9   ? -16.481 4.991   10.098  1.00 24.22 ? 57  ASP A OD1 1 
ATOM   74   O OD2 . ASP A 1 9   ? -15.735 4.780   12.165  1.00 22.72 ? 57  ASP A OD2 1 
ATOM   75   N N   . GLY A 1 10  ? -18.256 3.474   7.978   1.00 21.98 ? 58  GLY A N   1 
ATOM   76   C CA  . GLY A 1 10  ? -19.489 4.099   7.533   1.00 20.82 ? 58  GLY A CA  1 
ATOM   77   C C   . GLY A 1 10  ? -19.884 5.410   8.192   1.00 20.68 ? 58  GLY A C   1 
ATOM   78   O O   . GLY A 1 10  ? -21.064 5.744   8.230   1.00 20.69 ? 58  GLY A O   1 
ATOM   79   N N   . THR A 1 11  ? -18.919 6.156   8.722   1.00 20.18 ? 59  THR A N   1 
ATOM   80   C CA  . THR A 1 11  ? -19.228 7.446   9.349   1.00 18.84 ? 59  THR A CA  1 
ATOM   81   C C   . THR A 1 11  ? -18.882 8.537   8.345   1.00 17.63 ? 59  THR A C   1 
ATOM   82   O O   . THR A 1 11  ? -18.037 8.340   7.483   1.00 16.70 ? 59  THR A O   1 
ATOM   83   C CB  . THR A 1 11  ? -18.392 7.694   10.630  1.00 19.58 ? 59  THR A CB  1 
ATOM   84   O OG1 . THR A 1 11  ? -16.997 7.676   10.297  1.00 17.72 ? 59  THR A OG1 1 
ATOM   85   C CG2 . THR A 1 11  ? -18.691 6.625   11.687  1.00 19.88 ? 59  THR A CG2 1 
ATOM   86   N N   . HIS A 1 12  ? -19.539 9.685   8.451   1.00 18.52 ? 60  HIS A N   1 
ATOM   87   C CA  . HIS A 1 12  ? -19.278 10.785  7.528   1.00 19.97 ? 60  HIS A CA  1 
ATOM   88   C C   . HIS A 1 12  ? -17.806 11.186  7.510   1.00 20.82 ? 60  HIS A C   1 
ATOM   89   O O   . HIS A 1 12  ? -17.224 11.409  6.445   1.00 19.64 ? 60  HIS A O   1 
ATOM   90   C CB  . HIS A 1 12  ? -20.139 12.001  7.896   1.00 19.27 ? 60  HIS A CB  1 
ATOM   91   C CG  . HIS A 1 12  ? -21.604 11.808  7.643   1.00 20.71 ? 60  HIS A CG  1 
ATOM   92   N ND1 . HIS A 1 12  ? -22.138 11.732  6.375   1.00 20.44 ? 60  HIS A ND1 1 
ATOM   93   C CD2 . HIS A 1 12  ? -22.648 11.685  8.499   1.00 20.05 ? 60  HIS A CD2 1 
ATOM   94   C CE1 . HIS A 1 12  ? -23.446 11.571  6.459   1.00 21.65 ? 60  HIS A CE1 1 
ATOM   95   N NE2 . HIS A 1 12  ? -23.782 11.539  7.736   1.00 20.13 ? 60  HIS A NE2 1 
ATOM   96   N N   . ARG A 1 13  ? -17.203 11.276  8.691   1.00 22.73 ? 61  ARG A N   1 
ATOM   97   C CA  . ARG A 1 13  ? -15.795 11.665  8.794   1.00 23.07 ? 61  ARG A CA  1 
ATOM   98   C C   . ARG A 1 13  ? -14.817 10.710  8.102   1.00 21.42 ? 61  ARG A C   1 
ATOM   99   O O   . ARG A 1 13  ? -14.007 11.139  7.284   1.00 21.64 ? 61  ARG A O   1 
ATOM   100  C CB  . ARG A 1 13  ? -15.391 11.831  10.266  1.00 26.53 ? 61  ARG A CB  1 
ATOM   101  C CG  . ARG A 1 13  ? -13.902 12.132  10.443  1.00 31.43 ? 61  ARG A CG  1 
ATOM   102  C CD  . ARG A 1 13  ? -13.514 12.359  11.901  1.00 35.07 ? 61  ARG A CD  1 
ATOM   103  N NE  . ARG A 1 13  ? -12.064 12.477  12.051  1.00 38.90 ? 61  ARG A NE  1 
ATOM   104  C CZ  . ARG A 1 13  ? -11.206 11.473  11.870  1.00 41.43 ? 61  ARG A CZ  1 
ATOM   105  N NH1 . ARG A 1 13  ? -11.650 10.266  11.533  1.00 41.83 ? 61  ARG A NH1 1 
ATOM   106  N NH2 . ARG A 1 13  ? -9.901  11.674  12.015  1.00 41.34 ? 61  ARG A NH2 1 
ATOM   107  N N   . ASN A 1 14  ? -14.883 9.420   8.420   1.00 20.15 ? 62  ASN A N   1 
ATOM   108  C CA  . ASN A 1 14  ? -13.968 8.459   7.802   1.00 19.56 ? 62  ASN A CA  1 
ATOM   109  C C   . ASN A 1 14  ? -14.280 8.212   6.324   1.00 20.01 ? 62  ASN A C   1 
ATOM   110  O O   . ASN A 1 14  ? -13.370 8.023   5.517   1.00 17.77 ? 62  ASN A O   1 
ATOM   111  C CB  . ASN A 1 14  ? -13.968 7.124   8.557   1.00 17.59 ? 62  ASN A CB  1 
ATOM   112  C CG  . ASN A 1 14  ? -13.352 7.235   9.951   1.00 18.62 ? 62  ASN A CG  1 
ATOM   113  O OD1 . ASN A 1 14  ? -12.962 6.234   10.556  1.00 19.32 ? 62  ASN A OD1 1 
ATOM   114  N ND2 . ASN A 1 14  ? -13.277 8.451   10.466  1.00 15.36 ? 62  ASN A ND2 1 
ATOM   115  N N   . MET A 1 15  ? -15.558 8.211   5.958   1.00 21.23 ? 63  MET A N   1 
ATOM   116  C CA  . MET A 1 15  ? -15.913 7.987   4.555   1.00 23.17 ? 63  MET A CA  1 
ATOM   117  C C   . MET A 1 15  ? -15.375 9.132   3.691   1.00 22.07 ? 63  MET A C   1 
ATOM   118  O O   . MET A 1 15  ? -14.924 8.913   2.566   1.00 20.52 ? 63  MET A O   1 
ATOM   119  C CB  . MET A 1 15  ? -17.431 7.856   4.395   1.00 25.34 ? 63  MET A CB  1 
ATOM   120  C CG  . MET A 1 15  ? -18.001 6.611   5.066   1.00 29.88 ? 63  MET A CG  1 
ATOM   121  S SD  . MET A 1 15  ? -17.043 5.093   4.731   1.00 38.08 ? 63  MET A SD  1 
ATOM   122  C CE  . MET A 1 15  ? -18.098 4.274   3.534   1.00 34.87 ? 63  MET A CE  1 
ATOM   123  N N   . LYS A 1 16  ? -15.415 10.347  4.232   1.00 22.56 ? 64  LYS A N   1 
ATOM   124  C CA  . LYS A 1 16  ? -14.911 11.517  3.520   1.00 22.84 ? 64  LYS A CA  1 
ATOM   125  C C   . LYS A 1 16  ? -13.400 11.411  3.340   1.00 22.22 ? 64  LYS A C   1 
ATOM   126  O O   . LYS A 1 16  ? -12.846 11.837  2.323   1.00 21.91 ? 64  LYS A O   1 
ATOM   127  C CB  . LYS A 1 16  ? -15.227 12.799  4.296   1.00 23.52 ? 64  LYS A CB  1 
ATOM   128  C CG  . LYS A 1 16  ? -14.631 14.061  3.657   1.00 25.37 ? 64  LYS A CG  1 
ATOM   129  C CD  . LYS A 1 16  ? -14.817 15.294  4.534   1.00 25.59 ? 64  LYS A CD  1 
ATOM   130  C CE  . LYS A 1 16  ? -14.319 16.547  3.826   1.00 25.71 ? 64  LYS A CE  1 
ATOM   131  N NZ  . LYS A 1 16  ? -12.916 16.382  3.342   1.00 27.45 ? 64  LYS A NZ  1 
ATOM   132  N N   . LEU A 1 17  ? -12.729 10.854  4.342   1.00 21.55 ? 65  LEU A N   1 
ATOM   133  C CA  . LEU A 1 17  ? -11.282 10.710  4.282   1.00 19.73 ? 65  LEU A CA  1 
ATOM   134  C C   . LEU A 1 17  ? -10.911 9.614   3.285   1.00 17.23 ? 65  LEU A C   1 
ATOM   135  O O   . LEU A 1 17  ? -9.930  9.748   2.563   1.00 17.09 ? 65  LEU A O   1 
ATOM   136  C CB  . LEU A 1 17  ? -10.713 10.401  5.677   1.00 19.53 ? 65  LEU A CB  1 
ATOM   137  C CG  . LEU A 1 17  ? -10.972 11.450  6.773   1.00 20.25 ? 65  LEU A CG  1 
ATOM   138  C CD1 . LEU A 1 17  ? -10.406 10.978  8.108   1.00 22.13 ? 65  LEU A CD1 1 
ATOM   139  C CD2 . LEU A 1 17  ? -10.332 12.765  6.388   1.00 21.23 ? 65  LEU A CD2 1 
ATOM   140  N N   . LEU A 1 18  ? -11.696 8.541   3.238   1.00 16.71 ? 66  LEU A N   1 
ATOM   141  C CA  . LEU A 1 18  ? -11.433 7.452   2.296   1.00 16.84 ? 66  LEU A CA  1 
ATOM   142  C C   . LEU A 1 18  ? -11.672 7.892   0.852   1.00 16.39 ? 66  LEU A C   1 
ATOM   143  O O   . LEU A 1 18  ? -10.956 7.475   -0.060  1.00 15.55 ? 66  LEU A O   1 
ATOM   144  C CB  . LEU A 1 18  ? -12.318 6.235   2.588   1.00 17.81 ? 66  LEU A CB  1 
ATOM   145  C CG  . LEU A 1 18  ? -11.876 5.155   3.579   1.00 21.29 ? 66  LEU A CG  1 
ATOM   146  C CD1 . LEU A 1 18  ? -10.422 4.779   3.316   1.00 18.80 ? 66  LEU A CD1 1 
ATOM   147  C CD2 . LEU A 1 18  ? -12.041 5.647   5.000   1.00 24.03 ? 66  LEU A CD2 1 
ATOM   148  N N   . ILE A 1 19  ? -12.690 8.721   0.640   1.00 16.57 ? 67  ILE A N   1 
ATOM   149  C CA  . ILE A 1 19  ? -12.992 9.203   -0.709  1.00 16.76 ? 67  ILE A CA  1 
ATOM   150  C C   . ILE A 1 19  ? -11.878 10.140  -1.163  1.00 15.33 ? 67  ILE A C   1 
ATOM   151  O O   . ILE A 1 19  ? -11.395 10.037  -2.289  1.00 13.48 ? 67  ILE A O   1 
ATOM   152  C CB  . ILE A 1 19  ? -14.352 9.942   -0.752  1.00 15.73 ? 67  ILE A CB  1 
ATOM   153  C CG1 . ILE A 1 19  ? -15.472 8.957   -0.433  1.00 15.92 ? 67  ILE A CG1 1 
ATOM   154  C CG2 . ILE A 1 19  ? -14.571 10.566  -2.134  1.00 15.94 ? 67  ILE A CG2 1 
ATOM   155  C CD1 . ILE A 1 19  ? -16.833 9.606   -0.265  1.00 18.93 ? 67  ILE A CD1 1 
ATOM   156  N N   . ASP A 1 20  ? -11.458 11.040  -0.275  1.00 15.91 ? 68  ASP A N   1 
ATOM   157  C CA  . ASP A 1 20  ? -10.376 11.965  -0.598  1.00 16.32 ? 68  ASP A CA  1 
ATOM   158  C C   . ASP A 1 20  ? -9.136  11.185  -1.003  1.00 16.33 ? 68  ASP A C   1 
ATOM   159  O O   . ASP A 1 20  ? -8.444  11.543  -1.960  1.00 16.59 ? 68  ASP A O   1 
ATOM   160  C CB  . ASP A 1 20  ? -10.043 12.849  0.600   1.00 18.68 ? 68  ASP A CB  1 
ATOM   161  C CG  . ASP A 1 20  ? -11.153 13.810  0.927   1.00 20.54 ? 68  ASP A CG  1 
ATOM   162  O OD1 . ASP A 1 20  ? -11.872 14.200  -0.018  1.00 24.03 ? 68  ASP A OD1 1 
ATOM   163  O OD2 . ASP A 1 20  ? -11.301 14.194  2.107   1.00 20.19 ? 68  ASP A OD2 1 
ATOM   164  N N   . LEU A 1 21  ? -8.869  10.105  -0.276  1.00 15.04 ? 69  LEU A N   1 
ATOM   165  C CA  . LEU A 1 21  ? -7.710  9.264   -0.548  1.00 15.15 ? 69  LEU A CA  1 
ATOM   166  C C   . LEU A 1 21  ? -7.881  8.504   -1.867  1.00 15.23 ? 69  LEU A C   1 
ATOM   167  O O   . LEU A 1 21  ? -6.927  8.343   -2.636  1.00 12.55 ? 69  LEU A O   1 
ATOM   168  C CB  . LEU A 1 21  ? -7.511  8.292   0.616   1.00 15.15 ? 69  LEU A CB  1 
ATOM   169  C CG  . LEU A 1 21  ? -6.362  7.284   0.641   1.00 16.13 ? 69  LEU A CG  1 
ATOM   170  C CD1 . LEU A 1 21  ? -6.788  6.112   -0.171  1.00 19.65 ? 69  LEU A CD1 1 
ATOM   171  C CD2 . LEU A 1 21  ? -5.046  7.881   0.142   1.00 12.24 ? 69  LEU A CD2 1 
ATOM   172  N N   . LYS A 1 22  ? -9.101  8.030   -2.118  1.00 14.75 ? 70  LYS A N   1 
ATOM   173  C CA  . LYS A 1 22  ? -9.393  7.302   -3.347  1.00 13.58 ? 70  LYS A CA  1 
ATOM   174  C C   . LYS A 1 22  ? -9.196  8.244   -4.536  1.00 12.88 ? 70  LYS A C   1 
ATOM   175  O O   . LYS A 1 22  ? -8.678  7.848   -5.572  1.00 14.73 ? 70  LYS A O   1 
ATOM   176  C CB  . LYS A 1 22  ? -10.828 6.746   -3.302  1.00 14.07 ? 70  LYS A CB  1 
ATOM   177  C CG  . LYS A 1 22  ? -11.367 6.236   -4.645  1.00 12.31 ? 70  LYS A CG  1 
ATOM   178  C CD  . LYS A 1 22  ? -11.974 7.381   -5.461  1.00 13.14 ? 70  LYS A CD  1 
ATOM   179  C CE  . LYS A 1 22  ? -13.190 7.985   -4.752  1.00 12.85 ? 70  LYS A CE  1 
ATOM   180  N NZ  . LYS A 1 22  ? -13.953 8.967   -5.589  1.00 14.65 ? 70  LYS A NZ  1 
ATOM   181  N N   . ASN A 1 23  ? -9.587  9.500   -4.373  1.00 13.75 ? 71  ASN A N   1 
ATOM   182  C CA  . ASN A 1 23  ? -9.427  10.490  -5.437  1.00 15.39 ? 71  ASN A CA  1 
ATOM   183  C C   . ASN A 1 23  ? -7.954  10.805  -5.670  1.00 17.57 ? 71  ASN A C   1 
ATOM   184  O O   . ASN A 1 23  ? -7.548  11.077  -6.806  1.00 18.79 ? 71  ASN A O   1 
ATOM   185  C CB  . ASN A 1 23  ? -10.202 11.772  -5.106  1.00 15.11 ? 71  ASN A CB  1 
ATOM   186  C CG  . ASN A 1 23  ? -11.706 11.623  -5.346  1.00 17.05 ? 71  ASN A CG  1 
ATOM   187  O OD1 . ASN A 1 23  ? -12.524 12.381  -4.811  1.00 17.82 ? 71  ASN A OD1 1 
ATOM   188  N ND2 . ASN A 1 23  ? -12.069 10.651  -6.165  1.00 16.02 ? 71  ASN A ND2 1 
ATOM   189  N N   . ILE A 1 24  ? -7.145  10.769  -4.607  1.00 16.74 ? 72  ILE A N   1 
ATOM   190  C CA  . ILE A 1 24  ? -5.716  11.029  -4.769  1.00 15.78 ? 72  ILE A CA  1 
ATOM   191  C C   . ILE A 1 24  ? -5.116  9.862   -5.548  1.00 16.93 ? 72  ILE A C   1 
ATOM   192  O O   . ILE A 1 24  ? -4.284  10.058  -6.435  1.00 16.45 ? 72  ILE A O   1 
ATOM   193  C CB  . ILE A 1 24  ? -4.990  11.136  -3.411  1.00 14.96 ? 72  ILE A CB  1 
ATOM   194  C CG1 . ILE A 1 24  ? -5.374  12.440  -2.713  1.00 15.82 ? 72  ILE A CG1 1 
ATOM   195  C CG2 . ILE A 1 24  ? -3.489  11.071  -3.627  1.00 15.11 ? 72  ILE A CG2 1 
ATOM   196  C CD1 . ILE A 1 24  ? -4.872  12.544  -1.271  1.00 17.58 ? 72  ILE A CD1 1 
ATOM   197  N N   . PHE A 1 25  ? -5.535  8.645   -5.196  1.00 16.85 ? 73  PHE A N   1 
ATOM   198  C CA  . PHE A 1 25  ? -5.056  7.436   -5.863  1.00 16.34 ? 73  PHE A CA  1 
ATOM   199  C C   . PHE A 1 25  ? -5.334  7.477   -7.367  1.00 16.16 ? 73  PHE A C   1 
ATOM   200  O O   . PHE A 1 25  ? -4.441  7.216   -8.176  1.00 15.00 ? 73  PHE A O   1 
ATOM   201  C CB  . PHE A 1 25  ? -5.748  6.204   -5.285  1.00 16.54 ? 73  PHE A CB  1 
ATOM   202  C CG  . PHE A 1 25  ? -5.163  5.714   -3.991  1.00 18.19 ? 73  PHE A CG  1 
ATOM   203  C CD1 . PHE A 1 25  ? -5.872  4.816   -3.203  1.00 18.08 ? 73  PHE A CD1 1 
ATOM   204  C CD2 . PHE A 1 25  ? -3.878  6.092   -3.587  1.00 18.31 ? 73  PHE A CD2 1 
ATOM   205  C CE1 . PHE A 1 25  ? -5.309  4.292   -2.033  1.00 18.46 ? 73  PHE A CE1 1 
ATOM   206  C CE2 . PHE A 1 25  ? -3.309  5.574   -2.424  1.00 16.45 ? 73  PHE A CE2 1 
ATOM   207  C CZ  . PHE A 1 25  ? -4.022  4.676   -1.648  1.00 16.58 ? 73  PHE A CZ  1 
ATOM   208  N N   . SER A 1 26  ? -6.577  7.798   -7.740  1.00 17.35 ? 74  SER A N   1 
ATOM   209  C CA  . SER A 1 26  ? -6.950  7.822   -9.159  1.00 18.27 ? 74  SER A CA  1 
ATOM   210  C C   . SER A 1 26  ? -6.162  8.872   -9.916  1.00 17.19 ? 74  SER A C   1 
ATOM   211  O O   . SER A 1 26  ? -5.580  8.579   -10.951 1.00 17.64 ? 74  SER A O   1 
ATOM   212  C CB  . SER A 1 26  ? -8.462  8.050   -9.337  1.00 17.79 ? 74  SER A CB  1 
ATOM   213  O OG  . SER A 1 26  ? -8.858  9.328   -8.873  1.00 24.36 ? 74  SER A OG  1 
ATOM   214  N N   . ARG A 1 27  ? -6.127  10.090  -9.387  1.00 18.64 ? 75  ARG A N   1 
ATOM   215  C CA  . ARG A 1 27  ? -5.377  11.158  -10.028 1.00 20.61 ? 75  ARG A CA  1 
ATOM   216  C C   . ARG A 1 27  ? -3.906  10.788  -10.217 1.00 20.66 ? 75  ARG A C   1 
ATOM   217  O O   . ARG A 1 27  ? -3.315  11.112  -11.252 1.00 21.98 ? 75  ARG A O   1 
ATOM   218  C CB  . ARG A 1 27  ? -5.485  12.446  -9.209  1.00 24.22 ? 75  ARG A CB  1 
ATOM   219  C CG  . ARG A 1 27  ? -4.572  13.569  -9.692  1.00 30.52 ? 75  ARG A CG  1 
ATOM   220  C CD  . ARG A 1 27  ? -4.695  13.812  -11.198 1.00 36.80 ? 75  ARG A CD  1 
ATOM   221  N NE  . ARG A 1 27  ? -6.031  14.249  -11.601 1.00 42.15 ? 75  ARG A NE  1 
ATOM   222  C CZ  . ARG A 1 27  ? -6.462  15.509  -11.564 1.00 43.89 ? 75  ARG A CZ  1 
ATOM   223  N NH1 . ARG A 1 27  ? -5.663  16.483  -11.144 1.00 44.99 ? 75  ARG A NH1 1 
ATOM   224  N NH2 . ARG A 1 27  ? -7.698  15.797  -11.957 1.00 43.46 ? 75  ARG A NH2 1 
ATOM   225  N N   . GLN A 1 28  ? -3.320  10.099  -9.233  1.00 18.58 ? 76  GLN A N   1 
ATOM   226  C CA  . GLN A 1 28  ? -1.912  9.711   -9.305  1.00 16.95 ? 76  GLN A CA  1 
ATOM   227  C C   . GLN A 1 28  ? -1.633  8.389   -10.026 1.00 16.17 ? 76  GLN A C   1 
ATOM   228  O O   . GLN A 1 28  ? -0.493  8.103   -10.386 1.00 14.91 ? 76  GLN A O   1 
ATOM   229  C CB  . GLN A 1 28  ? -1.301  9.662   -7.896  1.00 17.54 ? 76  GLN A CB  1 
ATOM   230  C CG  . GLN A 1 28  ? -1.058  11.032  -7.256  1.00 16.26 ? 76  GLN A CG  1 
ATOM   231  C CD  . GLN A 1 28  ? -0.223  11.966  -8.132  1.00 15.29 ? 76  GLN A CD  1 
ATOM   232  O OE1 . GLN A 1 28  ? 0.880   11.629  -8.535  1.00 15.27 ? 76  GLN A OE1 1 
ATOM   233  N NE2 . GLN A 1 28  ? -0.756  13.147  -8.416  1.00 17.78 ? 76  GLN A NE2 1 
ATOM   234  N N   . LEU A 1 29  ? -2.666  7.579   -10.227 1.00 16.30 ? 77  LEU A N   1 
ATOM   235  C CA  . LEU A 1 29  ? -2.517  6.296   -10.912 1.00 17.21 ? 77  LEU A CA  1 
ATOM   236  C C   . LEU A 1 29  ? -3.502  6.257   -12.100 1.00 19.27 ? 77  LEU A C   1 
ATOM   237  O O   . LEU A 1 29  ? -4.461  5.475   -12.110 1.00 18.28 ? 77  LEU A O   1 
ATOM   238  C CB  . LEU A 1 29  ? -2.814  5.154   -9.935  1.00 17.38 ? 77  LEU A CB  1 
ATOM   239  C CG  . LEU A 1 29  ? -1.950  4.991   -8.673  1.00 16.05 ? 77  LEU A CG  1 
ATOM   240  C CD1 . LEU A 1 29  ? -2.569  3.928   -7.780  1.00 13.30 ? 77  LEU A CD1 1 
ATOM   241  C CD2 . LEU A 1 29  ? -0.533  4.578   -9.051  1.00 15.63 ? 77  LEU A CD2 1 
ATOM   242  N N   . PRO A 1 30  ? -3.260  7.091   -13.126 1.00 20.35 ? 78  PRO A N   1 
ATOM   243  C CA  . PRO A 1 30  ? -4.116  7.175   -14.318 1.00 20.76 ? 78  PRO A CA  1 
ATOM   244  C C   . PRO A 1 30  ? -4.403  5.890   -15.092 1.00 19.63 ? 78  PRO A C   1 
ATOM   245  O O   . PRO A 1 30  ? -5.443  5.786   -15.731 1.00 20.11 ? 78  PRO A O   1 
ATOM   246  C CB  . PRO A 1 30  ? -3.421  8.245   -15.171 1.00 21.54 ? 78  PRO A CB  1 
ATOM   247  C CG  . PRO A 1 30  ? -1.982  8.097   -14.791 1.00 21.65 ? 78  PRO A CG  1 
ATOM   248  C CD  . PRO A 1 30  ? -2.057  7.930   -13.290 1.00 20.47 ? 78  PRO A CD  1 
ATOM   249  N N   . LYS A 1 31  ? -3.506  4.910   -15.042 1.00 18.49 ? 79  LYS A N   1 
ATOM   250  C CA  . LYS A 1 31  ? -3.738  3.663   -15.766 1.00 18.33 ? 79  LYS A CA  1 
ATOM   251  C C   . LYS A 1 31  ? -4.721  2.760   -15.037 1.00 18.67 ? 79  LYS A C   1 
ATOM   252  O O   . LYS A 1 31  ? -5.095  1.698   -15.527 1.00 16.49 ? 79  LYS A O   1 
ATOM   253  C CB  . LYS A 1 31  ? -2.426  2.906   -15.973 1.00 20.11 ? 79  LYS A CB  1 
ATOM   254  C CG  . LYS A 1 31  ? -1.541  3.453   -17.090 1.00 22.02 ? 79  LYS A CG  1 
ATOM   255  C CD  . LYS A 1 31  ? -0.218  2.700   -17.132 1.00 25.38 ? 79  LYS A CD  1 
ATOM   256  C CE  . LYS A 1 31  ? 0.620   3.098   -18.338 1.00 27.05 ? 79  LYS A CE  1 
ATOM   257  N NZ  . LYS A 1 31  ? 0.625   4.574   -18.475 1.00 29.67 ? 79  LYS A NZ  1 
ATOM   258  N N   . MET A 1 32  ? -5.140  3.188   -13.857 1.00 18.66 ? 80  MET A N   1 
ATOM   259  C CA  . MET A 1 32  ? -6.056  2.385   -13.066 1.00 18.78 ? 80  MET A CA  1 
ATOM   260  C C   . MET A 1 32  ? -7.525  2.802   -13.198 1.00 19.17 ? 80  MET A C   1 
ATOM   261  O O   . MET A 1 32  ? -7.860  3.993   -13.125 1.00 17.79 ? 80  MET A O   1 
ATOM   262  C CB  . MET A 1 32  ? -5.632  2.449   -11.593 1.00 19.86 ? 80  MET A CB  1 
ATOM   263  C CG  . MET A 1 32  ? -5.862  1.167   -10.830 1.00 21.25 ? 80  MET A CG  1 
ATOM   264  S SD  . MET A 1 32  ? -4.616  -0.124  -11.036 1.00 19.43 ? 80  MET A SD  1 
ATOM   265  C CE  . MET A 1 32  ? -3.918  0.215   -12.648 1.00 22.18 ? 80  MET A CE  1 
ATOM   266  N N   . PRO A 1 33  ? -8.416  1.823   -13.423 1.00 18.16 ? 81  PRO A N   1 
ATOM   267  C CA  . PRO A 1 33  ? -9.837  2.145   -13.544 1.00 17.83 ? 81  PRO A CA  1 
ATOM   268  C C   . PRO A 1 33  ? -10.267 2.738   -12.206 1.00 18.80 ? 81  PRO A C   1 
ATOM   269  O O   . PRO A 1 33  ? -10.100 2.094   -11.167 1.00 19.43 ? 81  PRO A O   1 
ATOM   270  C CB  . PRO A 1 33  ? -10.482 0.783   -13.780 1.00 16.67 ? 81  PRO A CB  1 
ATOM   271  C CG  . PRO A 1 33  ? -9.418  0.010   -14.472 1.00 18.11 ? 81  PRO A CG  1 
ATOM   272  C CD  . PRO A 1 33  ? -8.170  0.398   -13.712 1.00 18.03 ? 81  PRO A CD  1 
ATOM   273  N N   . LYS A 1 34  ? -10.822 3.944   -12.221 1.00 18.81 ? 82  LYS A N   1 
ATOM   274  C CA  . LYS A 1 34  ? -11.256 4.582   -10.985 1.00 19.95 ? 82  LYS A CA  1 
ATOM   275  C C   . LYS A 1 34  ? -12.225 3.722   -10.172 1.00 20.86 ? 82  LYS A C   1 
ATOM   276  O O   . LYS A 1 34  ? -12.155 3.698   -8.937  1.00 20.25 ? 82  LYS A O   1 
ATOM   277  C CB  . LYS A 1 34  ? -11.897 5.936   -11.286 1.00 21.51 ? 82  LYS A CB  1 
ATOM   278  C CG  . LYS A 1 34  ? -12.207 6.756   -10.050 1.00 22.68 ? 82  LYS A CG  1 
ATOM   279  C CD  . LYS A 1 34  ? -12.510 8.202   -10.420 1.00 23.66 ? 82  LYS A CD  1 
ATOM   280  C CE  . LYS A 1 34  ? -12.403 9.111   -9.211  1.00 24.67 ? 82  LYS A CE  1 
ATOM   281  N NZ  . LYS A 1 34  ? -12.612 10.543  -9.561  1.00 24.12 ? 82  LYS A NZ  1 
ATOM   282  N N   . GLU A 1 35  ? -13.133 3.022   -10.850 1.00 19.33 ? 83  GLU A N   1 
ATOM   283  C CA  . GLU A 1 35  ? -14.089 2.188   -10.133 1.00 18.41 ? 83  GLU A CA  1 
ATOM   284  C C   . GLU A 1 35  ? -13.393 0.989   -9.473  1.00 16.39 ? 83  GLU A C   1 
ATOM   285  O O   . GLU A 1 35  ? -13.928 0.398   -8.529  1.00 14.52 ? 83  GLU A O   1 
ATOM   286  C CB  . GLU A 1 35  ? -15.201 1.696   -11.074 1.00 21.12 ? 83  GLU A CB  1 
ATOM   287  C CG  . GLU A 1 35  ? -15.081 0.235   -11.491 1.00 29.02 ? 83  GLU A CG  1 
ATOM   288  C CD  . GLU A 1 35  ? -14.135 0.026   -12.650 1.00 33.17 ? 83  GLU A CD  1 
ATOM   289  O OE1 . GLU A 1 35  ? -13.544 -1.080  -12.742 1.00 34.86 ? 83  GLU A OE1 1 
ATOM   290  O OE2 . GLU A 1 35  ? -14.005 0.965   -13.472 1.00 37.21 ? 83  GLU A OE2 1 
ATOM   291  N N   . TYR A 1 36  ? -12.219 0.622   -9.976  1.00 13.48 ? 84  TYR A N   1 
ATOM   292  C CA  . TYR A 1 36  ? -11.468 -0.500  -9.401  1.00 15.54 ? 84  TYR A CA  1 
ATOM   293  C C   . TYR A 1 36  ? -10.798 -0.043  -8.087  1.00 14.70 ? 84  TYR A C   1 
ATOM   294  O O   . TYR A 1 36  ? -10.709 -0.795  -7.117  1.00 16.74 ? 84  TYR A O   1 
ATOM   295  C CB  . TYR A 1 36  ? -10.405 -0.991  -10.397 1.00 15.29 ? 84  TYR A CB  1 
ATOM   296  C CG  . TYR A 1 36  ? -9.537  -2.130  -9.897  1.00 15.80 ? 84  TYR A CG  1 
ATOM   297  C CD1 . TYR A 1 36  ? -10.087 -3.380  -9.606  1.00 15.90 ? 84  TYR A CD1 1 
ATOM   298  C CD2 . TYR A 1 36  ? -8.157  -1.961  -9.735  1.00 14.63 ? 84  TYR A CD2 1 
ATOM   299  C CE1 . TYR A 1 36  ? -9.282  -4.440  -9.169  1.00 15.04 ? 84  TYR A CE1 1 
ATOM   300  C CE2 . TYR A 1 36  ? -7.347  -3.010  -9.300  1.00 15.31 ? 84  TYR A CE2 1 
ATOM   301  C CZ  . TYR A 1 36  ? -7.915  -4.243  -9.023  1.00 15.55 ? 84  TYR A CZ  1 
ATOM   302  O OH  . TYR A 1 36  ? -7.108  -5.285  -8.625  1.00 16.84 ? 84  TYR A OH  1 
ATOM   303  N N   . ILE A 1 37  ? -10.339 1.200   -8.066  1.00 13.53 ? 85  ILE A N   1 
ATOM   304  C CA  . ILE A 1 37  ? -9.711  1.754   -6.885  1.00 13.98 ? 85  ILE A CA  1 
ATOM   305  C C   . ILE A 1 37  ? -10.776 1.812   -5.786  1.00 14.79 ? 85  ILE A C   1 
ATOM   306  O O   . ILE A 1 37  ? -10.514 1.441   -4.633  1.00 12.98 ? 85  ILE A O   1 
ATOM   307  C CB  . ILE A 1 37  ? -9.167  3.168   -7.163  1.00 14.11 ? 85  ILE A CB  1 
ATOM   308  C CG1 . ILE A 1 37  ? -8.079  3.099   -8.236  1.00 13.34 ? 85  ILE A CG1 1 
ATOM   309  C CG2 . ILE A 1 37  ? -8.621  3.774   -5.884  1.00 14.81 ? 85  ILE A CG2 1 
ATOM   310  C CD1 . ILE A 1 37  ? -7.432  4.446   -8.575  1.00 11.89 ? 85  ILE A CD1 1 
ATOM   311  N N   . VAL A 1 38  ? -11.973 2.268   -6.165  1.00 13.20 ? 86  VAL A N   1 
ATOM   312  C CA  . VAL A 1 38  ? -13.120 2.373   -5.262  1.00 13.52 ? 86  VAL A CA  1 
ATOM   313  C C   . VAL A 1 38  ? -13.479 1.008   -4.682  1.00 15.08 ? 86  VAL A C   1 
ATOM   314  O O   . VAL A 1 38  ? -13.766 0.879   -3.489  1.00 15.23 ? 86  VAL A O   1 
ATOM   315  C CB  . VAL A 1 38  ? -14.394 2.903   -6.001  1.00 14.84 ? 86  VAL A CB  1 
ATOM   316  C CG1 . VAL A 1 38  ? -15.629 2.601   -5.175  1.00 13.46 ? 86  VAL A CG1 1 
ATOM   317  C CG2 . VAL A 1 38  ? -14.289 4.409   -6.255  1.00 13.54 ? 86  VAL A CG2 1 
ATOM   318  N N   . LYS A 1 39  ? -13.480 -0.012  -5.532  1.00 15.54 ? 87  LYS A N   1 
ATOM   319  C CA  . LYS A 1 39  ? -13.826 -1.347  -5.081  1.00 16.57 ? 87  LYS A CA  1 
ATOM   320  C C   . LYS A 1 39  ? -12.891 -1.879  -3.987  1.00 16.44 ? 87  LYS A C   1 
ATOM   321  O O   . LYS A 1 39  ? -13.340 -2.317  -2.929  1.00 13.13 ? 87  LYS A O   1 
ATOM   322  C CB  . LYS A 1 39  ? -13.825 -2.321  -6.259  1.00 18.71 ? 87  LYS A CB  1 
ATOM   323  C CG  . LYS A 1 39  ? -14.286 -3.711  -5.871  1.00 22.16 ? 87  LYS A CG  1 
ATOM   324  C CD  . LYS A 1 39  ? -14.559 -4.584  -7.086  1.00 27.82 ? 87  LYS A CD  1 
ATOM   325  C CE  . LYS A 1 39  ? -13.300 -4.892  -7.875  1.00 30.89 ? 87  LYS A CE  1 
ATOM   326  N NZ  . LYS A 1 39  ? -13.617 -5.742  -9.062  1.00 33.06 ? 87  LYS A NZ  1 
ATOM   327  N N   . LEU A 1 40  ? -11.594 -1.847  -4.254  1.00 16.47 ? 88  LEU A N   1 
ATOM   328  C CA  . LEU A 1 40  ? -10.628 -2.344  -3.294  1.00 18.26 ? 88  LEU A CA  1 
ATOM   329  C C   . LEU A 1 40  ? -10.582 -1.492  -2.032  1.00 18.14 ? 88  LEU A C   1 
ATOM   330  O O   . LEU A 1 40  ? -10.678 -2.018  -0.929  1.00 20.76 ? 88  LEU A O   1 
ATOM   331  C CB  . LEU A 1 40  ? -9.237  -2.416  -3.930  1.00 16.56 ? 88  LEU A CB  1 
ATOM   332  C CG  . LEU A 1 40  ? -9.074  -3.321  -5.154  1.00 16.81 ? 88  LEU A CG  1 
ATOM   333  C CD1 . LEU A 1 40  ? -7.604  -3.711  -5.291  1.00 17.99 ? 88  LEU A CD1 1 
ATOM   334  C CD2 . LEU A 1 40  ? -9.922  -4.579  -5.010  1.00 16.75 ? 88  LEU A CD2 1 
ATOM   335  N N   . VAL A 1 41  ? -10.456 -0.180  -2.197  1.00 18.62 ? 89  VAL A N   1 
ATOM   336  C CA  . VAL A 1 41  ? -10.382 0.728   -1.062  1.00 17.84 ? 89  VAL A CA  1 
ATOM   337  C C   . VAL A 1 41  ? -11.521 0.535   -0.063  1.00 19.45 ? 89  VAL A C   1 
ATOM   338  O O   . VAL A 1 41  ? -11.290 0.578   1.147   1.00 20.51 ? 89  VAL A O   1 
ATOM   339  C CB  . VAL A 1 41  ? -10.347 2.210   -1.526  1.00 16.85 ? 89  VAL A CB  1 
ATOM   340  C CG1 . VAL A 1 41  ? -10.476 3.141   -0.329  1.00 15.22 ? 89  VAL A CG1 1 
ATOM   341  C CG2 . VAL A 1 41  ? -9.036  2.492   -2.264  1.00 16.66 ? 89  VAL A CG2 1 
ATOM   342  N N   . PHE A 1 42  ? -12.741 0.310   -0.545  1.00 17.54 ? 90  PHE A N   1 
ATOM   343  C CA  . PHE A 1 42  ? -13.857 0.121   0.379   1.00 16.89 ? 90  PHE A CA  1 
ATOM   344  C C   . PHE A 1 42  ? -14.264 -1.332  0.636   1.00 16.32 ? 90  PHE A C   1 
ATOM   345  O O   . PHE A 1 42  ? -15.280 -1.567  1.277   1.00 17.05 ? 90  PHE A O   1 
ATOM   346  C CB  . PHE A 1 42  ? -15.099 0.894   -0.096  1.00 15.76 ? 90  PHE A CB  1 
ATOM   347  C CG  . PHE A 1 42  ? -14.888 2.372   -0.211  1.00 14.72 ? 90  PHE A CG  1 
ATOM   348  C CD1 . PHE A 1 42  ? -14.289 2.921   -1.349  1.00 14.37 ? 90  PHE A CD1 1 
ATOM   349  C CD2 . PHE A 1 42  ? -15.260 3.221   0.829   1.00 14.79 ? 90  PHE A CD2 1 
ATOM   350  C CE1 . PHE A 1 42  ? -14.057 4.298   -1.448  1.00 11.92 ? 90  PHE A CE1 1 
ATOM   351  C CE2 . PHE A 1 42  ? -15.034 4.606   0.746   1.00 14.20 ? 90  PHE A CE2 1 
ATOM   352  C CZ  . PHE A 1 42  ? -14.430 5.142   -0.398  1.00 13.41 ? 90  PHE A CZ  1 
ATOM   353  N N   . ASP A 1 43  ? -13.499 -2.310  0.163   1.00 17.14 ? 91  ASP A N   1 
ATOM   354  C CA  . ASP A 1 43  ? -13.913 -3.688  0.388   1.00 19.83 ? 91  ASP A CA  1 
ATOM   355  C C   . ASP A 1 43  ? -13.584 -4.223  1.779   1.00 22.25 ? 91  ASP A C   1 
ATOM   356  O O   . ASP A 1 43  ? -12.801 -3.621  2.530   1.00 20.09 ? 91  ASP A O   1 
ATOM   357  C CB  . ASP A 1 43  ? -13.360 -4.614  -0.698  1.00 22.42 ? 91  ASP A CB  1 
ATOM   358  C CG  . ASP A 1 43  ? -11.959 -5.109  -0.410  1.00 26.92 ? 91  ASP A CG  1 
ATOM   359  O OD1 . ASP A 1 43  ? -11.414 -5.806  -1.290  1.00 29.98 ? 91  ASP A OD1 1 
ATOM   360  O OD2 . ASP A 1 43  ? -11.403 -4.824  0.671   1.00 28.33 ? 91  ASP A OD2 1 
ATOM   361  N N   . ARG A 1 44  ? -14.180 -5.363  2.117   1.00 22.86 ? 92  ARG A N   1 
ATOM   362  C CA  . ARG A 1 44  ? -14.002 -5.955  3.433   1.00 25.28 ? 92  ARG A CA  1 
ATOM   363  C C   . ARG A 1 44  ? -12.610 -6.486  3.754   1.00 25.47 ? 92  ARG A C   1 
ATOM   364  O O   . ARG A 1 44  ? -12.337 -6.821  4.900   1.00 25.90 ? 92  ARG A O   1 
ATOM   365  C CB  . ARG A 1 44  ? -15.020 -7.077  3.631   1.00 26.83 ? 92  ARG A CB  1 
ATOM   366  C CG  . ARG A 1 44  ? -14.722 -8.339  2.838   1.00 31.25 ? 92  ARG A CG  1 
ATOM   367  C CD  . ARG A 1 44  ? -15.582 -9.509  3.317   1.00 35.95 ? 92  ARG A CD  1 
ATOM   368  N NE  . ARG A 1 44  ? -14.998 -10.796 2.934   1.00 40.63 ? 92  ARG A NE  1 
ATOM   369  C CZ  . ARG A 1 44  ? -15.365 -11.975 3.437   1.00 41.60 ? 92  ARG A CZ  1 
ATOM   370  N NH1 . ARG A 1 44  ? -16.323 -12.044 4.353   1.00 42.11 ? 92  ARG A NH1 1 
ATOM   371  N NH2 . ARG A 1 44  ? -14.761 -13.087 3.029   1.00 42.04 ? 92  ARG A NH2 1 
ATOM   372  N N   . HIS A 1 45  ? -11.730 -6.569  2.761   1.00 24.82 ? 93  HIS A N   1 
ATOM   373  C CA  . HIS A 1 45  ? -10.392 -7.091  3.010   1.00 24.61 ? 93  HIS A CA  1 
ATOM   374  C C   . HIS A 1 45  ? -9.278  -6.055  3.084   1.00 22.60 ? 93  HIS A C   1 
ATOM   375  O O   . HIS A 1 45  ? -8.206  -6.348  3.601   1.00 23.58 ? 93  HIS A O   1 
ATOM   376  C CB  . HIS A 1 45  ? -10.014 -8.112  1.938   1.00 27.00 ? 93  HIS A CB  1 
ATOM   377  C CG  . HIS A 1 45  ? -10.955 -9.270  1.848   1.00 31.61 ? 93  HIS A CG  1 
ATOM   378  N ND1 . HIS A 1 45  ? -11.242 -10.081 2.925   1.00 32.62 ? 93  HIS A ND1 1 
ATOM   379  C CD2 . HIS A 1 45  ? -11.669 -9.758  0.806   1.00 32.91 ? 93  HIS A CD2 1 
ATOM   380  C CE1 . HIS A 1 45  ? -12.093 -11.019 2.550   1.00 34.86 ? 93  HIS A CE1 1 
ATOM   381  N NE2 . HIS A 1 45  ? -12.369 -10.845 1.269   1.00 33.10 ? 93  HIS A NE2 1 
ATOM   382  N N   . HIS A 1 46  ? -9.521  -4.854  2.574   1.00 20.48 ? 94  HIS A N   1 
ATOM   383  C CA  . HIS A 1 46  ? -8.491  -3.825  2.547   1.00 18.30 ? 94  HIS A CA  1 
ATOM   384  C C   . HIS A 1 46  ? -8.523  -2.810  3.671   1.00 17.40 ? 94  HIS A C   1 
ATOM   385  O O   . HIS A 1 46  ? -9.563  -2.576  4.285   1.00 16.31 ? 94  HIS A O   1 
ATOM   386  C CB  . HIS A 1 46  ? -8.531  -3.084  1.204   1.00 16.84 ? 94  HIS A CB  1 
ATOM   387  C CG  . HIS A 1 46  ? -8.186  -3.949  0.034   1.00 15.14 ? 94  HIS A CG  1 
ATOM   388  N ND1 . HIS A 1 46  ? -8.938  -5.047  -0.328  1.00 14.30 ? 94  HIS A ND1 1 
ATOM   389  C CD2 . HIS A 1 46  ? -7.144  -3.908  -0.829  1.00 14.39 ? 94  HIS A CD2 1 
ATOM   390  C CE1 . HIS A 1 46  ? -8.371  -5.645  -1.360  1.00 14.27 ? 94  HIS A CE1 1 
ATOM   391  N NE2 . HIS A 1 46  ? -7.280  -4.975  -1.683  1.00 14.39 ? 94  HIS A NE2 1 
ATOM   392  N N   . GLU A 1 47  ? -7.363  -2.201  3.911   1.00 15.79 ? 95  GLU A N   1 
ATOM   393  C CA  . GLU A 1 47  ? -7.202  -1.184  4.946   1.00 16.36 ? 95  GLU A CA  1 
ATOM   394  C C   . GLU A 1 47  ? -6.337  -0.075  4.379   1.00 14.83 ? 95  GLU A C   1 
ATOM   395  O O   . GLU A 1 47  ? -5.533  -0.304  3.473   1.00 14.85 ? 95  GLU A O   1 
ATOM   396  C CB  . GLU A 1 47  ? -6.480  -1.758  6.169   1.00 16.48 ? 95  GLU A CB  1 
ATOM   397  C CG  . GLU A 1 47  ? -7.139  -2.939  6.848   1.00 19.24 ? 95  GLU A CG  1 
ATOM   398  C CD  . GLU A 1 47  ? -6.285  -3.456  8.000   1.00 18.71 ? 95  GLU A CD  1 
ATOM   399  O OE1 . GLU A 1 47  ? -6.109  -2.708  8.988   1.00 18.77 ? 95  GLU A OE1 1 
ATOM   400  O OE2 . GLU A 1 47  ? -5.778  -4.591  7.911   1.00 16.41 ? 95  GLU A OE2 1 
ATOM   401  N N   . SER A 1 48  ? -6.475  1.122   4.934   1.00 14.82 ? 96  SER A N   1 
ATOM   402  C CA  . SER A 1 48  ? -5.682  2.245   4.467   1.00 16.75 ? 96  SER A CA  1 
ATOM   403  C C   . SER A 1 48  ? -5.020  3.009   5.597   1.00 16.32 ? 96  SER A C   1 
ATOM   404  O O   . SER A 1 48  ? -5.635  3.252   6.630   1.00 17.25 ? 96  SER A O   1 
ATOM   405  C CB  . SER A 1 48  ? -6.551  3.227   3.676   1.00 16.40 ? 96  SER A CB  1 
ATOM   406  O OG  . SER A 1 48  ? -7.034  2.636   2.489   1.00 20.51 ? 96  SER A OG  1 
ATOM   407  N N   . MET A 1 49  ? -3.759  3.374   5.400   1.00 16.48 ? 97  MET A N   1 
ATOM   408  C CA  . MET A 1 49  ? -3.053  4.193   6.371   1.00 16.20 ? 97  MET A CA  1 
ATOM   409  C C   . MET A 1 49  ? -2.887  5.507   5.625   1.00 15.37 ? 97  MET A C   1 
ATOM   410  O O   . MET A 1 49  ? -2.340  5.530   4.521   1.00 15.49 ? 97  MET A O   1 
ATOM   411  C CB  . MET A 1 49  ? -1.682  3.620   6.708   1.00 17.08 ? 97  MET A CB  1 
ATOM   412  C CG  . MET A 1 49  ? -0.875  4.546   7.629   1.00 19.97 ? 97  MET A CG  1 
ATOM   413  S SD  . MET A 1 49  ? 0.756   3.898   8.058   1.00 22.31 ? 97  MET A SD  1 
ATOM   414  C CE  . MET A 1 49  ? 0.337   2.828   9.425   1.00 20.77 ? 97  MET A CE  1 
ATOM   415  N N   . VAL A 1 50  ? -3.360  6.595   6.212   1.00 15.05 ? 98  VAL A N   1 
ATOM   416  C CA  . VAL A 1 50  ? -3.276  7.878   5.541   1.00 17.41 ? 98  VAL A CA  1 
ATOM   417  C C   . VAL A 1 50  ? -2.323  8.868   6.198   1.00 19.63 ? 98  VAL A C   1 
ATOM   418  O O   . VAL A 1 50  ? -2.007  8.758   7.390   1.00 18.86 ? 98  VAL A O   1 
ATOM   419  C CB  . VAL A 1 50  ? -4.669  8.537   5.467   1.00 17.56 ? 98  VAL A CB  1 
ATOM   420  C CG1 . VAL A 1 50  ? -5.637  7.629   4.704   1.00 17.89 ? 98  VAL A CG1 1 
ATOM   421  C CG2 . VAL A 1 50  ? -5.196  8.791   6.872   1.00 16.00 ? 98  VAL A CG2 1 
ATOM   422  N N   . ILE A 1 51  ? -1.865  9.825   5.397   1.00 20.33 ? 99  ILE A N   1 
ATOM   423  C CA  . ILE A 1 51  ? -1.002  10.896  5.866   1.00 22.19 ? 99  ILE A CA  1 
ATOM   424  C C   . ILE A 1 51  ? -1.991  12.023  6.080   1.00 23.50 ? 99  ILE A C   1 
ATOM   425  O O   . ILE A 1 51  ? -2.503  12.593  5.121   1.00 23.79 ? 99  ILE A O   1 
ATOM   426  C CB  . ILE A 1 51  ? 0.012   11.361  4.799   1.00 21.27 ? 99  ILE A CB  1 
ATOM   427  C CG1 . ILE A 1 51  ? 0.804   10.169  4.268   1.00 19.50 ? 99  ILE A CG1 1 
ATOM   428  C CG2 . ILE A 1 51  ? 0.956   12.396  5.417   1.00 20.36 ? 99  ILE A CG2 1 
ATOM   429  C CD1 . ILE A 1 51  ? 1.790   10.531  3.198   1.00 19.42 ? 99  ILE A CD1 1 
ATOM   430  N N   . LEU A 1 52  ? -2.260  12.337  7.339   1.00 26.59 ? 100 LEU A N   1 
ATOM   431  C CA  . LEU A 1 52  ? -3.217  13.374  7.678   1.00 29.92 ? 100 LEU A CA  1 
ATOM   432  C C   . LEU A 1 52  ? -2.495  14.656  8.066   1.00 32.47 ? 100 LEU A C   1 
ATOM   433  O O   . LEU A 1 52  ? -1.643  14.667  8.960   1.00 33.36 ? 100 LEU A O   1 
ATOM   434  C CB  . LEU A 1 52  ? -4.099  12.876  8.829   1.00 29.64 ? 100 LEU A CB  1 
ATOM   435  C CG  . LEU A 1 52  ? -5.581  13.237  8.852   1.00 30.04 ? 100 LEU A CG  1 
ATOM   436  C CD1 . LEU A 1 52  ? -6.223  12.931  7.516   1.00 30.14 ? 100 LEU A CD1 1 
ATOM   437  C CD2 . LEU A 1 52  ? -6.253  12.434  9.947   1.00 29.46 ? 100 LEU A CD2 1 
ATOM   438  N N   . LYS A 1 53  ? -2.829  15.735  7.370   1.00 34.95 ? 101 LYS A N   1 
ATOM   439  C CA  . LYS A 1 53  ? -2.226  17.033  7.621   1.00 38.09 ? 101 LYS A CA  1 
ATOM   440  C C   . LYS A 1 53  ? -3.216  17.893  8.395   1.00 40.13 ? 101 LYS A C   1 
ATOM   441  O O   . LYS A 1 53  ? -4.331  18.141  7.932   1.00 40.35 ? 101 LYS A O   1 
ATOM   442  C CB  . LYS A 1 53  ? -1.863  17.702  6.295   1.00 38.52 ? 101 LYS A CB  1 
ATOM   443  C CG  . LYS A 1 53  ? -1.163  19.038  6.437   1.00 39.24 ? 101 LYS A CG  1 
ATOM   444  C CD  . LYS A 1 53  ? -0.660  19.534  5.094   1.00 41.40 ? 101 LYS A CD  1 
ATOM   445  C CE  . LYS A 1 53  ? 0.016   20.892  5.226   1.00 43.59 ? 101 LYS A CE  1 
ATOM   446  N NZ  . LYS A 1 53  ? 0.653   21.346  3.956   1.00 43.56 ? 101 LYS A NZ  1 
ATOM   447  N N   . ASN A 1 54  ? -2.804  18.334  9.579   1.00 42.13 ? 102 ASN A N   1 
ATOM   448  C CA  . ASN A 1 54  ? -3.652  19.161  10.431  1.00 44.85 ? 102 ASN A CA  1 
ATOM   449  C C   . ASN A 1 54  ? -4.881  18.390  10.906  1.00 45.88 ? 102 ASN A C   1 
ATOM   450  O O   . ASN A 1 54  ? -5.949  18.970  11.114  1.00 46.43 ? 102 ASN A O   1 
ATOM   451  C CB  . ASN A 1 54  ? -4.086  20.427  9.687   1.00 46.44 ? 102 ASN A CB  1 
ATOM   452  C CG  . ASN A 1 54  ? -2.910  21.284  9.266   1.00 48.15 ? 102 ASN A CG  1 
ATOM   453  O OD1 . ASN A 1 54  ? -2.102  21.696  10.098  1.00 48.18 ? 102 ASN A OD1 1 
ATOM   454  N ND2 . ASN A 1 54  ? -2.807  21.558  7.970   1.00 49.54 ? 102 ASN A ND2 1 
ATOM   455  N N   . LYS A 1 55  ? -4.719  17.077  11.056  1.00 46.72 ? 103 LYS A N   1 
ATOM   456  C CA  . LYS A 1 55  ? -5.783  16.195  11.533  1.00 47.86 ? 103 LYS A CA  1 
ATOM   457  C C   . LYS A 1 55  ? -7.116  16.340  10.793  1.00 47.14 ? 103 LYS A C   1 
ATOM   458  O O   . LYS A 1 55  ? -8.177  16.205  11.401  1.00 47.90 ? 103 LYS A O   1 
ATOM   459  C CB  . LYS A 1 55  ? -6.007  16.446  13.028  1.00 49.29 ? 103 LYS A CB  1 
ATOM   460  C CG  . LYS A 1 55  ? -4.726  16.408  13.850  1.00 50.37 ? 103 LYS A CG  1 
ATOM   461  C CD  . LYS A 1 55  ? -4.955  16.902  15.270  1.00 51.77 ? 103 LYS A CD  1 
ATOM   462  C CE  . LYS A 1 55  ? -5.896  15.991  16.045  1.00 52.76 ? 103 LYS A CE  1 
ATOM   463  N NZ  . LYS A 1 55  ? -6.095  16.471  17.444  1.00 52.92 ? 103 LYS A NZ  1 
ATOM   464  N N   . GLN A 1 56  ? -7.071  16.603  9.490   1.00 45.75 ? 104 GLN A N   1 
ATOM   465  C CA  . GLN A 1 56  ? -8.305  16.767  8.725   1.00 43.62 ? 104 GLN A CA  1 
ATOM   466  C C   . GLN A 1 56  ? -8.123  16.613  7.218   1.00 40.81 ? 104 GLN A C   1 
ATOM   467  O O   . GLN A 1 56  ? -9.039  16.186  6.518   1.00 41.23 ? 104 GLN A O   1 
ATOM   468  C CB  . GLN A 1 56  ? -8.907  18.146  9.003   1.00 45.85 ? 104 GLN A CB  1 
ATOM   469  C CG  . GLN A 1 56  ? -8.071  19.298  8.452   1.00 49.22 ? 104 GLN A CG  1 
ATOM   470  C CD  . GLN A 1 56  ? -8.630  20.664  8.819   1.00 51.92 ? 104 GLN A CD  1 
ATOM   471  O OE1 . GLN A 1 56  ? -9.784  20.979  8.518   1.00 52.21 ? 104 GLN A OE1 1 
ATOM   472  N NE2 . GLN A 1 56  ? -7.808  21.484  9.470   1.00 52.31 ? 104 GLN A NE2 1 
ATOM   473  N N   . LYS A 1 57  ? -6.944  16.961  6.717   1.00 36.66 ? 105 LYS A N   1 
ATOM   474  C CA  . LYS A 1 57  ? -6.696  16.879  5.292   1.00 32.29 ? 105 LYS A CA  1 
ATOM   475  C C   . LYS A 1 57  ? -5.773  15.741  4.890   1.00 29.59 ? 105 LYS A C   1 
ATOM   476  O O   . LYS A 1 57  ? -4.651  15.632  5.385   1.00 28.39 ? 105 LYS A O   1 
ATOM   477  C CB  . LYS A 1 57  ? -6.127  18.205  4.795   1.00 33.33 ? 105 LYS A CB  1 
ATOM   478  C CG  . LYS A 1 57  ? -5.980  18.289  3.290   1.00 36.24 ? 105 LYS A CG  1 
ATOM   479  C CD  . LYS A 1 57  ? -5.699  19.719  2.839   1.00 38.67 ? 105 LYS A CD  1 
ATOM   480  C CE  . LYS A 1 57  ? -5.699  19.827  1.317   1.00 40.58 ? 105 LYS A CE  1 
ATOM   481  N NZ  . LYS A 1 57  ? -5.583  21.238  0.840   1.00 41.49 ? 105 LYS A NZ  1 
ATOM   482  N N   . VAL A 1 58  ? -6.256  14.898  3.979   1.00 25.61 ? 106 VAL A N   1 
ATOM   483  C CA  . VAL A 1 58  ? -5.483  13.769  3.485   1.00 21.74 ? 106 VAL A CA  1 
ATOM   484  C C   . VAL A 1 58  ? -4.553  14.246  2.380   1.00 21.05 ? 106 VAL A C   1 
ATOM   485  O O   . VAL A 1 58  ? -4.981  14.958  1.471   1.00 20.40 ? 106 VAL A O   1 
ATOM   486  C CB  . VAL A 1 58  ? -6.395  12.666  2.917   1.00 20.40 ? 106 VAL A CB  1 
ATOM   487  C CG1 . VAL A 1 58  ? -5.555  11.565  2.305   1.00 20.12 ? 106 VAL A CG1 1 
ATOM   488  C CG2 . VAL A 1 58  ? -7.263  12.090  4.017   1.00 20.73 ? 106 VAL A CG2 1 
ATOM   489  N N   . ILE A 1 59  ? -3.276  13.881  2.463   1.00 18.68 ? 107 ILE A N   1 
ATOM   490  C CA  . ILE A 1 59  ? -2.327  14.287  1.435   1.00 16.68 ? 107 ILE A CA  1 
ATOM   491  C C   . ILE A 1 59  ? -1.628  13.072  0.855   1.00 14.98 ? 107 ILE A C   1 
ATOM   492  O O   . ILE A 1 59  ? -0.725  13.196  0.041   1.00 15.78 ? 107 ILE A O   1 
ATOM   493  C CB  . ILE A 1 59  ? -1.259  15.274  1.978   1.00 18.13 ? 107 ILE A CB  1 
ATOM   494  C CG1 . ILE A 1 59  ? -0.396  14.603  3.054   1.00 20.03 ? 107 ILE A CG1 1 
ATOM   495  C CG2 . ILE A 1 59  ? -1.934  16.484  2.561   1.00 18.37 ? 107 ILE A CG2 1 
ATOM   496  C CD1 . ILE A 1 59  ? 0.823   15.428  3.440   1.00 19.16 ? 107 ILE A CD1 1 
ATOM   497  N N   . GLY A 1 60  ? -2.053  11.890  1.276   1.00 13.16 ? 108 GLY A N   1 
ATOM   498  C CA  . GLY A 1 60  ? -1.442  10.680  0.762   1.00 12.71 ? 108 GLY A CA  1 
ATOM   499  C C   . GLY A 1 60  ? -1.836  9.471   1.573   1.00 12.40 ? 108 GLY A C   1 
ATOM   500  O O   . GLY A 1 60  ? -2.533  9.592   2.580   1.00 13.42 ? 108 GLY A O   1 
ATOM   501  N N   . GLY A 1 61  ? -1.392  8.298   1.149   1.00 12.00 ? 109 GLY A N   1 
ATOM   502  C CA  . GLY A 1 61  ? -1.740  7.112   1.896   1.00 12.32 ? 109 GLY A CA  1 
ATOM   503  C C   . GLY A 1 61  ? -1.352  5.842   1.189   1.00 12.46 ? 109 GLY A C   1 
ATOM   504  O O   . GLY A 1 61  ? -0.824  5.862   0.073   1.00 14.39 ? 109 GLY A O   1 
ATOM   505  N N   . ILE A 1 62  ? -1.605  4.723   1.847   1.00 11.96 ? 110 ILE A N   1 
ATOM   506  C CA  . ILE A 1 62  ? -1.298  3.436   1.274   1.00 12.64 ? 110 ILE A CA  1 
ATOM   507  C C   . ILE A 1 62  ? -2.441  2.484   1.617   1.00 13.56 ? 110 ILE A C   1 
ATOM   508  O O   . ILE A 1 62  ? -2.872  2.409   2.770   1.00 15.37 ? 110 ILE A O   1 
ATOM   509  C CB  . ILE A 1 62  ? 0.057   2.899   1.814   1.00 14.68 ? 110 ILE A CB  1 
ATOM   510  C CG1 . ILE A 1 62  ? 0.385   1.563   1.146   1.00 13.59 ? 110 ILE A CG1 1 
ATOM   511  C CG2 . ILE A 1 62  ? 0.012   2.763   3.335   1.00 13.80 ? 110 ILE A CG2 1 
ATOM   512  C CD1 . ILE A 1 62  ? 1.787   1.058   1.459   1.00 17.01 ? 110 ILE A CD1 1 
ATOM   513  N N   . CYS A 1 63  ? -2.943  1.774   0.611   1.00 12.58 ? 111 CYS A N   1 
ATOM   514  C CA  . CYS A 1 63  ? -4.043  0.839   0.802   1.00 12.04 ? 111 CYS A CA  1 
ATOM   515  C C   . CYS A 1 63  ? -3.444  -0.546  0.713   1.00 10.17 ? 111 CYS A C   1 
ATOM   516  O O   . CYS A 1 63  ? -2.700  -0.846  -0.218  1.00 11.51 ? 111 CYS A O   1 
ATOM   517  C CB  . CYS A 1 63  ? -5.098  1.044   -0.289  1.00 12.58 ? 111 CYS A CB  1 
ATOM   518  S SG  . CYS A 1 63  ? -6.491  -0.084  -0.187  1.00 16.91 ? 111 CYS A SG  1 
ATOM   519  N N   . PHE A 1 64  ? -3.771  -1.402  1.671   1.00 9.70  ? 112 PHE A N   1 
ATOM   520  C CA  . PHE A 1 64  ? -3.184  -2.733  1.700   1.00 10.53 ? 112 PHE A CA  1 
ATOM   521  C C   . PHE A 1 64  ? -4.167  -3.786  2.155   1.00 10.39 ? 112 PHE A C   1 
ATOM   522  O O   . PHE A 1 64  ? -5.237  -3.478  2.670   1.00 11.46 ? 112 PHE A O   1 
ATOM   523  C CB  . PHE A 1 64  ? -1.960  -2.722  2.639   1.00 10.06 ? 112 PHE A CB  1 
ATOM   524  C CG  . PHE A 1 64  ? -2.287  -2.283  4.057   1.00 9.22  ? 112 PHE A CG  1 
ATOM   525  C CD1 . PHE A 1 64  ? -2.545  -3.221  5.049   1.00 10.96 ? 112 PHE A CD1 1 
ATOM   526  C CD2 . PHE A 1 64  ? -2.388  -0.935  4.372   1.00 10.12 ? 112 PHE A CD2 1 
ATOM   527  C CE1 . PHE A 1 64  ? -2.908  -2.821  6.345   1.00 10.74 ? 112 PHE A CE1 1 
ATOM   528  C CE2 . PHE A 1 64  ? -2.754  -0.514  5.665   1.00 11.23 ? 112 PHE A CE2 1 
ATOM   529  C CZ  . PHE A 1 64  ? -3.014  -1.461  6.651   1.00 11.63 ? 112 PHE A CZ  1 
ATOM   530  N N   . ARG A 1 65  ? -3.797  -5.040  1.952   1.00 11.52 ? 113 ARG A N   1 
ATOM   531  C CA  . ARG A 1 65  ? -4.652  -6.136  2.360   1.00 14.21 ? 113 ARG A CA  1 
ATOM   532  C C   . ARG A 1 65  ? -3.822  -7.174  3.084   1.00 13.96 ? 113 ARG A C   1 
ATOM   533  O O   . ARG A 1 65  ? -2.863  -7.713  2.531   1.00 13.66 ? 113 ARG A O   1 
ATOM   534  C CB  . ARG A 1 65  ? -5.337  -6.781  1.146   1.00 16.92 ? 113 ARG A CB  1 
ATOM   535  C CG  . ARG A 1 65  ? -6.189  -7.979  1.543   1.00 21.17 ? 113 ARG A CG  1 
ATOM   536  C CD  . ARG A 1 65  ? -6.809  -8.701  0.355   1.00 22.81 ? 113 ARG A CD  1 
ATOM   537  N NE  . ARG A 1 65  ? -7.552  -9.885  0.793   1.00 24.17 ? 113 ARG A NE  1 
ATOM   538  C CZ  . ARG A 1 65  ? -8.292  -10.650 -0.006  1.00 26.18 ? 113 ARG A CZ  1 
ATOM   539  N NH1 . ARG A 1 65  ? -8.399  -10.359 -1.300  1.00 24.37 ? 113 ARG A NH1 1 
ATOM   540  N NH2 . ARG A 1 65  ? -8.923  -11.711 0.485   1.00 23.61 ? 113 ARG A NH2 1 
ATOM   541  N N   . GLN A 1 66  ? -4.201  -7.455  4.325   1.00 15.17 ? 114 GLN A N   1 
ATOM   542  C CA  . GLN A 1 66  ? -3.486  -8.428  5.142   1.00 16.08 ? 114 GLN A CA  1 
ATOM   543  C C   . GLN A 1 66  ? -4.059  -9.832  4.972   1.00 16.58 ? 114 GLN A C   1 
ATOM   544  O O   . GLN A 1 66  ? -5.271  -10.014 4.911   1.00 16.17 ? 114 GLN A O   1 
ATOM   545  C CB  . GLN A 1 66  ? -3.599  -8.072  6.638   1.00 15.36 ? 114 GLN A CB  1 
ATOM   546  C CG  . GLN A 1 66  ? -2.971  -6.772  7.111   1.00 16.13 ? 114 GLN A CG  1 
ATOM   547  C CD  . GLN A 1 66  ? -2.957  -6.698  8.644   1.00 17.81 ? 114 GLN A CD  1 
ATOM   548  O OE1 . GLN A 1 66  ? -2.467  -7.614  9.311   1.00 14.97 ? 114 GLN A OE1 1 
ATOM   549  N NE2 . GLN A 1 66  ? -3.508  -5.627  9.199   1.00 16.75 ? 114 GLN A NE2 1 
ATOM   550  N N   . TYR A 1 67  ? -3.181  -10.820 4.890   1.00 19.11 ? 115 TYR A N   1 
ATOM   551  C CA  . TYR A 1 67  ? -3.609  -12.211 4.829   1.00 21.70 ? 115 TYR A CA  1 
ATOM   552  C C   . TYR A 1 67  ? -3.032  -12.750 6.138   1.00 23.43 ? 115 TYR A C   1 
ATOM   553  O O   . TYR A 1 67  ? -2.031  -13.457 6.150   1.00 23.88 ? 115 TYR A O   1 
ATOM   554  C CB  . TYR A 1 67  ? -3.002  -12.931 3.619   1.00 22.29 ? 115 TYR A CB  1 
ATOM   555  C CG  . TYR A 1 67  ? -3.566  -12.452 2.291   1.00 24.62 ? 115 TYR A CG  1 
ATOM   556  C CD1 . TYR A 1 67  ? -3.175  -11.228 1.747   1.00 23.05 ? 115 TYR A CD1 1 
ATOM   557  C CD2 . TYR A 1 67  ? -4.519  -13.210 1.600   1.00 24.23 ? 115 TYR A CD2 1 
ATOM   558  C CE1 . TYR A 1 67  ? -3.710  -10.766 0.546   1.00 23.71 ? 115 TYR A CE1 1 
ATOM   559  C CE2 . TYR A 1 67  ? -5.068  -12.755 0.391   1.00 24.90 ? 115 TYR A CE2 1 
ATOM   560  C CZ  . TYR A 1 67  ? -4.657  -11.531 -0.127  1.00 24.91 ? 115 TYR A CZ  1 
ATOM   561  O OH  . TYR A 1 67  ? -5.182  -11.065 -1.311  1.00 23.63 ? 115 TYR A OH  1 
ATOM   562  N N   . LYS A 1 68  ? -3.676  -12.373 7.240   1.00 25.56 ? 116 LYS A N   1 
ATOM   563  C CA  . LYS A 1 68  ? -3.243  -12.733 8.590   1.00 28.05 ? 116 LYS A CA  1 
ATOM   564  C C   . LYS A 1 68  ? -2.754  -14.155 8.811   1.00 28.24 ? 116 LYS A C   1 
ATOM   565  O O   . LYS A 1 68  ? -1.624  -14.360 9.261   1.00 29.65 ? 116 LYS A O   1 
ATOM   566  C CB  . LYS A 1 68  ? -4.351  -12.422 9.596   1.00 27.99 ? 116 LYS A CB  1 
ATOM   567  C CG  . LYS A 1 68  ? -4.692  -10.950 9.705   1.00 30.89 ? 116 LYS A CG  1 
ATOM   568  C CD  . LYS A 1 68  ? -5.843  -10.754 10.681  1.00 34.32 ? 116 LYS A CD  1 
ATOM   569  C CE  . LYS A 1 68  ? -6.346  -9.320  10.702  1.00 35.92 ? 116 LYS A CE  1 
ATOM   570  N NZ  . LYS A 1 68  ? -7.481  -9.184  11.660  1.00 37.51 ? 116 LYS A NZ  1 
ATOM   571  N N   . PRO A 1 69  ? -3.594  -15.159 8.511   1.00 27.73 ? 117 PRO A N   1 
ATOM   572  C CA  . PRO A 1 69  ? -3.150  -16.539 8.716   1.00 26.22 ? 117 PRO A CA  1 
ATOM   573  C C   . PRO A 1 69  ? -1.792  -16.826 8.081   1.00 25.32 ? 117 PRO A C   1 
ATOM   574  O O   . PRO A 1 69  ? -0.934  -17.450 8.703   1.00 26.35 ? 117 PRO A O   1 
ATOM   575  C CB  . PRO A 1 69  ? -4.274  -17.358 8.087   1.00 26.69 ? 117 PRO A CB  1 
ATOM   576  C CG  . PRO A 1 69  ? -5.485  -16.496 8.320   1.00 27.25 ? 117 PRO A CG  1 
ATOM   577  C CD  . PRO A 1 69  ? -4.976  -15.113 7.996   1.00 27.02 ? 117 PRO A CD  1 
ATOM   578  N N   . GLN A 1 70  ? -1.596  -16.358 6.853   1.00 22.96 ? 118 GLN A N   1 
ATOM   579  C CA  . GLN A 1 70  ? -0.346  -16.587 6.129   1.00 22.02 ? 118 GLN A CA  1 
ATOM   580  C C   . GLN A 1 70  ? 0.801   -15.673 6.564   1.00 20.38 ? 118 GLN A C   1 
ATOM   581  O O   . GLN A 1 70  ? 1.959   -15.938 6.256   1.00 21.72 ? 118 GLN A O   1 
ATOM   582  C CB  . GLN A 1 70  ? -0.567  -16.421 4.621   1.00 22.40 ? 118 GLN A CB  1 
ATOM   583  C CG  . GLN A 1 70  ? -1.495  -17.453 3.982   1.00 24.42 ? 118 GLN A CG  1 
ATOM   584  C CD  . GLN A 1 70  ? -2.918  -17.361 4.492   1.00 24.27 ? 118 GLN A CD  1 
ATOM   585  O OE1 . GLN A 1 70  ? -3.475  -16.269 4.629   1.00 26.23 ? 118 GLN A OE1 1 
ATOM   586  N NE2 . GLN A 1 70  ? -3.522  -18.508 4.763   1.00 25.57 ? 118 GLN A NE2 1 
ATOM   587  N N   . ARG A 1 71  ? 0.477   -14.599 7.269   1.00 18.17 ? 119 ARG A N   1 
ATOM   588  C CA  . ARG A 1 71  ? 1.485   -13.652 7.741   1.00 18.94 ? 119 ARG A CA  1 
ATOM   589  C C   . ARG A 1 71  ? 2.159   -12.816 6.642   1.00 17.46 ? 119 ARG A C   1 
ATOM   590  O O   . ARG A 1 71  ? 3.375   -12.623 6.641   1.00 14.84 ? 119 ARG A O   1 
ATOM   591  C CB  . ARG A 1 71  ? 2.554   -14.374 8.588   1.00 20.74 ? 119 ARG A CB  1 
ATOM   592  C CG  . ARG A 1 71  ? 2.000   -15.045 9.860   1.00 22.36 ? 119 ARG A CG  1 
ATOM   593  C CD  . ARG A 1 71  ? 2.837   -14.716 11.103  1.00 22.91 ? 119 ARG A CD  1 
ATOM   594  N NE  . ARG A 1 71  ? 4.145   -15.354 11.061  1.00 25.25 ? 119 ARG A NE  1 
ATOM   595  C CZ  . ARG A 1 71  ? 5.265   -14.780 11.481  1.00 26.02 ? 119 ARG A CZ  1 
ATOM   596  N NH1 . ARG A 1 71  ? 5.235   -13.551 11.977  1.00 26.60 ? 119 ARG A NH1 1 
ATOM   597  N NH2 . ARG A 1 71  ? 6.415   -15.429 11.395  1.00 27.74 ? 119 ARG A NH2 1 
ATOM   598  N N   . PHE A 1 72  ? 1.370   -12.330 5.691   1.00 17.02 ? 120 PHE A N   1 
ATOM   599  C CA  . PHE A 1 72  ? 1.915   -11.466 4.649   1.00 15.46 ? 120 PHE A CA  1 
ATOM   600  C C   . PHE A 1 72  ? 0.823   -10.517 4.201   1.00 14.31 ? 120 PHE A C   1 
ATOM   601  O O   . PHE A 1 72  ? -0.355  -10.798 4.390   1.00 14.41 ? 120 PHE A O   1 
ATOM   602  C CB  . PHE A 1 72  ? 2.500   -12.278 3.468   1.00 17.13 ? 120 PHE A CB  1 
ATOM   603  C CG  . PHE A 1 72  ? 1.472   -12.963 2.593   1.00 19.82 ? 120 PHE A CG  1 
ATOM   604  C CD1 . PHE A 1 72  ? 0.575   -12.227 1.823   1.00 19.25 ? 120 PHE A CD1 1 
ATOM   605  C CD2 . PHE A 1 72  ? 1.423   -14.352 2.523   1.00 20.68 ? 120 PHE A CD2 1 
ATOM   606  C CE1 . PHE A 1 72  ? -0.346  -12.860 1.002   1.00 19.83 ? 120 PHE A CE1 1 
ATOM   607  C CE2 . PHE A 1 72  ? 0.496   -14.996 1.699   1.00 21.88 ? 120 PHE A CE2 1 
ATOM   608  C CZ  . PHE A 1 72  ? -0.389  -14.238 0.940   1.00 20.57 ? 120 PHE A CZ  1 
ATOM   609  N N   . ALA A 1 73  ? 1.213   -9.379  3.639   1.00 12.72 ? 121 ALA A N   1 
ATOM   610  C CA  . ALA A 1 73  ? 0.246   -8.397  3.180   1.00 14.11 ? 121 ALA A CA  1 
ATOM   611  C C   . ALA A 1 73  ? 0.596   -7.874  1.795   1.00 14.85 ? 121 ALA A C   1 
ATOM   612  O O   . ALA A 1 73  ? 1.766   -7.816  1.413   1.00 15.69 ? 121 ALA A O   1 
ATOM   613  C CB  . ALA A 1 73  ? 0.164   -7.236  4.154   1.00 13.11 ? 121 ALA A CB  1 
ATOM   614  N N   . GLU A 1 74  ? -0.429  -7.489  1.045   1.00 15.06 ? 122 GLU A N   1 
ATOM   615  C CA  . GLU A 1 74  ? -0.202  -6.961  -0.290  1.00 15.60 ? 122 GLU A CA  1 
ATOM   616  C C   . GLU A 1 74  ? -0.489  -5.475  -0.350  1.00 13.55 ? 122 GLU A C   1 
ATOM   617  O O   . GLU A 1 74  ? -1.496  -4.998  0.189   1.00 13.98 ? 122 GLU A O   1 
ATOM   618  C CB  . GLU A 1 74  ? -1.082  -7.680  -1.320  1.00 16.46 ? 122 GLU A CB  1 
ATOM   619  C CG  . GLU A 1 74  ? -0.839  -7.175  -2.743  1.00 18.92 ? 122 GLU A CG  1 
ATOM   620  C CD  . GLU A 1 74  ? -1.704  -7.860  -3.804  1.00 19.96 ? 122 GLU A CD  1 
ATOM   621  O OE1 . GLU A 1 74  ? -1.618  -7.450  -4.980  1.00 21.72 ? 122 GLU A OE1 1 
ATOM   622  O OE2 . GLU A 1 74  ? -2.459  -8.800  -3.477  1.00 18.63 ? 122 GLU A OE2 1 
ATOM   623  N N   . VAL A 1 75  ? 0.398   -4.728  -0.990  1.00 12.54 ? 123 VAL A N   1 
ATOM   624  C CA  . VAL A 1 75  ? 0.165   -3.302  -1.135  1.00 13.27 ? 123 VAL A CA  1 
ATOM   625  C C   . VAL A 1 75  ? -0.727  -3.133  -2.372  1.00 14.44 ? 123 VAL A C   1 
ATOM   626  O O   . VAL A 1 75  ? -0.374  -3.585  -3.465  1.00 15.02 ? 123 VAL A O   1 
ATOM   627  C CB  . VAL A 1 75  ? 1.479   -2.505  -1.362  1.00 12.56 ? 123 VAL A CB  1 
ATOM   628  C CG1 . VAL A 1 75  ? 1.147   -1.026  -1.541  1.00 12.09 ? 123 VAL A CG1 1 
ATOM   629  C CG2 . VAL A 1 75  ? 2.435   -2.692  -0.167  1.00 13.80 ? 123 VAL A CG2 1 
ATOM   630  N N   . ALA A 1 76  ? -1.886  -2.508  -2.192  1.00 14.28 ? 124 ALA A N   1 
ATOM   631  C CA  . ALA A 1 76  ? -2.812  -2.281  -3.304  1.00 15.34 ? 124 ALA A CA  1 
ATOM   632  C C   . ALA A 1 76  ? -2.453  -0.962  -4.003  1.00 15.92 ? 124 ALA A C   1 
ATOM   633  O O   . ALA A 1 76  ? -2.125  -0.950  -5.183  1.00 16.50 ? 124 ALA A O   1 
ATOM   634  C CB  . ALA A 1 76  ? -4.250  -2.230  -2.791  1.00 13.93 ? 124 ALA A CB  1 
ATOM   635  N N   . PHE A 1 77  ? -2.507  0.147   -3.271  1.00 15.54 ? 125 PHE A N   1 
ATOM   636  C CA  . PHE A 1 77  ? -2.175  1.444   -3.847  1.00 15.10 ? 125 PHE A CA  1 
ATOM   637  C C   . PHE A 1 77  ? -1.349  2.303   -2.904  1.00 14.79 ? 125 PHE A C   1 
ATOM   638  O O   . PHE A 1 77  ? -1.521  2.243   -1.683  1.00 14.08 ? 125 PHE A O   1 
ATOM   639  C CB  . PHE A 1 77  ? -3.453  2.210   -4.215  1.00 14.41 ? 125 PHE A CB  1 
ATOM   640  C CG  . PHE A 1 77  ? -4.430  1.410   -5.030  1.00 15.78 ? 125 PHE A CG  1 
ATOM   641  C CD1 . PHE A 1 77  ? -5.663  1.029   -4.493  1.00 13.71 ? 125 PHE A CD1 1 
ATOM   642  C CD2 . PHE A 1 77  ? -4.122  1.037   -6.330  1.00 15.37 ? 125 PHE A CD2 1 
ATOM   643  C CE1 . PHE A 1 77  ? -6.569  0.289   -5.246  1.00 14.12 ? 125 PHE A CE1 1 
ATOM   644  C CE2 . PHE A 1 77  ? -5.036  0.293   -7.094  1.00 15.67 ? 125 PHE A CE2 1 
ATOM   645  C CZ  . PHE A 1 77  ? -6.253  -0.078  -6.548  1.00 13.51 ? 125 PHE A CZ  1 
ATOM   646  N N   . LEU A 1 78  ? -0.469  3.118   -3.479  1.00 13.81 ? 126 LEU A N   1 
ATOM   647  C CA  . LEU A 1 78  ? 0.368   4.021   -2.694  1.00 14.87 ? 126 LEU A CA  1 
ATOM   648  C C   . LEU A 1 78  ? 0.510   5.350   -3.434  1.00 13.73 ? 126 LEU A C   1 
ATOM   649  O O   . LEU A 1 78  ? 0.863   5.366   -4.607  1.00 15.00 ? 126 LEU A O   1 
ATOM   650  C CB  . LEU A 1 78  ? 1.759   3.398   -2.470  1.00 14.02 ? 126 LEU A CB  1 
ATOM   651  C CG  . LEU A 1 78  ? 2.887   4.361   -2.071  1.00 13.15 ? 126 LEU A CG  1 
ATOM   652  C CD1 . LEU A 1 78  ? 2.628   4.945   -0.696  1.00 15.45 ? 126 LEU A CD1 1 
ATOM   653  C CD2 . LEU A 1 78  ? 4.200   3.607   -2.076  1.00 14.35 ? 126 LEU A CD2 1 
ATOM   654  N N   . ALA A 1 79  ? 0.233   6.460   -2.759  1.00 13.89 ? 127 ALA A N   1 
ATOM   655  C CA  . ALA A 1 79  ? 0.370   7.761   -3.404  1.00 13.89 ? 127 ALA A CA  1 
ATOM   656  C C   . ALA A 1 79  ? 0.341   8.960   -2.478  1.00 13.40 ? 127 ALA A C   1 
ATOM   657  O O   . ALA A 1 79  ? -0.209  8.916   -1.378  1.00 14.75 ? 127 ALA A O   1 
ATOM   658  C CB  . ALA A 1 79  ? -0.714  7.937   -4.487  1.00 15.58 ? 127 ALA A CB  1 
ATOM   659  N N   . VAL A 1 80  ? 0.939   10.041  -2.960  1.00 12.91 ? 128 VAL A N   1 
ATOM   660  C CA  . VAL A 1 80  ? 0.994   11.310  -2.251  1.00 14.52 ? 128 VAL A CA  1 
ATOM   661  C C   . VAL A 1 80  ? 0.426   12.356  -3.209  1.00 15.15 ? 128 VAL A C   1 
ATOM   662  O O   . VAL A 1 80  ? 0.762   12.356  -4.390  1.00 15.52 ? 128 VAL A O   1 
ATOM   663  C CB  . VAL A 1 80  ? 2.459   11.681  -1.899  1.00 14.17 ? 128 VAL A CB  1 
ATOM   664  C CG1 . VAL A 1 80  ? 2.521   13.099  -1.329  1.00 12.56 ? 128 VAL A CG1 1 
ATOM   665  C CG2 . VAL A 1 80  ? 3.011   10.670  -0.906  1.00 14.59 ? 128 VAL A CG2 1 
ATOM   666  N N   . THR A 1 81  ? -0.432  13.238  -2.709  1.00 17.97 ? 129 THR A N   1 
ATOM   667  C CA  . THR A 1 81  ? -1.028  14.254  -3.569  1.00 20.89 ? 129 THR A CA  1 
ATOM   668  C C   . THR A 1 81  ? 0.080   15.068  -4.245  1.00 22.69 ? 129 THR A C   1 
ATOM   669  O O   . THR A 1 81  ? 1.100   15.378  -3.621  1.00 22.84 ? 129 THR A O   1 
ATOM   670  C CB  . THR A 1 81  ? -1.979  15.175  -2.769  1.00 22.52 ? 129 THR A CB  1 
ATOM   671  O OG1 . THR A 1 81  ? -2.861  15.846  -3.678  1.00 23.54 ? 129 THR A OG1 1 
ATOM   672  C CG2 . THR A 1 81  ? -1.201  16.208  -1.970  1.00 21.40 ? 129 THR A CG2 1 
ATOM   673  N N   . ALA A 1 82  ? -0.124  15.388  -5.525  1.00 22.12 ? 130 ALA A N   1 
ATOM   674  C CA  . ALA A 1 82  ? 0.849   16.119  -6.342  1.00 21.87 ? 130 ALA A CA  1 
ATOM   675  C C   . ALA A 1 82  ? 1.574   17.298  -5.700  1.00 22.14 ? 130 ALA A C   1 
ATOM   676  O O   . ALA A 1 82  ? 2.798   17.387  -5.760  1.00 20.30 ? 130 ALA A O   1 
ATOM   677  C CB  . ALA A 1 82  ? 0.178   16.591  -7.656  1.00 22.63 ? 130 ALA A CB  1 
ATOM   678  N N   . ASN A 1 83  ? 0.820   18.205  -5.099  1.00 23.87 ? 131 ASN A N   1 
ATOM   679  C CA  . ASN A 1 83  ? 1.387   19.398  -4.484  1.00 26.05 ? 131 ASN A CA  1 
ATOM   680  C C   . ASN A 1 83  ? 2.139   19.150  -3.179  1.00 25.99 ? 131 ASN A C   1 
ATOM   681  O O   . ASN A 1 83  ? 2.617   20.094  -2.547  1.00 25.80 ? 131 ASN A O   1 
ATOM   682  C CB  . ASN A 1 83  ? 0.265   20.417  -4.253  1.00 28.38 ? 131 ASN A CB  1 
ATOM   683  C CG  . ASN A 1 83  ? -0.999  19.770  -3.707  1.00 32.53 ? 131 ASN A CG  1 
ATOM   684  O OD1 . ASN A 1 83  ? -1.618  18.918  -4.368  1.00 34.66 ? 131 ASN A OD1 1 
ATOM   685  N ND2 . ASN A 1 83  ? -1.392  20.166  -2.502  1.00 31.92 ? 131 ASN A ND2 1 
ATOM   686  N N   . GLU A 1 84  ? 2.247   17.886  -2.785  1.00 24.69 ? 132 GLU A N   1 
ATOM   687  C CA  . GLU A 1 84  ? 2.923   17.524  -1.553  1.00 23.54 ? 132 GLU A CA  1 
ATOM   688  C C   . GLU A 1 84  ? 4.004   16.492  -1.804  1.00 22.32 ? 132 GLU A C   1 
ATOM   689  O O   . GLU A 1 84  ? 4.596   15.954  -0.870  1.00 22.27 ? 132 GLU A O   1 
ATOM   690  C CB  . GLU A 1 84  ? 1.898   16.984  -0.553  1.00 25.00 ? 132 GLU A CB  1 
ATOM   691  C CG  . GLU A 1 84  ? 0.909   18.031  -0.075  1.00 26.06 ? 132 GLU A CG  1 
ATOM   692  C CD  . GLU A 1 84  ? 1.459   18.877  1.062   1.00 28.83 ? 132 GLU A CD  1 
ATOM   693  O OE1 . GLU A 1 84  ? 2.675   19.157  1.062   1.00 30.15 ? 132 GLU A OE1 1 
ATOM   694  O OE2 . GLU A 1 84  ? 0.675   19.267  1.957   1.00 30.16 ? 132 GLU A OE2 1 
ATOM   695  N N   . GLN A 1 85  ? 4.272   16.213  -3.072  1.00 20.61 ? 133 GLN A N   1 
ATOM   696  C CA  . GLN A 1 85  ? 5.292   15.231  -3.404  1.00 21.22 ? 133 GLN A CA  1 
ATOM   697  C C   . GLN A 1 85  ? 6.703   15.797  -3.239  1.00 21.71 ? 133 GLN A C   1 
ATOM   698  O O   . GLN A 1 85  ? 6.891   17.006  -3.139  1.00 22.20 ? 133 GLN A O   1 
ATOM   699  C CB  . GLN A 1 85  ? 5.085   14.719  -4.832  1.00 19.54 ? 133 GLN A CB  1 
ATOM   700  C CG  . GLN A 1 85  ? 3.869   13.805  -4.969  1.00 20.85 ? 133 GLN A CG  1 
ATOM   701  C CD  . GLN A 1 85  ? 3.595   13.344  -6.399  1.00 18.76 ? 133 GLN A CD  1 
ATOM   702  O OE1 . GLN A 1 85  ? 2.788   12.434  -6.627  1.00 21.61 ? 133 GLN A OE1 1 
ATOM   703  N NE2 . GLN A 1 85  ? 4.253   13.970  -7.361  1.00 15.59 ? 133 GLN A NE2 1 
ATOM   704  N N   . VAL A 1 86  ? 7.687   14.903  -3.209  1.00 21.84 ? 134 VAL A N   1 
ATOM   705  C CA  . VAL A 1 86  ? 9.093   15.271  -3.058  1.00 22.30 ? 134 VAL A CA  1 
ATOM   706  C C   . VAL A 1 86  ? 9.357   16.126  -1.812  1.00 22.93 ? 134 VAL A C   1 
ATOM   707  O O   . VAL A 1 86  ? 10.008  17.170  -1.878  1.00 21.48 ? 134 VAL A O   1 
ATOM   708  C CB  . VAL A 1 86  ? 9.621   16.026  -4.299  1.00 22.26 ? 134 VAL A CB  1 
ATOM   709  C CG1 . VAL A 1 86  ? 11.131  15.904  -4.348  1.00 21.39 ? 134 VAL A CG1 1 
ATOM   710  C CG2 . VAL A 1 86  ? 8.991   15.462  -5.580  1.00 21.58 ? 134 VAL A CG2 1 
ATOM   711  N N   . ARG A 1 87  ? 8.833   15.677  -0.678  1.00 22.95 ? 135 ARG A N   1 
ATOM   712  C CA  . ARG A 1 87  ? 9.037   16.365  0.590   1.00 23.96 ? 135 ARG A CA  1 
ATOM   713  C C   . ARG A 1 87  ? 9.312   15.297  1.644   1.00 23.39 ? 135 ARG A C   1 
ATOM   714  O O   . ARG A 1 87  ? 9.371   15.581  2.839   1.00 24.75 ? 135 ARG A O   1 
ATOM   715  C CB  . ARG A 1 87  ? 7.807   17.201  0.944   1.00 25.24 ? 135 ARG A CB  1 
ATOM   716  C CG  . ARG A 1 87  ? 7.520   18.258  -0.113  1.00 29.64 ? 135 ARG A CG  1 
ATOM   717  C CD  . ARG A 1 87  ? 6.235   19.033  0.121   1.00 32.06 ? 135 ARG A CD  1 
ATOM   718  N NE  . ARG A 1 87  ? 6.311   19.905  1.285   1.00 36.12 ? 135 ARG A NE  1 
ATOM   719  C CZ  . ARG A 1 87  ? 5.620   21.034  1.419   1.00 38.25 ? 135 ARG A CZ  1 
ATOM   720  N NH1 . ARG A 1 87  ? 4.798   21.436  0.455   1.00 40.03 ? 135 ARG A NH1 1 
ATOM   721  N NH2 . ARG A 1 87  ? 5.744   21.762  2.522   1.00 38.90 ? 135 ARG A NH2 1 
ATOM   722  N N   . GLY A 1 88  ? 9.484   14.065  1.175   1.00 21.15 ? 136 GLY A N   1 
ATOM   723  C CA  . GLY A 1 88  ? 9.777   12.946  2.052   1.00 21.11 ? 136 GLY A CA  1 
ATOM   724  C C   . GLY A 1 88  ? 8.588   12.239  2.678   1.00 20.85 ? 136 GLY A C   1 
ATOM   725  O O   . GLY A 1 88  ? 8.767   11.273  3.423   1.00 20.57 ? 136 GLY A O   1 
ATOM   726  N N   . TYR A 1 89  ? 7.377   12.698  2.383   1.00 19.40 ? 137 TYR A N   1 
ATOM   727  C CA  . TYR A 1 89  ? 6.181   12.084  2.967   1.00 19.86 ? 137 TYR A CA  1 
ATOM   728  C C   . TYR A 1 89  ? 6.010   10.614  2.607   1.00 19.71 ? 137 TYR A C   1 
ATOM   729  O O   . TYR A 1 89  ? 5.731   9.781   3.476   1.00 20.42 ? 137 TYR A O   1 
ATOM   730  C CB  . TYR A 1 89  ? 4.932   12.869  2.558   1.00 18.43 ? 137 TYR A CB  1 
ATOM   731  C CG  . TYR A 1 89  ? 4.889   14.265  3.112   1.00 19.93 ? 137 TYR A CG  1 
ATOM   732  C CD1 . TYR A 1 89  ? 4.232   15.288  2.429   1.00 18.44 ? 137 TYR A CD1 1 
ATOM   733  C CD2 . TYR A 1 89  ? 5.503   14.572  4.334   1.00 22.02 ? 137 TYR A CD2 1 
ATOM   734  C CE1 . TYR A 1 89  ? 4.185   16.583  2.939   1.00 19.78 ? 137 TYR A CE1 1 
ATOM   735  C CE2 . TYR A 1 89  ? 5.460   15.870  4.856   1.00 21.70 ? 137 TYR A CE2 1 
ATOM   736  C CZ  . TYR A 1 89  ? 4.800   16.867  4.157   1.00 21.01 ? 137 TYR A CZ  1 
ATOM   737  O OH  . TYR A 1 89  ? 4.755   18.140  4.675   1.00 19.92 ? 137 TYR A OH  1 
ATOM   738  N N   . GLY A 1 90  ? 6.163   10.299  1.327   1.00 19.43 ? 138 GLY A N   1 
ATOM   739  C CA  . GLY A 1 90  ? 6.031   8.921   0.886   1.00 19.64 ? 138 GLY A CA  1 
ATOM   740  C C   . GLY A 1 90  ? 7.004   7.956   1.551   1.00 19.11 ? 138 GLY A C   1 
ATOM   741  O O   . GLY A 1 90  ? 6.657   6.810   1.859   1.00 18.68 ? 138 GLY A O   1 
ATOM   742  N N   . THR A 1 91  ? 8.238   8.390   1.771   1.00 18.64 ? 139 THR A N   1 
ATOM   743  C CA  . THR A 1 91  ? 9.197   7.485   2.399   1.00 19.42 ? 139 THR A CA  1 
ATOM   744  C C   . THR A 1 91  ? 8.841   7.269   3.869   1.00 17.58 ? 139 THR A C   1 
ATOM   745  O O   . THR A 1 91  ? 8.934   6.153   4.379   1.00 17.88 ? 139 THR A O   1 
ATOM   746  C CB  . THR A 1 91  ? 10.629  8.024   2.263   1.00 19.85 ? 139 THR A CB  1 
ATOM   747  O OG1 . THR A 1 91  ? 10.973  8.066   0.875   1.00 22.55 ? 139 THR A OG1 1 
ATOM   748  C CG2 . THR A 1 91  ? 11.624  7.130   2.997   1.00 20.05 ? 139 THR A CG2 1 
ATOM   749  N N   . ARG A 1 92  ? 8.412   8.334   4.538   1.00 17.12 ? 140 ARG A N   1 
ATOM   750  C CA  . ARG A 1 92  ? 8.024   8.247   5.940   1.00 18.10 ? 140 ARG A CA  1 
ATOM   751  C C   . ARG A 1 92  ? 6.774   7.386   6.101   1.00 18.44 ? 140 ARG A C   1 
ATOM   752  O O   . ARG A 1 92  ? 6.617   6.702   7.113   1.00 17.96 ? 140 ARG A O   1 
ATOM   753  C CB  . ARG A 1 92  ? 7.771   9.642   6.510   1.00 18.56 ? 140 ARG A CB  1 
ATOM   754  C CG  . ARG A 1 92  ? 9.042   10.415  6.816   1.00 20.79 ? 140 ARG A CG  1 
ATOM   755  C CD  . ARG A 1 92  ? 8.756   11.890  7.035   1.00 22.84 ? 140 ARG A CD  1 
ATOM   756  N NE  . ARG A 1 92  ? 7.910   12.127  8.198   1.00 23.18 ? 140 ARG A NE  1 
ATOM   757  C CZ  . ARG A 1 92  ? 7.379   13.304  8.506   1.00 24.37 ? 140 ARG A CZ  1 
ATOM   758  N NH1 . ARG A 1 92  ? 7.601   14.357  7.733   1.00 23.44 ? 140 ARG A NH1 1 
ATOM   759  N NH2 . ARG A 1 92  ? 6.626   13.431  9.593   1.00 24.64 ? 140 ARG A NH2 1 
ATOM   760  N N   . LEU A 1 93  ? 5.890   7.415   5.100   1.00 18.01 ? 141 LEU A N   1 
ATOM   761  C CA  . LEU A 1 93  ? 4.661   6.617   5.146   1.00 15.66 ? 141 LEU A CA  1 
ATOM   762  C C   . LEU A 1 93  ? 5.016   5.145   5.082   1.00 14.34 ? 141 LEU A C   1 
ATOM   763  O O   . LEU A 1 93  ? 4.516   4.343   5.870   1.00 14.83 ? 141 LEU A O   1 
ATOM   764  C CB  . LEU A 1 93  ? 3.729   6.969   3.971   1.00 16.76 ? 141 LEU A CB  1 
ATOM   765  C CG  . LEU A 1 93  ? 2.459   6.109   3.804   1.00 16.80 ? 141 LEU A CG  1 
ATOM   766  C CD1 . LEU A 1 93  ? 1.598   6.186   5.062   1.00 14.38 ? 141 LEU A CD1 1 
ATOM   767  C CD2 . LEU A 1 93  ? 1.651   6.591   2.594   1.00 16.04 ? 141 LEU A CD2 1 
ATOM   768  N N   . MET A 1 94  ? 5.883   4.788   4.140   1.00 13.02 ? 142 MET A N   1 
ATOM   769  C CA  . MET A 1 94  ? 6.301   3.404   3.977   1.00 14.58 ? 142 MET A CA  1 
ATOM   770  C C   . MET A 1 94  ? 6.987   2.888   5.250   1.00 14.26 ? 142 MET A C   1 
ATOM   771  O O   . MET A 1 94  ? 6.787   1.745   5.649   1.00 14.13 ? 142 MET A O   1 
ATOM   772  C CB  . MET A 1 94  ? 7.249   3.267   2.784   1.00 15.29 ? 142 MET A CB  1 
ATOM   773  C CG  . MET A 1 94  ? 7.728   1.836   2.518   1.00 18.37 ? 142 MET A CG  1 
ATOM   774  S SD  . MET A 1 94  ? 6.375   0.669   2.203   1.00 24.11 ? 142 MET A SD  1 
ATOM   775  C CE  . MET A 1 94  ? 5.632   1.448   0.738   1.00 20.76 ? 142 MET A CE  1 
ATOM   776  N N   . ASN A 1 95  ? 7.802   3.722   5.884   1.00 14.66 ? 143 ASN A N   1 
ATOM   777  C CA  . ASN A 1 95  ? 8.468   3.299   7.112   1.00 15.57 ? 143 ASN A CA  1 
ATOM   778  C C   . ASN A 1 95  ? 7.421   3.091   8.206   1.00 14.80 ? 143 ASN A C   1 
ATOM   779  O O   . ASN A 1 95  ? 7.484   2.117   8.954   1.00 15.00 ? 143 ASN A O   1 
ATOM   780  C CB  . ASN A 1 95  ? 9.496   4.340   7.558   1.00 15.86 ? 143 ASN A CB  1 
ATOM   781  C CG  . ASN A 1 95  ? 10.644  4.478   6.580   1.00 18.27 ? 143 ASN A CG  1 
ATOM   782  O OD1 . ASN A 1 95  ? 11.110  3.494   6.011   1.00 18.65 ? 143 ASN A OD1 1 
ATOM   783  N ND2 . ASN A 1 95  ? 11.115  5.704   6.390   1.00 19.43 ? 143 ASN A ND2 1 
ATOM   784  N N   . LYS A 1 96  ? 6.452   4.001   8.290   1.00 14.25 ? 144 LYS A N   1 
ATOM   785  C CA  . LYS A 1 96  ? 5.391   3.869   9.280   1.00 16.04 ? 144 LYS A CA  1 
ATOM   786  C C   . LYS A 1 96  ? 4.597   2.601   9.007   1.00 15.72 ? 144 LYS A C   1 
ATOM   787  O O   . LYS A 1 96  ? 4.205   1.880   9.934   1.00 14.57 ? 144 LYS A O   1 
ATOM   788  C CB  . LYS A 1 96  ? 4.455   5.076   9.232   1.00 18.94 ? 144 LYS A CB  1 
ATOM   789  C CG  . LYS A 1 96  ? 4.819   6.166   10.222  1.00 25.47 ? 144 LYS A CG  1 
ATOM   790  C CD  . LYS A 1 96  ? 3.882   6.147   11.435  1.00 30.25 ? 144 LYS A CD  1 
ATOM   791  C CE  . LYS A 1 96  ? 3.846   4.792   12.133  1.00 30.98 ? 144 LYS A CE  1 
ATOM   792  N NZ  . LYS A 1 96  ? 2.716   4.732   13.111  1.00 31.71 ? 144 LYS A NZ  1 
ATOM   793  N N   . PHE A 1 97  ? 4.366   2.336   7.724   1.00 14.29 ? 145 PHE A N   1 
ATOM   794  C CA  . PHE A 1 97  ? 3.626   1.155   7.310   1.00 12.01 ? 145 PHE A CA  1 
ATOM   795  C C   . PHE A 1 97  ? 4.370   -0.115  7.699   1.00 11.40 ? 145 PHE A C   1 
ATOM   796  O O   . PHE A 1 97  ? 3.768   -1.051  8.205   1.00 12.61 ? 145 PHE A O   1 
ATOM   797  C CB  . PHE A 1 97  ? 3.387   1.169   5.790   1.00 10.69 ? 145 PHE A CB  1 
ATOM   798  C CG  . PHE A 1 97  ? 2.689   -0.058  5.280   1.00 7.95  ? 145 PHE A CG  1 
ATOM   799  C CD1 . PHE A 1 97  ? 3.299   -0.879  4.346   1.00 7.32  ? 145 PHE A CD1 1 
ATOM   800  C CD2 . PHE A 1 97  ? 1.441   -0.414  5.765   1.00 6.90  ? 145 PHE A CD2 1 
ATOM   801  C CE1 . PHE A 1 97  ? 2.678   -2.045  3.898   1.00 8.66  ? 145 PHE A CE1 1 
ATOM   802  C CE2 . PHE A 1 97  ? 0.810   -1.579  5.327   1.00 7.92  ? 145 PHE A CE2 1 
ATOM   803  C CZ  . PHE A 1 97  ? 1.428   -2.396  4.393   1.00 6.95  ? 145 PHE A CZ  1 
ATOM   804  N N   . LYS A 1 98  ? 5.674   -0.161  7.464   1.00 11.99 ? 146 LYS A N   1 
ATOM   805  C CA  . LYS A 1 98  ? 6.429   -1.356  7.819   1.00 13.66 ? 146 LYS A CA  1 
ATOM   806  C C   . LYS A 1 98  ? 6.411   -1.597  9.323   1.00 13.61 ? 146 LYS A C   1 
ATOM   807  O O   . LYS A 1 98  ? 6.292   -2.735  9.771   1.00 12.35 ? 146 LYS A O   1 
ATOM   808  C CB  . LYS A 1 98  ? 7.873   -1.246  7.346   1.00 14.32 ? 146 LYS A CB  1 
ATOM   809  C CG  . LYS A 1 98  ? 8.048   -1.311  5.838   1.00 16.64 ? 146 LYS A CG  1 
ATOM   810  C CD  . LYS A 1 98  ? 9.522   -1.185  5.499   1.00 18.87 ? 146 LYS A CD  1 
ATOM   811  C CE  . LYS A 1 98  ? 9.750   -1.066  4.010   1.00 22.48 ? 146 LYS A CE  1 
ATOM   812  N NZ  . LYS A 1 98  ? 11.196  -0.830  3.731   1.00 22.91 ? 146 LYS A NZ  1 
ATOM   813  N N   . ASP A 1 99  ? 6.510   -0.516  10.092  1.00 14.64 ? 147 ASP A N   1 
ATOM   814  C CA  . ASP A 1 99  ? 6.516   -0.600  11.553  1.00 17.24 ? 147 ASP A CA  1 
ATOM   815  C C   . ASP A 1 99  ? 5.209   -1.203  12.017  1.00 16.84 ? 147 ASP A C   1 
ATOM   816  O O   . ASP A 1 99  ? 5.189   -2.158  12.795  1.00 18.36 ? 147 ASP A O   1 
ATOM   817  C CB  . ASP A 1 99  ? 6.716   0.799   12.167  1.00 17.46 ? 147 ASP A CB  1 
ATOM   818  C CG  . ASP A 1 99  ? 6.772   0.772   13.688  1.00 18.99 ? 147 ASP A CG  1 
ATOM   819  O OD1 . ASP A 1 99  ? 5.764   1.116   14.336  1.00 20.98 ? 147 ASP A OD1 1 
ATOM   820  O OD2 . ASP A 1 99  ? 7.828   0.399   14.237  1.00 18.34 ? 147 ASP A OD2 1 
ATOM   821  N N   . HIS A 1 100 ? 4.112   -0.645  11.517  1.00 17.71 ? 148 HIS A N   1 
ATOM   822  C CA  . HIS A 1 100 ? 2.776   -1.125  11.850  1.00 16.63 ? 148 HIS A CA  1 
ATOM   823  C C   . HIS A 1 100 ? 2.583   -2.596  11.452  1.00 15.20 ? 148 HIS A C   1 
ATOM   824  O O   . HIS A 1 100 ? 1.995   -3.378  12.205  1.00 14.21 ? 148 HIS A O   1 
ATOM   825  C CB  . HIS A 1 100 ? 1.739   -0.230  11.165  1.00 17.80 ? 148 HIS A CB  1 
ATOM   826  C CG  . HIS A 1 100 ? 0.337   -0.737  11.274  1.00 19.79 ? 148 HIS A CG  1 
ATOM   827  N ND1 . HIS A 1 100 ? -0.259  -1.485  10.280  1.00 20.47 ? 148 HIS A ND1 1 
ATOM   828  C CD2 . HIS A 1 100 ? -0.584  -0.612  12.258  1.00 19.58 ? 148 HIS A CD2 1 
ATOM   829  C CE1 . HIS A 1 100 ? -1.489  -1.798  10.648  1.00 21.10 ? 148 HIS A CE1 1 
ATOM   830  N NE2 . HIS A 1 100 ? -1.710  -1.281  11.844  1.00 22.20 ? 148 HIS A NE2 1 
ATOM   831  N N   . MET A 1 101 ? 3.075   -2.981  10.273  1.00 13.88 ? 149 MET A N   1 
ATOM   832  C CA  . MET A 1 101 ? 2.960   -4.376  9.834   1.00 12.99 ? 149 MET A CA  1 
ATOM   833  C C   . MET A 1 101 ? 3.752   -5.282  10.803  1.00 14.13 ? 149 MET A C   1 
ATOM   834  O O   . MET A 1 101 ? 3.323   -6.394  11.143  1.00 10.40 ? 149 MET A O   1 
ATOM   835  C CB  . MET A 1 101 ? 3.509   -4.527  8.417   1.00 13.93 ? 149 MET A CB  1 
ATOM   836  C CG  . MET A 1 101 ? 2.610   -3.899  7.334   1.00 14.67 ? 149 MET A CG  1 
ATOM   837  S SD  . MET A 1 101 ? 1.040   -4.756  7.295   1.00 16.47 ? 149 MET A SD  1 
ATOM   838  C CE  . MET A 1 101 ? 1.561   -6.092  6.556   1.00 15.49 ? 149 MET A CE  1 
ATOM   839  N N   . GLN A 1 102 ? 4.908   -4.798  11.248  1.00 13.44 ? 150 GLN A N   1 
ATOM   840  C CA  . GLN A 1 102 ? 5.737   -5.560  12.184  1.00 14.73 ? 150 GLN A CA  1 
ATOM   841  C C   . GLN A 1 102 ? 4.921   -5.823  13.455  1.00 14.67 ? 150 GLN A C   1 
ATOM   842  O O   . GLN A 1 102 ? 4.886   -6.936  13.960  1.00 14.80 ? 150 GLN A O   1 
ATOM   843  C CB  . GLN A 1 102 ? 7.007   -4.769  12.503  1.00 13.20 ? 150 GLN A CB  1 
ATOM   844  C CG  . GLN A 1 102 ? 7.972   -5.468  13.440  1.00 13.37 ? 150 GLN A CG  1 
ATOM   845  C CD  . GLN A 1 102 ? 9.206   -4.630  13.679  1.00 13.11 ? 150 GLN A CD  1 
ATOM   846  O OE1 . GLN A 1 102 ? 9.132   -3.551  14.268  1.00 10.47 ? 150 GLN A OE1 1 
ATOM   847  N NE2 . GLN A 1 102 ? 10.344  -5.106  13.196  1.00 13.39 ? 150 GLN A NE2 1 
ATOM   848  N N   . LYS A 1 103 ? 4.239   -4.793  13.937  1.00 16.11 ? 151 LYS A N   1 
ATOM   849  C CA  . LYS A 1 103 ? 3.399   -4.902  15.123  1.00 20.02 ? 151 LYS A CA  1 
ATOM   850  C C   . LYS A 1 103 ? 2.174   -5.776  14.871  1.00 21.58 ? 151 LYS A C   1 
ATOM   851  O O   . LYS A 1 103 ? 1.632   -6.367  15.803  1.00 22.83 ? 151 LYS A O   1 
ATOM   852  C CB  . LYS A 1 103 ? 2.967   -3.510  15.578  1.00 20.95 ? 151 LYS A CB  1 
ATOM   853  C CG  . LYS A 1 103 ? 4.125   -2.685  16.139  1.00 26.12 ? 151 LYS A CG  1 
ATOM   854  C CD  . LYS A 1 103 ? 3.763   -1.216  16.325  1.00 27.05 ? 151 LYS A CD  1 
ATOM   855  C CE  . LYS A 1 103 ? 4.834   -0.491  17.156  1.00 28.65 ? 151 LYS A CE  1 
ATOM   856  N NZ  . LYS A 1 103 ? 6.202   -0.587  16.559  1.00 29.55 ? 151 LYS A NZ  1 
ATOM   857  N N   . GLN A 1 104 ? 1.737   -5.864  13.615  1.00 22.01 ? 152 GLN A N   1 
ATOM   858  C CA  . GLN A 1 104 ? 0.578   -6.689  13.262  1.00 22.68 ? 152 GLN A CA  1 
ATOM   859  C C   . GLN A 1 104 ? 0.990   -8.137  13.042  1.00 21.88 ? 152 GLN A C   1 
ATOM   860  O O   . GLN A 1 104 ? 0.183   -8.961  12.615  1.00 23.66 ? 152 GLN A O   1 
ATOM   861  C CB  . GLN A 1 104 ? -0.104  -6.158  11.993  1.00 25.06 ? 152 GLN A CB  1 
ATOM   862  C CG  . GLN A 1 104 ? -0.806  -4.827  12.195  1.00 28.87 ? 152 GLN A CG  1 
ATOM   863  C CD  . GLN A 1 104 ? -2.049  -4.963  13.051  1.00 32.54 ? 152 GLN A CD  1 
ATOM   864  O OE1 . GLN A 1 104 ? -3.086  -5.437  12.580  1.00 34.45 ? 152 GLN A OE1 1 
ATOM   865  N NE2 . GLN A 1 104 ? -1.951  -4.560  14.315  1.00 32.48 ? 152 GLN A NE2 1 
ATOM   866  N N   . ASN A 1 105 ? 2.257   -8.439  13.310  1.00 19.99 ? 153 ASN A N   1 
ATOM   867  C CA  . ASN A 1 105 ? 2.765   -9.796  13.157  1.00 18.58 ? 153 ASN A CA  1 
ATOM   868  C C   . ASN A 1 105 ? 2.811   -10.271 11.695  1.00 19.21 ? 153 ASN A C   1 
ATOM   869  O O   . ASN A 1 105 ? 2.555   -11.437 11.399  1.00 16.96 ? 153 ASN A O   1 
ATOM   870  C CB  . ASN A 1 105 ? 1.913   -10.751 14.006  1.00 18.41 ? 153 ASN A CB  1 
ATOM   871  C CG  . ASN A 1 105 ? 2.507   -12.135 14.105  1.00 18.60 ? 153 ASN A CG  1 
ATOM   872  O OD1 . ASN A 1 105 ? 3.727   -12.297 14.122  1.00 18.89 ? 153 ASN A OD1 1 
ATOM   873  N ND2 . ASN A 1 105 ? 1.648   -13.144 14.190  1.00 19.37 ? 153 ASN A ND2 1 
ATOM   874  N N   . ILE A 1 106 ? 3.160   -9.363  10.790  1.00 18.24 ? 154 ILE A N   1 
ATOM   875  C CA  . ILE A 1 106 ? 3.263   -9.694  9.376   1.00 18.14 ? 154 ILE A CA  1 
ATOM   876  C C   . ILE A 1 106 ? 4.738   -9.875  9.040   1.00 18.67 ? 154 ILE A C   1 
ATOM   877  O O   . ILE A 1 106 ? 5.553   -9.011  9.348   1.00 18.72 ? 154 ILE A O   1 
ATOM   878  C CB  . ILE A 1 106 ? 2.661   -8.577  8.515   1.00 16.73 ? 154 ILE A CB  1 
ATOM   879  C CG1 . ILE A 1 106 ? 1.146   -8.545  8.715   1.00 15.49 ? 154 ILE A CG1 1 
ATOM   880  C CG2 . ILE A 1 106 ? 3.030   -8.787  7.058   1.00 17.81 ? 154 ILE A CG2 1 
ATOM   881  C CD1 . ILE A 1 106 ? 0.464   -9.851  8.335   1.00 12.32 ? 154 ILE A CD1 1 
ATOM   882  N N   . GLU A 1 107 ? 5.070   -10.995 8.403   1.00 19.36 ? 155 GLU A N   1 
ATOM   883  C CA  . GLU A 1 107 ? 6.449   -11.323 8.059   1.00 21.47 ? 155 GLU A CA  1 
ATOM   884  C C   . GLU A 1 107 ? 6.916   -10.861 6.673   1.00 21.33 ? 155 GLU A C   1 
ATOM   885  O O   . GLU A 1 107 ? 8.116   -10.647 6.456   1.00 20.06 ? 155 GLU A O   1 
ATOM   886  C CB  . GLU A 1 107 ? 6.643   -12.835 8.189   1.00 23.59 ? 155 GLU A CB  1 
ATOM   887  C CG  . GLU A 1 107 ? 8.082   -13.290 8.099   1.00 28.63 ? 155 GLU A CG  1 
ATOM   888  C CD  . GLU A 1 107 ? 8.225   -14.786 8.312   1.00 31.01 ? 155 GLU A CD  1 
ATOM   889  O OE1 . GLU A 1 107 ? 9.369   -15.250 8.503   1.00 34.00 ? 155 GLU A OE1 1 
ATOM   890  O OE2 . GLU A 1 107 ? 7.196   -15.497 8.286   1.00 31.56 ? 155 GLU A OE2 1 
ATOM   891  N N   . TYR A 1 108 ? 5.986   -10.723 5.728   1.00 20.41 ? 156 TYR A N   1 
ATOM   892  C CA  . TYR A 1 108 ? 6.354   -10.276 4.386   1.00 18.52 ? 156 TYR A CA  1 
ATOM   893  C C   . TYR A 1 108 ? 5.337   -9.314  3.781   1.00 17.72 ? 156 TYR A C   1 
ATOM   894  O O   . TYR A 1 108 ? 4.137   -9.409  4.032   1.00 15.97 ? 156 TYR A O   1 
ATOM   895  C CB  . TYR A 1 108 ? 6.494   -11.455 3.416   1.00 19.06 ? 156 TYR A CB  1 
ATOM   896  C CG  . TYR A 1 108 ? 7.564   -12.460 3.736   1.00 20.67 ? 156 TYR A CG  1 
ATOM   897  C CD1 . TYR A 1 108 ? 7.268   -13.618 4.461   1.00 21.14 ? 156 TYR A CD1 1 
ATOM   898  C CD2 . TYR A 1 108 ? 8.870   -12.281 3.282   1.00 21.07 ? 156 TYR A CD2 1 
ATOM   899  C CE1 . TYR A 1 108 ? 8.240   -14.571 4.720   1.00 22.30 ? 156 TYR A CE1 1 
ATOM   900  C CE2 . TYR A 1 108 ? 9.854   -13.232 3.539   1.00 22.82 ? 156 TYR A CE2 1 
ATOM   901  C CZ  . TYR A 1 108 ? 9.528   -14.374 4.256   1.00 22.77 ? 156 TYR A CZ  1 
ATOM   902  O OH  . TYR A 1 108 ? 10.484  -15.330 4.498   1.00 26.27 ? 156 TYR A OH  1 
ATOM   903  N N   . LEU A 1 109 ? 5.841   -8.381  2.988   1.00 16.96 ? 157 LEU A N   1 
ATOM   904  C CA  . LEU A 1 109 ? 5.003   -7.426  2.282   1.00 17.26 ? 157 LEU A CA  1 
ATOM   905  C C   . LEU A 1 109 ? 5.201   -7.776  0.809   1.00 17.70 ? 157 LEU A C   1 
ATOM   906  O O   . LEU A 1 109 ? 6.322   -8.008  0.368   1.00 18.60 ? 157 LEU A O   1 
ATOM   907  C CB  . LEU A 1 109 ? 5.473   -5.990  2.522   1.00 16.86 ? 157 LEU A CB  1 
ATOM   908  C CG  . LEU A 1 109 ? 5.527   -5.463  3.963   1.00 18.17 ? 157 LEU A CG  1 
ATOM   909  C CD1 . LEU A 1 109 ? 6.140   -4.063  3.953   1.00 15.02 ? 157 LEU A CD1 1 
ATOM   910  C CD2 . LEU A 1 109 ? 4.127   -5.439  4.572   1.00 15.73 ? 157 LEU A CD2 1 
ATOM   911  N N   . LEU A 1 110 ? 4.119   -7.841  0.048   1.00 17.86 ? 158 LEU A N   1 
ATOM   912  C CA  . LEU A 1 110 ? 4.231   -8.156  -1.375  1.00 17.78 ? 158 LEU A CA  1 
ATOM   913  C C   . LEU A 1 110 ? 3.565   -7.048  -2.163  1.00 17.16 ? 158 LEU A C   1 
ATOM   914  O O   . LEU A 1 110 ? 2.597   -6.455  -1.702  1.00 18.27 ? 158 LEU A O   1 
ATOM   915  C CB  . LEU A 1 110 ? 3.542   -9.489  -1.695  1.00 17.18 ? 158 LEU A CB  1 
ATOM   916  C CG  . LEU A 1 110 ? 4.236   -10.784 -1.260  1.00 17.42 ? 158 LEU A CG  1 
ATOM   917  C CD1 . LEU A 1 110 ? 3.338   -11.985 -1.499  1.00 19.55 ? 158 LEU A CD1 1 
ATOM   918  C CD2 . LEU A 1 110 ? 5.510   -10.937 -2.046  1.00 20.23 ? 158 LEU A CD2 1 
ATOM   919  N N   . THR A 1 111 ? 4.100   -6.756  -3.341  1.00 16.83 ? 159 THR A N   1 
ATOM   920  C CA  . THR A 1 111 ? 3.511   -5.739  -4.200  1.00 15.92 ? 159 THR A CA  1 
ATOM   921  C C   . THR A 1 111 ? 3.897   -5.969  -5.651  1.00 16.76 ? 159 THR A C   1 
ATOM   922  O O   . THR A 1 111 ? 5.020   -6.380  -5.953  1.00 13.70 ? 159 THR A O   1 
ATOM   923  C CB  . THR A 1 111 ? 3.959   -4.327  -3.818  1.00 16.04 ? 159 THR A CB  1 
ATOM   924  O OG1 . THR A 1 111 ? 3.075   -3.369  -4.419  1.00 14.94 ? 159 THR A OG1 1 
ATOM   925  C CG2 . THR A 1 111 ? 5.389   -4.060  -4.301  1.00 13.48 ? 159 THR A CG2 1 
ATOM   926  N N   . TYR A 1 112 ? 2.951   -5.737  -6.554  1.00 17.40 ? 160 TYR A N   1 
ATOM   927  C CA  . TYR A 1 112 ? 3.260   -5.862  -7.971  1.00 18.03 ? 160 TYR A CA  1 
ATOM   928  C C   . TYR A 1 112 ? 3.819   -4.516  -8.339  1.00 18.04 ? 160 TYR A C   1 
ATOM   929  O O   . TYR A 1 112 ? 3.392   -3.506  -7.784  1.00 19.46 ? 160 TYR A O   1 
ATOM   930  C CB  . TYR A 1 112 ? 2.004   -6.148  -8.798  1.00 19.87 ? 160 TYR A CB  1 
ATOM   931  C CG  . TYR A 1 112 ? 1.719   -7.617  -8.892  1.00 20.33 ? 160 TYR A CG  1 
ATOM   932  C CD1 . TYR A 1 112 ? 0.736   -8.214  -8.107  1.00 18.90 ? 160 TYR A CD1 1 
ATOM   933  C CD2 . TYR A 1 112 ? 2.467   -8.426  -9.745  1.00 20.67 ? 160 TYR A CD2 1 
ATOM   934  C CE1 . TYR A 1 112 ? 0.504   -9.577  -8.175  1.00 19.79 ? 160 TYR A CE1 1 
ATOM   935  C CE2 . TYR A 1 112 ? 2.249   -9.786  -9.816  1.00 19.83 ? 160 TYR A CE2 1 
ATOM   936  C CZ  . TYR A 1 112 ? 1.267   -10.357 -9.033  1.00 20.28 ? 160 TYR A CZ  1 
ATOM   937  O OH  . TYR A 1 112 ? 1.042   -11.713 -9.125  1.00 22.32 ? 160 TYR A OH  1 
ATOM   938  N N   . ALA A 1 113 ? 4.784   -4.494  -9.245  1.00 16.86 ? 161 ALA A N   1 
ATOM   939  C CA  . ALA A 1 113 ? 5.381   -3.237  -9.665  1.00 17.92 ? 161 ALA A CA  1 
ATOM   940  C C   . ALA A 1 113 ? 5.620   -3.294  -11.162 1.00 20.03 ? 161 ALA A C   1 
ATOM   941  O O   . ALA A 1 113 ? 5.705   -4.371  -11.750 1.00 19.34 ? 161 ALA A O   1 
ATOM   942  C CB  . ALA A 1 113 ? 6.704   -3.008  -8.940  1.00 15.04 ? 161 ALA A CB  1 
ATOM   943  N N   . ASP A 1 114 ? 5.737   -2.130  -11.781 1.00 22.68 ? 162 ASP A N   1 
ATOM   944  C CA  . ASP A 1 114 ? 5.962   -2.076  -13.212 1.00 25.12 ? 162 ASP A CA  1 
ATOM   945  C C   . ASP A 1 114 ? 6.751   -0.816  -13.502 1.00 24.61 ? 162 ASP A C   1 
ATOM   946  O O   . ASP A 1 114 ? 6.605   0.179   -12.790 1.00 23.66 ? 162 ASP A O   1 
ATOM   947  C CB  . ASP A 1 114 ? 4.615   -2.018  -13.933 1.00 28.73 ? 162 ASP A CB  1 
ATOM   948  C CG  . ASP A 1 114 ? 4.720   -2.385  -15.385 1.00 33.38 ? 162 ASP A CG  1 
ATOM   949  O OD1 . ASP A 1 114 ? 3.701   -2.251  -16.100 1.00 36.26 ? 162 ASP A OD1 1 
ATOM   950  O OD2 . ASP A 1 114 ? 5.817   -2.818  -15.810 1.00 35.88 ? 162 ASP A OD2 1 
ATOM   951  N N   . ASN A 1 115 ? 7.584   -0.865  -14.536 1.00 24.72 ? 163 ASN A N   1 
ATOM   952  C CA  . ASN A 1 115 ? 8.385   0.284   -14.937 1.00 25.24 ? 163 ASN A CA  1 
ATOM   953  C C   . ASN A 1 115 ? 9.126   0.956   -13.781 1.00 25.15 ? 163 ASN A C   1 
ATOM   954  O O   . ASN A 1 115 ? 9.865   0.300   -13.054 1.00 25.35 ? 163 ASN A O   1 
ATOM   955  C CB  . ASN A 1 115 ? 7.495   1.297   -15.659 1.00 26.40 ? 163 ASN A CB  1 
ATOM   956  C CG  . ASN A 1 115 ? 6.976   0.775   -16.991 1.00 28.93 ? 163 ASN A CG  1 
ATOM   957  O OD1 . ASN A 1 115 ? 6.012   1.303   -17.546 1.00 31.15 ? 163 ASN A OD1 1 
ATOM   958  N ND2 . ASN A 1 115 ? 7.623   -0.263  -17.514 1.00 29.66 ? 163 ASN A ND2 1 
ATOM   959  N N   . PHE A 1 116 ? 8.921   2.260   -13.610 1.00 25.47 ? 164 PHE A N   1 
ATOM   960  C CA  . PHE A 1 116 ? 9.595   3.017   -12.554 1.00 27.55 ? 164 PHE A CA  1 
ATOM   961  C C   . PHE A 1 116 ? 9.369   2.460   -11.150 1.00 26.90 ? 164 PHE A C   1 
ATOM   962  O O   . PHE A 1 116 ? 10.294  2.409   -10.347 1.00 29.06 ? 164 PHE A O   1 
ATOM   963  C CB  . PHE A 1 116 ? 9.148   4.490   -12.581 1.00 28.55 ? 164 PHE A CB  1 
ATOM   964  C CG  . PHE A 1 116 ? 8.145   4.849   -11.508 1.00 30.44 ? 164 PHE A CG  1 
ATOM   965  C CD1 . PHE A 1 116 ? 8.567   5.173   -10.214 1.00 30.76 ? 164 PHE A CD1 1 
ATOM   966  C CD2 . PHE A 1 116 ? 6.779   4.831   -11.782 1.00 30.11 ? 164 PHE A CD2 1 
ATOM   967  C CE1 . PHE A 1 116 ? 7.647   5.473   -9.211  1.00 30.40 ? 164 PHE A CE1 1 
ATOM   968  C CE2 . PHE A 1 116 ? 5.845   5.128   -10.786 1.00 30.26 ? 164 PHE A CE2 1 
ATOM   969  C CZ  . PHE A 1 116 ? 6.281   5.449   -9.496  1.00 30.53 ? 164 PHE A CZ  1 
ATOM   970  N N   . ALA A 1 117 ? 8.136   2.059   -10.863 1.00 26.16 ? 165 ALA A N   1 
ATOM   971  C CA  . ALA A 1 117 ? 7.777   1.545   -9.549  1.00 23.94 ? 165 ALA A CA  1 
ATOM   972  C C   . ALA A 1 117 ? 8.682   0.421   -9.051  1.00 23.58 ? 165 ALA A C   1 
ATOM   973  O O   . ALA A 1 117 ? 8.818   0.220   -7.844  1.00 22.81 ? 165 ALA A O   1 
ATOM   974  C CB  . ALA A 1 117 ? 6.326   1.089   -9.553  1.00 23.09 ? 165 ALA A CB  1 
ATOM   975  N N   . ILE A 1 118 ? 9.292   -0.320  -9.971  1.00 22.01 ? 166 ILE A N   1 
ATOM   976  C CA  . ILE A 1 118 ? 10.176  -1.403  -9.571  1.00 20.82 ? 166 ILE A CA  1 
ATOM   977  C C   . ILE A 1 118 ? 11.389  -0.798  -8.864  1.00 21.96 ? 166 ILE A C   1 
ATOM   978  O O   . ILE A 1 118 ? 11.759  -1.218  -7.765  1.00 20.73 ? 166 ILE A O   1 
ATOM   979  C CB  . ILE A 1 118 ? 10.658  -2.212  -10.778 1.00 21.90 ? 166 ILE A CB  1 
ATOM   980  C CG1 . ILE A 1 118 ? 9.461   -2.879  -11.471 1.00 21.52 ? 166 ILE A CG1 1 
ATOM   981  C CG2 . ILE A 1 118 ? 11.673  -3.260  -10.333 1.00 18.48 ? 166 ILE A CG2 1 
ATOM   982  C CD1 . ILE A 1 118 ? 9.856   -3.812  -12.600 1.00 21.79 ? 166 ILE A CD1 1 
ATOM   983  N N   . GLY A 1 119 ? 12.001  0.193   -9.502  1.00 21.20 ? 167 GLY A N   1 
ATOM   984  C CA  . GLY A 1 119 ? 13.146  0.846   -8.904  1.00 20.57 ? 167 GLY A CA  1 
ATOM   985  C C   . GLY A 1 119 ? 12.743  1.539   -7.617  1.00 20.13 ? 167 GLY A C   1 
ATOM   986  O O   . GLY A 1 119 ? 13.486  1.511   -6.635  1.00 20.70 ? 167 GLY A O   1 
ATOM   987  N N   . TYR A 1 120 ? 11.564  2.154   -7.607  1.00 18.45 ? 168 TYR A N   1 
ATOM   988  C CA  . TYR A 1 120 ? 11.093  2.850   -6.412  1.00 18.95 ? 168 TYR A CA  1 
ATOM   989  C C   . TYR A 1 120 ? 11.002  1.939   -5.192  1.00 20.94 ? 168 TYR A C   1 
ATOM   990  O O   . TYR A 1 120 ? 11.439  2.300   -4.093  1.00 20.59 ? 168 TYR A O   1 
ATOM   991  C CB  . TYR A 1 120 ? 9.714   3.458   -6.635  1.00 18.23 ? 168 TYR A CB  1 
ATOM   992  C CG  . TYR A 1 120 ? 9.209   4.179   -5.409  1.00 16.71 ? 168 TYR A CG  1 
ATOM   993  C CD1 . TYR A 1 120 ? 9.658   5.466   -5.099  1.00 15.97 ? 168 TYR A CD1 1 
ATOM   994  C CD2 . TYR A 1 120 ? 8.341   3.548   -4.515  1.00 16.99 ? 168 TYR A CD2 1 
ATOM   995  C CE1 . TYR A 1 120 ? 9.261   6.101   -3.924  1.00 17.11 ? 168 TYR A CE1 1 
ATOM   996  C CE2 . TYR A 1 120 ? 7.943   4.176   -3.336  1.00 15.28 ? 168 TYR A CE2 1 
ATOM   997  C CZ  . TYR A 1 120 ? 8.408   5.449   -3.051  1.00 16.66 ? 168 TYR A CZ  1 
ATOM   998  O OH  . TYR A 1 120 ? 8.041   6.059   -1.869  1.00 20.91 ? 168 TYR A OH  1 
ATOM   999  N N   . PHE A 1 121 ? 10.415  0.764   -5.379  1.00 21.20 ? 169 PHE A N   1 
ATOM   1000 C CA  . PHE A 1 121 ? 10.266  -0.171  -4.280  1.00 22.54 ? 169 PHE A CA  1 
ATOM   1001 C C   . PHE A 1 121 ? 11.586  -0.805  -3.842  1.00 22.98 ? 169 PHE A C   1 
ATOM   1002 O O   . PHE A 1 121 ? 11.736  -1.163  -2.671  1.00 22.42 ? 169 PHE A O   1 
ATOM   1003 C CB  . PHE A 1 121 ? 9.212   -1.231  -4.624  1.00 22.48 ? 169 PHE A CB  1 
ATOM   1004 C CG  . PHE A 1 121 ? 7.803   -0.711  -4.535  1.00 24.54 ? 169 PHE A CG  1 
ATOM   1005 C CD1 . PHE A 1 121 ? 7.035   -0.526  -5.680  1.00 26.31 ? 169 PHE A CD1 1 
ATOM   1006 C CD2 . PHE A 1 121 ? 7.271   -0.326  -3.303  1.00 25.96 ? 169 PHE A CD2 1 
ATOM   1007 C CE1 . PHE A 1 121 ? 5.758   0.045   -5.603  1.00 25.88 ? 169 PHE A CE1 1 
ATOM   1008 C CE2 . PHE A 1 121 ? 6.000   0.245   -3.213  1.00 25.64 ? 169 PHE A CE2 1 
ATOM   1009 C CZ  . PHE A 1 121 ? 5.244   0.433   -4.362  1.00 26.10 ? 169 PHE A CZ  1 
ATOM   1010 N N   . LYS A 1 122 ? 12.537  -0.936  -4.765  1.00 22.88 ? 170 LYS A N   1 
ATOM   1011 C CA  . LYS A 1 122 ? 13.850  -1.490  -4.430  1.00 25.65 ? 170 LYS A CA  1 
ATOM   1012 C C   . LYS A 1 122 ? 14.513  -0.576  -3.384  1.00 26.13 ? 170 LYS A C   1 
ATOM   1013 O O   . LYS A 1 122 ? 15.151  -1.049  -2.444  1.00 24.96 ? 170 LYS A O   1 
ATOM   1014 C CB  . LYS A 1 122 ? 14.743  -1.555  -5.668  1.00 27.46 ? 170 LYS A CB  1 
ATOM   1015 C CG  . LYS A 1 122 ? 14.347  -2.602  -6.689  1.00 30.29 ? 170 LYS A CG  1 
ATOM   1016 C CD  . LYS A 1 122 ? 15.270  -2.533  -7.903  1.00 33.72 ? 170 LYS A CD  1 
ATOM   1017 C CE  . LYS A 1 122 ? 14.975  -3.647  -8.901  1.00 35.69 ? 170 LYS A CE  1 
ATOM   1018 N NZ  . LYS A 1 122 ? 15.772  -3.513  -10.159 1.00 36.19 ? 170 LYS A NZ  1 
ATOM   1019 N N   . LYS A 1 123 ? 14.364  0.733   -3.563  1.00 26.46 ? 171 LYS A N   1 
ATOM   1020 C CA  . LYS A 1 123 ? 14.927  1.699   -2.624  1.00 27.69 ? 171 LYS A CA  1 
ATOM   1021 C C   . LYS A 1 123 ? 14.215  1.618   -1.281  1.00 27.52 ? 171 LYS A C   1 
ATOM   1022 O O   . LYS A 1 123 ? 14.746  2.069   -0.269  1.00 27.63 ? 171 LYS A O   1 
ATOM   1023 C CB  . LYS A 1 123 ? 14.806  3.127   -3.174  1.00 28.32 ? 171 LYS A CB  1 
ATOM   1024 C CG  . LYS A 1 123 ? 15.888  3.521   -4.171  1.00 31.78 ? 171 LYS A CG  1 
ATOM   1025 C CD  . LYS A 1 123 ? 15.936  2.557   -5.344  1.00 35.21 ? 171 LYS A CD  1 
ATOM   1026 C CE  . LYS A 1 123 ? 16.816  3.070   -6.473  1.00 36.93 ? 171 LYS A CE  1 
ATOM   1027 N NZ  . LYS A 1 123 ? 16.795  2.131   -7.632  1.00 37.92 ? 171 LYS A NZ  1 
ATOM   1028 N N   . GLN A 1 124 ? 13.009  1.048   -1.278  1.00 27.23 ? 172 GLN A N   1 
ATOM   1029 C CA  . GLN A 1 124 ? 12.217  0.902   -0.056  1.00 25.38 ? 172 GLN A CA  1 
ATOM   1030 C C   . GLN A 1 124 ? 12.423  -0.467  0.585   1.00 24.40 ? 172 GLN A C   1 
ATOM   1031 O O   . GLN A 1 124 ? 11.682  -0.838  1.493   1.00 23.73 ? 172 GLN A O   1 
ATOM   1032 C CB  . GLN A 1 124 ? 10.719  1.066   -0.342  1.00 28.04 ? 172 GLN A CB  1 
ATOM   1033 C CG  . GLN A 1 124 ? 10.306  2.369   -1.001  1.00 29.98 ? 172 GLN A CG  1 
ATOM   1034 C CD  . GLN A 1 124 ? 10.627  3.582   -0.159  1.00 29.72 ? 172 GLN A CD  1 
ATOM   1035 O OE1 . GLN A 1 124 ? 10.178  3.704   0.981   1.00 32.34 ? 172 GLN A OE1 1 
ATOM   1036 N NE2 . GLN A 1 124 ? 11.398  4.495   -0.723  1.00 30.13 ? 172 GLN A NE2 1 
ATOM   1037 N N   . GLY A 1 125 ? 13.392  -1.237  0.094   1.00 22.63 ? 173 GLY A N   1 
ATOM   1038 C CA  . GLY A 1 125 ? 13.652  -2.541  0.689   1.00 20.85 ? 173 GLY A CA  1 
ATOM   1039 C C   . GLY A 1 125 ? 13.070  -3.778  0.025   1.00 20.28 ? 173 GLY A C   1 
ATOM   1040 O O   . GLY A 1 125 ? 13.330  -4.897  0.481   1.00 20.34 ? 173 GLY A O   1 
ATOM   1041 N N   . PHE A 1 126 ? 12.287  -3.597  -1.037  1.00 17.54 ? 174 PHE A N   1 
ATOM   1042 C CA  . PHE A 1 126 ? 11.684  -4.729  -1.742  1.00 17.00 ? 174 PHE A CA  1 
ATOM   1043 C C   . PHE A 1 126 ? 12.672  -5.325  -2.755  1.00 16.70 ? 174 PHE A C   1 
ATOM   1044 O O   . PHE A 1 126 ? 13.511  -4.613  -3.306  1.00 17.47 ? 174 PHE A O   1 
ATOM   1045 C CB  . PHE A 1 126 ? 10.402  -4.295  -2.474  1.00 15.06 ? 174 PHE A CB  1 
ATOM   1046 C CG  . PHE A 1 126 ? 9.247   -3.924  -1.557  1.00 11.45 ? 174 PHE A CG  1 
ATOM   1047 C CD1 . PHE A 1 126 ? 9.277   -2.758  -0.803  1.00 11.69 ? 174 PHE A CD1 1 
ATOM   1048 C CD2 . PHE A 1 126 ? 8.111   -4.727  -1.493  1.00 10.68 ? 174 PHE A CD2 1 
ATOM   1049 C CE1 . PHE A 1 126 ? 8.194   -2.391  -0.001  1.00 11.18 ? 174 PHE A CE1 1 
ATOM   1050 C CE2 . PHE A 1 126 ? 7.019   -4.371  -0.697  1.00 10.21 ? 174 PHE A CE2 1 
ATOM   1051 C CZ  . PHE A 1 126 ? 7.057   -3.204  0.050   1.00 9.22  ? 174 PHE A CZ  1 
ATOM   1052 N N   . THR A 1 127 ? 12.559  -6.624  -3.010  1.00 17.76 ? 175 THR A N   1 
ATOM   1053 C CA  . THR A 1 127 ? 13.451  -7.302  -3.955  1.00 19.91 ? 175 THR A CA  1 
ATOM   1054 C C   . THR A 1 127 ? 12.642  -8.167  -4.920  1.00 21.66 ? 175 THR A C   1 
ATOM   1055 O O   . THR A 1 127 ? 11.528  -8.580  -4.594  1.00 20.65 ? 175 THR A O   1 
ATOM   1056 C CB  . THR A 1 127 ? 14.455  -8.240  -3.218  1.00 18.84 ? 175 THR A CB  1 
ATOM   1057 O OG1 . THR A 1 127 ? 13.733  -9.312  -2.595  1.00 18.36 ? 175 THR A OG1 1 
ATOM   1058 C CG2 . THR A 1 127 ? 15.210  -7.489  -2.138  1.00 20.84 ? 175 THR A CG2 1 
ATOM   1059 N N   . LYS A 1 128 ? 13.207  -8.444  -6.097  1.00 23.78 ? 176 LYS A N   1 
ATOM   1060 C CA  . LYS A 1 128 ? 12.544  -9.288  -7.096  1.00 26.88 ? 176 LYS A CA  1 
ATOM   1061 C C   . LYS A 1 128 ? 12.673  -10.758 -6.701  1.00 28.65 ? 176 LYS A C   1 
ATOM   1062 O O   . LYS A 1 128 ? 11.786  -11.566 -6.981  1.00 27.25 ? 176 LYS A O   1 
ATOM   1063 C CB  . LYS A 1 128 ? 13.166  -9.098  -8.484  1.00 27.15 ? 176 LYS A CB  1 
ATOM   1064 C CG  . LYS A 1 128 ? 12.997  -7.718  -9.084  1.00 29.79 ? 176 LYS A CG  1 
ATOM   1065 C CD  . LYS A 1 128 ? 13.565  -7.691  -10.501 1.00 31.38 ? 176 LYS A CD  1 
ATOM   1066 C CE  . LYS A 1 128 ? 13.578  -6.282  -11.069 1.00 32.35 ? 176 LYS A CE  1 
ATOM   1067 N NZ  . LYS A 1 128 ? 14.005  -6.259  -12.502 1.00 34.83 ? 176 LYS A NZ  1 
ATOM   1068 N N   . GLU A 1 129 ? 13.791  -11.103 -6.068  1.00 31.34 ? 177 GLU A N   1 
ATOM   1069 C CA  . GLU A 1 129 ? 14.024  -12.475 -5.624  1.00 34.23 ? 177 GLU A CA  1 
ATOM   1070 C C   . GLU A 1 129 ? 13.232  -12.632 -4.332  1.00 35.20 ? 177 GLU A C   1 
ATOM   1071 O O   . GLU A 1 129 ? 13.293  -11.768 -3.456  1.00 36.29 ? 177 GLU A O   1 
ATOM   1072 C CB  . GLU A 1 129 ? 15.518  -12.711 -5.356  1.00 37.12 ? 177 GLU A CB  1 
ATOM   1073 C CG  . GLU A 1 129 ? 15.915  -14.187 -5.331  1.00 41.64 ? 177 GLU A CG  1 
ATOM   1074 C CD  . GLU A 1 129 ? 17.339  -14.429 -4.830  1.00 44.06 ? 177 GLU A CD  1 
ATOM   1075 O OE1 . GLU A 1 129 ? 18.283  -13.785 -5.344  1.00 43.35 ? 177 GLU A OE1 1 
ATOM   1076 O OE2 . GLU A 1 129 ? 17.508  -15.277 -3.924  1.00 44.08 ? 177 GLU A OE2 1 
ATOM   1077 N N   . HIS A 1 130 ? 12.483  -13.721 -4.213  1.00 35.78 ? 178 HIS A N   1 
ATOM   1078 C CA  . HIS A 1 130 ? 11.680  -13.941 -3.019  1.00 36.67 ? 178 HIS A CA  1 
ATOM   1079 C C   . HIS A 1 130 ? 12.294  -14.983 -2.098  1.00 36.93 ? 178 HIS A C   1 
ATOM   1080 O O   . HIS A 1 130 ? 12.862  -15.971 -2.555  1.00 36.38 ? 178 HIS A O   1 
ATOM   1081 C CB  . HIS A 1 130 ? 10.265  -14.390 -3.407  1.00 36.59 ? 178 HIS A CB  1 
ATOM   1082 C CG  . HIS A 1 130 ? 9.535   -13.419 -4.285  1.00 36.93 ? 178 HIS A CG  1 
ATOM   1083 N ND1 . HIS A 1 130 ? 8.255   -13.650 -4.742  1.00 36.61 ? 178 HIS A ND1 1 
ATOM   1084 C CD2 . HIS A 1 130 ? 9.903   -12.217 -4.789  1.00 36.65 ? 178 HIS A CD2 1 
ATOM   1085 C CE1 . HIS A 1 130 ? 7.866   -12.633 -5.490  1.00 37.35 ? 178 HIS A CE1 1 
ATOM   1086 N NE2 . HIS A 1 130 ? 8.849   -11.750 -5.535  1.00 36.58 ? 178 HIS A NE2 1 
ATOM   1087 N N   . ARG A 1 131 ? 12.189  -14.756 -0.795  1.00 37.82 ? 179 ARG A N   1 
ATOM   1088 C CA  . ARG A 1 131 ? 12.719  -15.717 0.154   1.00 39.46 ? 179 ARG A CA  1 
ATOM   1089 C C   . ARG A 1 131 ? 11.522  -16.449 0.734   1.00 39.18 ? 179 ARG A C   1 
ATOM   1090 O O   . ARG A 1 131 ? 11.656  -17.510 1.339   1.00 38.73 ? 179 ARG A O   1 
ATOM   1091 C CB  . ARG A 1 131 ? 13.541  -15.026 1.257   1.00 40.61 ? 179 ARG A CB  1 
ATOM   1092 C CG  . ARG A 1 131 ? 12.757  -14.428 2.414   1.00 42.32 ? 179 ARG A CG  1 
ATOM   1093 C CD  . ARG A 1 131 ? 13.692  -14.163 3.605   1.00 44.20 ? 179 ARG A CD  1 
ATOM   1094 N NE  . ARG A 1 131 ? 14.770  -13.227 3.277   1.00 44.92 ? 179 ARG A NE  1 
ATOM   1095 C CZ  . ARG A 1 131 ? 16.030  -13.349 3.696   1.00 46.42 ? 179 ARG A CZ  1 
ATOM   1096 N NH1 . ARG A 1 131 ? 16.386  -14.368 4.469   1.00 45.98 ? 179 ARG A NH1 1 
ATOM   1097 N NH2 . ARG A 1 131 ? 16.940  -12.451 3.340   1.00 46.28 ? 179 ARG A NH2 1 
ATOM   1098 N N   . MET A 1 132 ? 10.340  -15.880 0.522   1.00 40.29 ? 180 MET A N   1 
ATOM   1099 C CA  . MET A 1 132 ? 9.113   -16.489 1.006   1.00 41.96 ? 180 MET A CA  1 
ATOM   1100 C C   . MET A 1 132 ? 8.695   -17.593 0.046   1.00 42.78 ? 180 MET A C   1 
ATOM   1101 O O   . MET A 1 132 ? 8.700   -17.399 -1.166  1.00 43.36 ? 180 MET A O   1 
ATOM   1102 C CB  . MET A 1 132 ? 7.997   -15.456 1.080   1.00 42.65 ? 180 MET A CB  1 
ATOM   1103 C CG  . MET A 1 132 ? 6.704   -16.002 1.652   1.00 44.17 ? 180 MET A CG  1 
ATOM   1104 S SD  . MET A 1 132 ? 5.316   -14.899 1.364   1.00 45.56 ? 180 MET A SD  1 
ATOM   1105 C CE  . MET A 1 132 ? 4.483   -15.771 0.086   1.00 45.61 ? 180 MET A CE  1 
ATOM   1106 N N   . PRO A 1 133 ? 8.333   -18.771 0.577   1.00 44.03 ? 181 PRO A N   1 
ATOM   1107 C CA  . PRO A 1 133 ? 7.911   -19.899 -0.261  1.00 45.01 ? 181 PRO A CA  1 
ATOM   1108 C C   . PRO A 1 133 ? 6.765   -19.506 -1.202  1.00 45.73 ? 181 PRO A C   1 
ATOM   1109 O O   . PRO A 1 133 ? 5.704   -19.066 -0.751  1.00 45.55 ? 181 PRO A O   1 
ATOM   1110 C CB  . PRO A 1 133 ? 7.486   -20.944 0.766   1.00 45.33 ? 181 PRO A CB  1 
ATOM   1111 C CG  . PRO A 1 133 ? 8.421   -20.674 1.912   1.00 45.65 ? 181 PRO A CG  1 
ATOM   1112 C CD  . PRO A 1 133 ? 8.386   -19.164 1.998   1.00 44.59 ? 181 PRO A CD  1 
ATOM   1113 N N   . GLN A 1 134 ? 6.990   -19.666 -2.503  1.00 46.26 ? 182 GLN A N   1 
ATOM   1114 C CA  . GLN A 1 134 ? 5.991   -19.324 -3.516  1.00 46.85 ? 182 GLN A CA  1 
ATOM   1115 C C   . GLN A 1 134 ? 4.598   -19.855 -3.192  1.00 46.80 ? 182 GLN A C   1 
ATOM   1116 O O   . GLN A 1 134 ? 3.606   -19.131 -3.300  1.00 45.72 ? 182 GLN A O   1 
ATOM   1117 C CB  . GLN A 1 134 ? 6.421   -19.867 -4.877  1.00 47.97 ? 182 GLN A CB  1 
ATOM   1118 C CG  . GLN A 1 134 ? 5.492   -19.486 -6.015  1.00 49.89 ? 182 GLN A CG  1 
ATOM   1119 C CD  . GLN A 1 134 ? 5.789   -20.247 -7.287  1.00 50.04 ? 182 GLN A CD  1 
ATOM   1120 O OE1 . GLN A 1 134 ? 5.574   -21.457 -7.364  1.00 50.70 ? 182 GLN A OE1 1 
ATOM   1121 N NE2 . GLN A 1 134 ? 6.296   -19.544 -8.294  1.00 51.29 ? 182 GLN A NE2 1 
ATOM   1122 N N   . GLU A 1 135 ? 4.529   -21.123 -2.800  1.00 47.18 ? 183 GLU A N   1 
ATOM   1123 C CA  . GLU A 1 135 ? 3.256   -21.754 -2.476  1.00 47.41 ? 183 GLU A CA  1 
ATOM   1124 C C   . GLU A 1 135 ? 2.546   -21.106 -1.296  1.00 46.67 ? 183 GLU A C   1 
ATOM   1125 O O   . GLU A 1 135 ? 1.458   -21.538 -0.914  1.00 47.15 ? 183 GLU A O   1 
ATOM   1126 C CB  . GLU A 1 135 ? 3.451   -23.247 -2.188  1.00 48.96 ? 183 GLU A CB  1 
ATOM   1127 C CG  . GLU A 1 135 ? 4.386   -23.565 -1.026  1.00 51.71 ? 183 GLU A CG  1 
ATOM   1128 C CD  . GLU A 1 135 ? 5.856   -23.548 -1.417  1.00 54.08 ? 183 GLU A CD  1 
ATOM   1129 O OE1 . GLU A 1 135 ? 6.703   -23.831 -0.540  1.00 54.53 ? 183 GLU A OE1 1 
ATOM   1130 O OE2 . GLU A 1 135 ? 6.167   -23.258 -2.595  1.00 54.80 ? 183 GLU A OE2 1 
ATOM   1131 N N   . LYS A 1 136 ? 3.152   -20.078 -0.712  1.00 45.07 ? 184 LYS A N   1 
ATOM   1132 C CA  . LYS A 1 136 ? 2.526   -19.410 0.422   1.00 43.13 ? 184 LYS A CA  1 
ATOM   1133 C C   . LYS A 1 136 ? 1.526   -18.364 -0.041  1.00 40.62 ? 184 LYS A C   1 
ATOM   1134 O O   . LYS A 1 136 ? 0.463   -18.210 0.559   1.00 40.62 ? 184 LYS A O   1 
ATOM   1135 C CB  . LYS A 1 136 ? 3.582   -18.768 1.321   1.00 44.67 ? 184 LYS A CB  1 
ATOM   1136 C CG  . LYS A 1 136 ? 4.566   -19.772 1.903   1.00 47.67 ? 184 LYS A CG  1 
ATOM   1137 C CD  . LYS A 1 136 ? 3.838   -20.935 2.570   1.00 48.56 ? 184 LYS A CD  1 
ATOM   1138 C CE  . LYS A 1 136 ? 4.799   -22.013 3.047   1.00 48.59 ? 184 LYS A CE  1 
ATOM   1139 N NZ  . LYS A 1 136 ? 4.060   -23.138 3.685   1.00 48.86 ? 184 LYS A NZ  1 
ATOM   1140 N N   . TRP A 1 137 ? 1.861   -17.648 -1.109  1.00 38.25 ? 185 TRP A N   1 
ATOM   1141 C CA  . TRP A 1 137 ? 0.958   -16.627 -1.634  1.00 35.86 ? 185 TRP A CA  1 
ATOM   1142 C C   . TRP A 1 137 ? 0.096   -17.178 -2.762  1.00 35.34 ? 185 TRP A C   1 
ATOM   1143 O O   . TRP A 1 137 ? -0.987  -16.661 -3.024  1.00 34.58 ? 185 TRP A O   1 
ATOM   1144 C CB  . TRP A 1 137 ? 1.734   -15.402 -2.133  1.00 33.72 ? 185 TRP A CB  1 
ATOM   1145 C CG  . TRP A 1 137 ? 2.744   -15.678 -3.212  1.00 32.25 ? 185 TRP A CG  1 
ATOM   1146 C CD1 . TRP A 1 137 ? 4.079   -15.909 -3.044  1.00 32.10 ? 185 TRP A CD1 1 
ATOM   1147 C CD2 . TRP A 1 137 ? 2.502   -15.739 -4.626  1.00 32.45 ? 185 TRP A CD2 1 
ATOM   1148 N NE1 . TRP A 1 137 ? 4.685   -16.105 -4.262  1.00 32.96 ? 185 TRP A NE1 1 
ATOM   1149 C CE2 . TRP A 1 137 ? 3.743   -16.005 -5.248  1.00 32.83 ? 185 TRP A CE2 1 
ATOM   1150 C CE3 . TRP A 1 137 ? 1.360   -15.588 -5.423  1.00 32.57 ? 185 TRP A CE3 1 
ATOM   1151 C CZ2 . TRP A 1 137 ? 3.871   -16.129 -6.639  1.00 32.37 ? 185 TRP A CZ2 1 
ATOM   1152 C CZ3 . TRP A 1 137 ? 1.490   -15.710 -6.807  1.00 31.66 ? 185 TRP A CZ3 1 
ATOM   1153 C CH2 . TRP A 1 137 ? 2.738   -15.975 -7.398  1.00 32.01 ? 185 TRP A CH2 1 
ATOM   1154 N N   . LYS A 1 138 ? 0.579   -18.233 -3.415  1.00 35.54 ? 186 LYS A N   1 
ATOM   1155 C CA  . LYS A 1 138 ? -0.140  -18.856 -4.524  1.00 36.83 ? 186 LYS A CA  1 
ATOM   1156 C C   . LYS A 1 138 ? -1.507  -19.329 -4.058  1.00 35.91 ? 186 LYS A C   1 
ATOM   1157 O O   . LYS A 1 138 ? -1.614  -20.153 -3.151  1.00 36.55 ? 186 LYS A O   1 
ATOM   1158 C CB  . LYS A 1 138 ? 0.653   -20.040 -5.074  1.00 38.51 ? 186 LYS A CB  1 
ATOM   1159 C CG  . LYS A 1 138 ? 0.094   -20.602 -6.373  1.00 41.24 ? 186 LYS A CG  1 
ATOM   1160 C CD  . LYS A 1 138 ? 0.979   -21.719 -6.915  1.00 43.21 ? 186 LYS A CD  1 
ATOM   1161 C CE  . LYS A 1 138 ? 0.462   -22.254 -8.254  1.00 45.03 ? 186 LYS A CE  1 
ATOM   1162 N NZ  . LYS A 1 138 ? -0.912  -22.838 -8.168  1.00 45.60 ? 186 LYS A NZ  1 
ATOM   1163 N N   . GLY A 1 139 ? -2.553  -18.802 -4.683  1.00 33.99 ? 187 GLY A N   1 
ATOM   1164 C CA  . GLY A 1 139 ? -3.896  -19.178 -4.295  1.00 32.28 ? 187 GLY A CA  1 
ATOM   1165 C C   . GLY A 1 139 ? -4.535  -18.062 -3.498  1.00 31.71 ? 187 GLY A C   1 
ATOM   1166 O O   . GLY A 1 139 ? -5.746  -18.062 -3.271  1.00 32.52 ? 187 GLY A O   1 
ATOM   1167 N N   . TYR A 1 140 ? -3.716  -17.104 -3.070  1.00 30.03 ? 188 TYR A N   1 
ATOM   1168 C CA  . TYR A 1 140 ? -4.210  -15.969 -2.301  1.00 29.45 ? 188 TYR A CA  1 
ATOM   1169 C C   . TYR A 1 140 ? -4.023  -14.692 -3.099  1.00 28.91 ? 188 TYR A C   1 
ATOM   1170 O O   . TYR A 1 140 ? -4.937  -13.875 -3.229  1.00 28.24 ? 188 TYR A O   1 
ATOM   1171 C CB  . TYR A 1 140 ? -3.471  -15.856 -0.965  1.00 28.83 ? 188 TYR A CB  1 
ATOM   1172 C CG  . TYR A 1 140 ? -3.689  -17.044 -0.058  1.00 28.75 ? 188 TYR A CG  1 
ATOM   1173 C CD1 . TYR A 1 140 ? -2.887  -18.178 -0.155  1.00 28.41 ? 188 TYR A CD1 1 
ATOM   1174 C CD2 . TYR A 1 140 ? -4.730  -17.051 0.869   1.00 28.24 ? 188 TYR A CD2 1 
ATOM   1175 C CE1 . TYR A 1 140 ? -3.121  -19.292 0.648   1.00 28.40 ? 188 TYR A CE1 1 
ATOM   1176 C CE2 . TYR A 1 140 ? -4.970  -18.158 1.672   1.00 27.85 ? 188 TYR A CE2 1 
ATOM   1177 C CZ  . TYR A 1 140 ? -4.164  -19.272 1.556   1.00 28.03 ? 188 TYR A CZ  1 
ATOM   1178 O OH  . TYR A 1 140 ? -4.407  -20.376 2.344   1.00 30.49 ? 188 TYR A OH  1 
ATOM   1179 N N   . ILE A 1 141 ? -2.817  -14.524 -3.626  1.00 28.95 ? 189 ILE A N   1 
ATOM   1180 C CA  . ILE A 1 141 ? -2.488  -13.360 -4.431  1.00 28.98 ? 189 ILE A CA  1 
ATOM   1181 C C   . ILE A 1 141 ? -2.513  -13.786 -5.890  1.00 29.19 ? 189 ILE A C   1 
ATOM   1182 O O   . ILE A 1 141 ? -1.878  -14.769 -6.277  1.00 27.86 ? 189 ILE A O   1 
ATOM   1183 C CB  . ILE A 1 141 ? -1.097  -12.803 -4.057  1.00 28.17 ? 189 ILE A CB  1 
ATOM   1184 C CG1 . ILE A 1 141 ? -1.163  -12.190 -2.658  1.00 28.87 ? 189 ILE A CG1 1 
ATOM   1185 C CG2 . ILE A 1 141 ? -0.658  -11.746 -5.059  1.00 28.13 ? 189 ILE A CG2 1 
ATOM   1186 C CD1 . ILE A 1 141 ? 0.115   -11.526 -2.213  1.00 29.17 ? 189 ILE A CD1 1 
ATOM   1187 N N   . LYS A 1 142 ? -3.266  -13.053 -6.697  1.00 30.19 ? 190 LYS A N   1 
ATOM   1188 C CA  . LYS A 1 142 ? -3.379  -13.379 -8.108  1.00 31.27 ? 190 LYS A CA  1 
ATOM   1189 C C   . LYS A 1 142 ? -1.988  -13.385 -8.722  1.00 31.28 ? 190 LYS A C   1 
ATOM   1190 O O   . LYS A 1 142 ? -1.146  -12.548 -8.393  1.00 31.81 ? 190 LYS A O   1 
ATOM   1191 C CB  . LYS A 1 142 ? -4.291  -12.368 -8.812  1.00 33.35 ? 190 LYS A CB  1 
ATOM   1192 C CG  . LYS A 1 142 ? -5.210  -13.000 -9.853  1.00 33.73 ? 190 LYS A CG  1 
ATOM   1193 C CD  . LYS A 1 142 ? -6.386  -12.091 -10.181 1.00 35.72 ? 190 LYS A CD  1 
ATOM   1194 C CE  . LYS A 1 142 ? -7.354  -12.741 -11.165 1.00 35.45 ? 190 LYS A CE  1 
ATOM   1195 N NZ  . LYS A 1 142 ? -6.692  -13.046 -12.460 1.00 34.51 ? 190 LYS A NZ  1 
ATOM   1196 N N   . ASP A 1 143 ? -1.745  -14.354 -9.595  1.00 31.06 ? 191 ASP A N   1 
ATOM   1197 C CA  . ASP A 1 143 ? -0.452  -14.492 -10.253 1.00 31.90 ? 191 ASP A CA  1 
ATOM   1198 C C   . ASP A 1 143 ? -0.508  -13.971 -11.685 1.00 31.66 ? 191 ASP A C   1 
ATOM   1199 O O   . ASP A 1 143 ? -0.882  -14.701 -12.603 1.00 32.77 ? 191 ASP A O   1 
ATOM   1200 C CB  . ASP A 1 143 ? -0.032  -15.967 -10.268 1.00 30.52 ? 191 ASP A CB  1 
ATOM   1201 C CG  . ASP A 1 143 ? 1.281   -16.191 -10.981 1.00 30.48 ? 191 ASP A CG  1 
ATOM   1202 O OD1 . ASP A 1 143 ? 1.586   -17.357 -11.292 1.00 31.54 ? 191 ASP A OD1 1 
ATOM   1203 O OD2 . ASP A 1 143 ? 2.016   -15.207 -11.225 1.00 30.84 ? 191 ASP A OD2 1 
ATOM   1204 N N   . TYR A 1 144 ? -0.132  -12.712 -11.879 1.00 31.89 ? 192 TYR A N   1 
ATOM   1205 C CA  . TYR A 1 144 ? -0.145  -12.127 -13.215 1.00 33.25 ? 192 TYR A CA  1 
ATOM   1206 C C   . TYR A 1 144 ? 1.229   -12.224 -13.853 1.00 34.04 ? 192 TYR A C   1 
ATOM   1207 O O   . TYR A 1 144 ? 2.233   -11.850 -13.245 1.00 34.80 ? 192 TYR A O   1 
ATOM   1208 C CB  . TYR A 1 144 ? -0.553  -10.658 -13.164 1.00 32.81 ? 192 TYR A CB  1 
ATOM   1209 C CG  . TYR A 1 144 ? -1.825  -10.380 -12.397 1.00 33.03 ? 192 TYR A CG  1 
ATOM   1210 C CD1 . TYR A 1 144 ? -1.777  -9.960  -11.063 1.00 31.79 ? 192 TYR A CD1 1 
ATOM   1211 C CD2 . TYR A 1 144 ? -3.077  -10.490 -13.016 1.00 30.24 ? 192 TYR A CD2 1 
ATOM   1212 C CE1 . TYR A 1 144 ? -2.943  -9.647  -10.367 1.00 31.22 ? 192 TYR A CE1 1 
ATOM   1213 C CE2 . TYR A 1 144 ? -4.244  -10.183 -12.331 1.00 29.67 ? 192 TYR A CE2 1 
ATOM   1214 C CZ  . TYR A 1 144 ? -4.172  -9.757  -11.007 1.00 30.38 ? 192 TYR A CZ  1 
ATOM   1215 O OH  . TYR A 1 144 ? -5.322  -9.421  -10.333 1.00 28.80 ? 192 TYR A OH  1 
ATOM   1216 N N   . ASP A 1 145 ? 1.270   -12.712 -15.088 1.00 34.67 ? 193 ASP A N   1 
ATOM   1217 C CA  . ASP A 1 145 ? 2.534   -12.860 -15.794 1.00 34.77 ? 193 ASP A CA  1 
ATOM   1218 C C   . ASP A 1 145 ? 3.070   -11.512 -16.257 1.00 34.33 ? 193 ASP A C   1 
ATOM   1219 O O   . ASP A 1 145 ? 4.276   -11.350 -16.447 1.00 33.91 ? 193 ASP A O   1 
ATOM   1220 C CB  . ASP A 1 145 ? 2.359   -13.794 -16.996 1.00 37.31 ? 193 ASP A CB  1 
ATOM   1221 C CG  . ASP A 1 145 ? 1.946   -15.202 -16.590 1.00 38.78 ? 193 ASP A CG  1 
ATOM   1222 O OD1 . ASP A 1 145 ? 2.715   -15.872 -15.864 1.00 39.76 ? 193 ASP A OD1 1 
ATOM   1223 O OD2 . ASP A 1 145 ? 0.849   -15.638 -17.000 1.00 39.56 ? 193 ASP A OD2 1 
ATOM   1224 N N   . GLY A 1 146 ? 2.171   -10.544 -16.417 1.00 33.11 ? 194 GLY A N   1 
ATOM   1225 C CA  . GLY A 1 146 ? 2.569   -9.223  -16.876 1.00 33.01 ? 194 GLY A CA  1 
ATOM   1226 C C   . GLY A 1 146 ? 3.209   -8.294  -15.857 1.00 32.94 ? 194 GLY A C   1 
ATOM   1227 O O   . GLY A 1 146 ? 3.708   -7.230  -16.218 1.00 33.89 ? 194 GLY A O   1 
ATOM   1228 N N   . GLY A 1 147 ? 3.199   -8.664  -14.584 1.00 32.19 ? 195 GLY A N   1 
ATOM   1229 C CA  . GLY A 1 147 ? 3.809   -7.784  -13.602 1.00 32.38 ? 195 GLY A CA  1 
ATOM   1230 C C   . GLY A 1 147 ? 5.001   -8.378  -12.868 1.00 31.11 ? 195 GLY A C   1 
ATOM   1231 O O   . GLY A 1 147 ? 5.267   -9.576  -12.959 1.00 31.79 ? 195 GLY A O   1 
ATOM   1232 N N   . THR A 1 148 ? 5.731   -7.534  -12.149 1.00 29.31 ? 196 THR A N   1 
ATOM   1233 C CA  . THR A 1 148 ? 6.870   -8.009  -11.370 1.00 27.80 ? 196 THR A CA  1 
ATOM   1234 C C   . THR A 1 148 ? 6.448   -8.044  -9.900  1.00 26.39 ? 196 THR A C   1 
ATOM   1235 O O   . THR A 1 148 ? 6.180   -7.003  -9.298  1.00 25.63 ? 196 THR A O   1 
ATOM   1236 C CB  . THR A 1 148 ? 8.111   -7.082  -11.529 1.00 28.63 ? 196 THR A CB  1 
ATOM   1237 O OG1 . THR A 1 148 ? 8.683   -7.255  -12.832 1.00 29.30 ? 196 THR A OG1 1 
ATOM   1238 C CG2 . THR A 1 148 ? 9.175   -7.411  -10.478 1.00 27.63 ? 196 THR A CG2 1 
ATOM   1239 N N   . LEU A 1 149 ? 6.359   -9.245  -9.339  1.00 24.24 ? 197 LEU A N   1 
ATOM   1240 C CA  . LEU A 1 149 ? 5.979   -9.404  -7.937  1.00 24.10 ? 197 LEU A CA  1 
ATOM   1241 C C   . LEU A 1 149 ? 7.220   -9.172  -7.072  1.00 23.50 ? 197 LEU A C   1 
ATOM   1242 O O   . LEU A 1 149 ? 8.215   -9.879  -7.213  1.00 24.36 ? 197 LEU A O   1 
ATOM   1243 C CB  . LEU A 1 149 ? 5.442   -10.812 -7.685  1.00 23.39 ? 197 LEU A CB  1 
ATOM   1244 C CG  . LEU A 1 149 ? 4.926   -11.071 -6.266  1.00 22.06 ? 197 LEU A CG  1 
ATOM   1245 C CD1 . LEU A 1 149 ? 3.816   -10.081 -5.932  1.00 18.88 ? 197 LEU A CD1 1 
ATOM   1246 C CD2 . LEU A 1 149 ? 4.433   -12.507 -6.169  1.00 20.80 ? 197 LEU A CD2 1 
ATOM   1247 N N   . MET A 1 150 ? 7.156   -8.176  -6.192  1.00 21.79 ? 198 MET A N   1 
ATOM   1248 C CA  . MET A 1 150 ? 8.276   -7.836  -5.313  1.00 21.01 ? 198 MET A CA  1 
ATOM   1249 C C   . MET A 1 150 ? 7.920   -8.042  -3.845  1.00 20.27 ? 198 MET A C   1 
ATOM   1250 O O   . MET A 1 150 ? 6.774   -7.851  -3.445  1.00 17.96 ? 198 MET A O   1 
ATOM   1251 C CB  . MET A 1 150 ? 8.682   -6.386  -5.543  1.00 20.65 ? 198 MET A CB  1 
ATOM   1252 C CG  . MET A 1 150 ? 9.065   -6.098  -6.978  1.00 21.71 ? 198 MET A CG  1 
ATOM   1253 S SD  . MET A 1 150 ? 9.641   -4.425  -7.161  1.00 24.48 ? 198 MET A SD  1 
ATOM   1254 C CE  . MET A 1 150 ? 11.422  -4.648  -6.676  1.00 20.34 ? 198 MET A CE  1 
ATOM   1255 N N   . GLU A 1 151 ? 8.906   -8.420  -3.038  1.00 20.41 ? 199 GLU A N   1 
ATOM   1256 C CA  . GLU A 1 151 ? 8.650   -8.671  -1.622  1.00 20.66 ? 199 GLU A CA  1 
ATOM   1257 C C   . GLU A 1 151 ? 9.644   -8.018  -0.676  1.00 19.77 ? 199 GLU A C   1 
ATOM   1258 O O   . GLU A 1 151 ? 10.833  -7.879  -0.987  1.00 19.70 ? 199 GLU A O   1 
ATOM   1259 C CB  . GLU A 1 151 ? 8.630   -10.182 -1.336  1.00 21.95 ? 199 GLU A CB  1 
ATOM   1260 C CG  . GLU A 1 151 ? 9.990   -10.851 -1.415  1.00 24.33 ? 199 GLU A CG  1 
ATOM   1261 C CD  . GLU A 1 151 ? 10.126  -12.067 -0.485  1.00 27.50 ? 199 GLU A CD  1 
ATOM   1262 O OE1 . GLU A 1 151 ? 11.267  -12.364 -0.067  1.00 27.24 ? 199 GLU A OE1 1 
ATOM   1263 O OE2 . GLU A 1 151 ? 9.112   -12.732 -0.175  1.00 26.55 ? 199 GLU A OE2 1 
ATOM   1264 N N   . CYS A 1 152 ? 9.139   -7.624  0.487   1.00 17.84 ? 200 CYS A N   1 
ATOM   1265 C CA  . CYS A 1 152 ? 9.964   -7.020  1.515   1.00 16.73 ? 200 CYS A CA  1 
ATOM   1266 C C   . CYS A 1 152 ? 9.813   -7.848  2.786   1.00 16.19 ? 200 CYS A C   1 
ATOM   1267 O O   . CYS A 1 152 ? 8.715   -7.980  3.317   1.00 14.89 ? 200 CYS A O   1 
ATOM   1268 C CB  . CYS A 1 152 ? 9.530   -5.587  1.799   1.00 16.01 ? 200 CYS A CB  1 
ATOM   1269 S SG  . CYS A 1 152 ? 10.558  -4.775  3.076   1.00 18.64 ? 200 CYS A SG  1 
ATOM   1270 N N   . TYR A 1 153 ? 10.916  -8.426  3.251   1.00 15.38 ? 201 TYR A N   1 
ATOM   1271 C CA  . TYR A 1 153 ? 10.904  -9.223  4.471   1.00 15.03 ? 201 TYR A CA  1 
ATOM   1272 C C   . TYR A 1 153 ? 10.844  -8.262  5.651   1.00 13.27 ? 201 TYR A C   1 
ATOM   1273 O O   . TYR A 1 153 ? 11.555  -7.267  5.676   1.00 13.32 ? 201 TYR A O   1 
ATOM   1274 C CB  . TYR A 1 153 ? 12.172  -10.081 4.544   1.00 16.40 ? 201 TYR A CB  1 
ATOM   1275 C CG  . TYR A 1 153 ? 12.327  -10.861 5.826   1.00 18.42 ? 201 TYR A CG  1 
ATOM   1276 C CD1 . TYR A 1 153 ? 11.320  -11.702 6.273   1.00 18.78 ? 201 TYR A CD1 1 
ATOM   1277 C CD2 . TYR A 1 153 ? 13.494  -10.764 6.589   1.00 20.76 ? 201 TYR A CD2 1 
ATOM   1278 C CE1 . TYR A 1 153 ? 11.459  -12.433 7.447   1.00 20.48 ? 201 TYR A CE1 1 
ATOM   1279 C CE2 . TYR A 1 153 ? 13.645  -11.495 7.772   1.00 20.92 ? 201 TYR A CE2 1 
ATOM   1280 C CZ  . TYR A 1 153 ? 12.623  -12.321 8.191   1.00 20.40 ? 201 TYR A CZ  1 
ATOM   1281 O OH  . TYR A 1 153 ? 12.745  -13.019 9.363   1.00 23.07 ? 201 TYR A OH  1 
ATOM   1282 N N   . ILE A 1 154 ? 9.971   -8.548  6.608   1.00 14.06 ? 202 ILE A N   1 
ATOM   1283 C CA  . ILE A 1 154 ? 9.819   -7.712  7.792   1.00 15.62 ? 202 ILE A CA  1 
ATOM   1284 C C   . ILE A 1 154 ? 10.362  -8.507  8.990   1.00 16.71 ? 202 ILE A C   1 
ATOM   1285 O O   . ILE A 1 154 ? 9.663   -9.341  9.560   1.00 15.63 ? 202 ILE A O   1 
ATOM   1286 C CB  . ILE A 1 154 ? 8.333   -7.378  8.065   1.00 15.89 ? 202 ILE A CB  1 
ATOM   1287 C CG1 . ILE A 1 154 ? 7.718   -6.627  6.871   1.00 17.15 ? 202 ILE A CG1 1 
ATOM   1288 C CG2 . ILE A 1 154 ? 8.217   -6.550  9.338   1.00 16.69 ? 202 ILE A CG2 1 
ATOM   1289 C CD1 . ILE A 1 154 ? 8.298   -5.237  6.638   1.00 16.36 ? 202 ILE A CD1 1 
ATOM   1290 N N   . HIS A 1 155 ? 11.616  -8.262  9.347   1.00 16.59 ? 203 HIS A N   1 
ATOM   1291 C CA  . HIS A 1 155 ? 12.236  -8.955  10.473  1.00 17.78 ? 203 HIS A CA  1 
ATOM   1292 C C   . HIS A 1 155 ? 11.593  -8.514  11.789  1.00 16.71 ? 203 HIS A C   1 
ATOM   1293 O O   . HIS A 1 155 ? 11.372  -7.322  12.017  1.00 15.59 ? 203 HIS A O   1 
ATOM   1294 C CB  . HIS A 1 155 ? 13.735  -8.661  10.516  1.00 19.20 ? 203 HIS A CB  1 
ATOM   1295 C CG  . HIS A 1 155 ? 14.482  -9.517  11.485  1.00 22.85 ? 203 HIS A CG  1 
ATOM   1296 N ND1 . HIS A 1 155 ? 14.859  -10.812 11.195  1.00 24.49 ? 203 HIS A ND1 1 
ATOM   1297 C CD2 . HIS A 1 155 ? 14.847  -9.296  12.771  1.00 22.14 ? 203 HIS A CD2 1 
ATOM   1298 C CE1 . HIS A 1 155 ? 15.421  -11.353 12.261  1.00 24.71 ? 203 HIS A CE1 1 
ATOM   1299 N NE2 . HIS A 1 155 ? 15.424  -10.455 13.230  1.00 23.81 ? 203 HIS A NE2 1 
ATOM   1300 N N   . PRO A 1 156 ? 11.297  -9.471  12.680  1.00 16.53 ? 204 PRO A N   1 
ATOM   1301 C CA  . PRO A 1 156 ? 10.672  -9.201  13.978  1.00 18.63 ? 204 PRO A CA  1 
ATOM   1302 C C   . PRO A 1 156 ? 11.283  -8.106  14.855  1.00 20.38 ? 204 PRO A C   1 
ATOM   1303 O O   . PRO A 1 156 ? 10.578  -7.524  15.688  1.00 21.64 ? 204 PRO A O   1 
ATOM   1304 C CB  . PRO A 1 156 ? 10.669  -10.568 14.655  1.00 19.97 ? 204 PRO A CB  1 
ATOM   1305 C CG  . PRO A 1 156 ? 11.801  -11.298 13.999  1.00 20.75 ? 204 PRO A CG  1 
ATOM   1306 C CD  . PRO A 1 156 ? 11.645  -10.896 12.560  1.00 19.08 ? 204 PRO A CD  1 
ATOM   1307 N N   . TYR A 1 157 ? 12.569  -7.805  14.699  1.00 19.40 ? 205 TYR A N   1 
ATOM   1308 C CA  . TYR A 1 157 ? 13.113  -6.755  15.541  1.00 21.15 ? 205 TYR A CA  1 
ATOM   1309 C C   . TYR A 1 157 ? 14.133  -5.805  14.917  1.00 20.83 ? 205 TYR A C   1 
ATOM   1310 O O   . TYR A 1 157 ? 15.120  -5.393  15.537  1.00 19.32 ? 205 TYR A O   1 
ATOM   1311 C CB  . TYR A 1 157 ? 13.601  -7.340  16.892  1.00 22.10 ? 205 TYR A CB  1 
ATOM   1312 C CG  . TYR A 1 157 ? 14.555  -8.507  16.826  1.00 20.38 ? 205 TYR A CG  1 
ATOM   1313 C CD1 . TYR A 1 157 ? 15.906  -8.310  16.559  1.00 21.31 ? 205 TYR A CD1 1 
ATOM   1314 C CD2 . TYR A 1 157 ? 14.115  -9.808  17.087  1.00 21.54 ? 205 TYR A CD2 1 
ATOM   1315 C CE1 . TYR A 1 157 ? 16.805  -9.380  16.563  1.00 22.42 ? 205 TYR A CE1 1 
ATOM   1316 C CE2 . TYR A 1 157 ? 15.003  -10.886 17.087  1.00 22.54 ? 205 TYR A CE2 1 
ATOM   1317 C CZ  . TYR A 1 157 ? 16.347  -10.661 16.830  1.00 22.69 ? 205 TYR A CZ  1 
ATOM   1318 O OH  . TYR A 1 157 ? 17.240  -11.713 16.857  1.00 25.34 ? 205 TYR A OH  1 
ATOM   1319 N N   . VAL A 1 158 ? 13.851  -5.451  13.669  1.00 21.71 ? 206 VAL A N   1 
ATOM   1320 C CA  . VAL A 1 158 ? 14.632  -4.482  12.922  1.00 20.16 ? 206 VAL A CA  1 
ATOM   1321 C C   . VAL A 1 158 ? 13.770  -3.245  13.137  1.00 21.09 ? 206 VAL A C   1 
ATOM   1322 O O   . VAL A 1 158 ? 12.544  -3.353  13.207  1.00 19.14 ? 206 VAL A O   1 
ATOM   1323 C CB  . VAL A 1 158 ? 14.660  -4.805  11.420  1.00 20.09 ? 206 VAL A CB  1 
ATOM   1324 C CG1 . VAL A 1 158 ? 15.072  -3.569  10.637  1.00 19.49 ? 206 VAL A CG1 1 
ATOM   1325 C CG2 . VAL A 1 158 ? 15.633  -5.942  11.149  1.00 20.92 ? 206 VAL A CG2 1 
ATOM   1326 N N   . ASP A 1 159 ? 14.391  -2.083  13.276  1.00 21.78 ? 207 ASP A N   1 
ATOM   1327 C CA  . ASP A 1 159 ? 13.617  -0.868  13.488  1.00 24.43 ? 207 ASP A CA  1 
ATOM   1328 C C   . ASP A 1 159 ? 13.327  -0.165  12.161  1.00 25.28 ? 207 ASP A C   1 
ATOM   1329 O O   . ASP A 1 159 ? 14.234  0.399   11.548  1.00 23.63 ? 207 ASP A O   1 
ATOM   1330 C CB  . ASP A 1 159 ? 14.366  0.094   14.411  1.00 26.64 ? 207 ASP A CB  1 
ATOM   1331 C CG  . ASP A 1 159 ? 13.578  1.362   14.690  1.00 28.55 ? 207 ASP A CG  1 
ATOM   1332 O OD1 . ASP A 1 159 ? 12.770  1.750   13.830  1.00 30.78 ? 207 ASP A OD1 1 
ATOM   1333 O OD2 . ASP A 1 159 ? 13.770  1.978   15.759  1.00 30.26 ? 207 ASP A OD2 1 
ATOM   1334 N N   . TYR A 1 160 ? 12.069  -0.208  11.724  1.00 27.47 ? 208 TYR A N   1 
ATOM   1335 C CA  . TYR A 1 160 ? 11.659  0.455   10.480  1.00 28.82 ? 208 TYR A CA  1 
ATOM   1336 C C   . TYR A 1 160 ? 11.024  1.791   10.847  1.00 32.24 ? 208 TYR A C   1 
ATOM   1337 O O   . TYR A 1 160 ? 10.364  1.919   11.875  1.00 33.24 ? 208 TYR A O   1 
ATOM   1338 C CB  . TYR A 1 160 ? 10.655  -0.408  9.701   1.00 24.20 ? 208 TYR A CB  1 
ATOM   1339 C CG  . TYR A 1 160 ? 11.157  -1.797  9.360   1.00 19.25 ? 208 TYR A CG  1 
ATOM   1340 C CD1 . TYR A 1 160 ? 10.859  -2.885  10.180  1.00 18.09 ? 208 TYR A CD1 1 
ATOM   1341 C CD2 . TYR A 1 160 ? 11.966  -2.014  8.244   1.00 19.08 ? 208 TYR A CD2 1 
ATOM   1342 C CE1 . TYR A 1 160 ? 11.360  -4.159  9.901   1.00 17.57 ? 208 TYR A CE1 1 
ATOM   1343 C CE2 . TYR A 1 160 ? 12.478  -3.284  7.957   1.00 17.63 ? 208 TYR A CE2 1 
ATOM   1344 C CZ  . TYR A 1 160 ? 12.167  -4.353  8.794   1.00 18.36 ? 208 TYR A CZ  1 
ATOM   1345 O OH  . TYR A 1 160 ? 12.677  -5.616  8.535   1.00 20.02 ? 208 TYR A OH  1 
ATOM   1346 N N   . GLY A 1 161 ? 11.229  2.800   10.017  1.00 37.30 ? 209 GLY A N   1 
ATOM   1347 C CA  . GLY A 1 161 ? 10.655  4.097   10.328  1.00 43.07 ? 209 GLY A CA  1 
ATOM   1348 C C   . GLY A 1 161 ? 11.508  4.893   11.293  1.00 46.69 ? 209 GLY A C   1 
ATOM   1349 O O   . GLY A 1 161 ? 12.582  4.440   11.700  1.00 47.51 ? 209 GLY A O   1 
ATOM   1350 N N   . ARG A 1 162 ? 11.030  6.080   11.655  1.00 49.98 ? 210 ARG A N   1 
ATOM   1351 C CA  . ARG A 1 162 ? 11.743  6.962   12.581  1.00 52.74 ? 210 ARG A CA  1 
ATOM   1352 C C   . ARG A 1 162 ? 10.779  7.955   13.216  1.00 53.96 ? 210 ARG A C   1 
ATOM   1353 O O   . ARG A 1 162 ? 10.860  8.134   14.451  1.00 54.72 ? 210 ARG A O   1 
ATOM   1354 C CB  . ARG A 1 162 ? 12.857  7.731   11.856  1.00 54.00 ? 210 ARG A CB  1 
ATOM   1355 C CG  . ARG A 1 162 ? 14.091  6.907   11.489  1.00 57.29 ? 210 ARG A CG  1 
ATOM   1356 C CD  . ARG A 1 162 ? 15.125  6.808   12.624  1.00 58.64 ? 210 ARG A CD  1 
ATOM   1357 N NE  . ARG A 1 162 ? 14.645  6.100   13.813  1.00 60.15 ? 210 ARG A NE  1 
ATOM   1358 C CZ  . ARG A 1 162 ? 13.931  6.656   14.789  1.00 61.35 ? 210 ARG A CZ  1 
ATOM   1359 N NH1 . ARG A 1 162 ? 13.600  7.941   14.731  1.00 61.72 ? 210 ARG A NH1 1 
ATOM   1360 N NH2 . ARG A 1 162 ? 13.549  5.927   15.832  1.00 61.08 ? 210 ARG A NH2 1 
ATOM   1361 N N   . LYS B 2 1   ? -10.268 -11.842 -3.338  1.00 60.76 ? 309 LYS B N   1 
ATOM   1362 C CA  . LYS B 2 1   ? -9.208  -11.530 -4.344  1.00 60.93 ? 309 LYS B CA  1 
ATOM   1363 C C   . LYS B 2 1   ? -8.940  -10.027 -4.421  1.00 60.97 ? 309 LYS B C   1 
ATOM   1364 O O   . LYS B 2 1   ? -9.818  -9.212  -4.123  1.00 61.33 ? 309 LYS B O   1 
ATOM   1365 C CB  . LYS B 2 1   ? -9.626  -12.059 -5.718  1.00 61.06 ? 309 LYS B CB  1 
ATOM   1366 N N   . SER B 2 2   ? -7.724  -9.663  -4.822  1.00 60.38 ? 310 SER B N   1 
ATOM   1367 C CA  . SER B 2 2   ? -7.348  -8.258  -4.941  1.00 59.70 ? 310 SER B CA  1 
ATOM   1368 C C   . SER B 2 2   ? -6.625  -7.968  -6.258  1.00 59.14 ? 310 SER B C   1 
ATOM   1369 O O   . SER B 2 2   ? -7.109  -7.178  -7.073  1.00 59.06 ? 310 SER B O   1 
ATOM   1370 C CB  . SER B 2 2   ? -6.476  -7.850  -3.759  1.00 58.92 ? 310 SER B CB  1 
ATOM   1371 N N   . THR B 2 3   ? -5.472  -8.605  -6.462  1.00 58.21 ? 311 THR B N   1 
ATOM   1372 C CA  . THR B 2 3   ? -4.710  -8.400  -7.683  1.00 56.38 ? 311 THR B CA  1 
ATOM   1373 C C   . THR B 2 3   ? -3.394  -7.649  -7.514  1.00 55.68 ? 311 THR B C   1 
ATOM   1374 O O   . THR B 2 3   ? -2.320  -8.205  -7.738  1.00 55.12 ? 311 THR B O   1 
ATOM   1375 N N   . GLY B 2 4   ? -3.476  -6.379  -7.127  1.00 55.06 ? 312 GLY B N   1 
ATOM   1376 C CA  . GLY B 2 4   ? -2.279  -5.574  -6.944  1.00 53.14 ? 312 GLY B CA  1 
ATOM   1377 C C   . GLY B 2 4   ? -2.382  -4.248  -7.665  1.00 51.83 ? 312 GLY B C   1 
ATOM   1378 O O   . GLY B 2 4   ? -1.557  -3.943  -8.518  1.00 51.70 ? 312 GLY B O   1 
ATOM   1379 N N   . GLY B 2 5   ? -3.391  -3.457  -7.319  1.00 51.43 ? 313 GLY B N   1 
ATOM   1380 C CA  . GLY B 2 5   ? -3.592  -2.176  -7.979  1.00 50.88 ? 313 GLY B CA  1 
ATOM   1381 C C   . GLY B 2 5   ? -2.386  -1.251  -8.020  1.00 50.11 ? 313 GLY B C   1 
ATOM   1382 O O   . GLY B 2 5   ? -2.424  -0.187  -8.646  1.00 50.45 ? 313 GLY B O   1 
ATOM   1383 N N   . LYS B 2 6   ? -1.326  -1.661  -7.330  1.00 48.04 ? 314 LYS B N   1 
ATOM   1384 C CA  . LYS B 2 6   ? -0.061  -0.943  -7.252  1.00 44.02 ? 314 LYS B CA  1 
ATOM   1385 C C   . LYS B 2 6   ? 0.464   -0.769  -8.677  1.00 43.97 ? 314 LYS B C   1 
ATOM   1386 O O   . LYS B 2 6   ? 1.581   -1.165  -8.994  1.00 42.37 ? 314 LYS B O   1 
ATOM   1387 C CB  . LYS B 2 6   ? 0.883   -1.797  -6.397  1.00 42.37 ? 314 LYS B CB  1 
ATOM   1388 C CG  . LYS B 2 6   ? 2.326   -1.387  -6.344  1.00 39.68 ? 314 LYS B CG  1 
ATOM   1389 C CD  . LYS B 2 6   ? 2.513   0.014   -5.859  1.00 38.03 ? 314 LYS B CD  1 
ATOM   1390 C CE  . LYS B 2 6   ? 1.875   0.280   -4.530  1.00 35.65 ? 314 LYS B CE  1 
ATOM   1391 N NZ  . LYS B 2 6   ? 0.411   0.340   -4.643  1.00 38.42 ? 314 LYS B NZ  1 
ATOM   1392 N N   . ALA B 2 7   ? -0.346  -0.147  -9.530  1.00 45.56 ? 315 ALA B N   1 
ATOM   1393 C CA  . ALA B 2 7   ? -0.014  0.012   -10.945 1.00 45.20 ? 315 ALA B CA  1 
ATOM   1394 C C   . ALA B 2 7   ? 0.172   1.429   -11.496 1.00 45.95 ? 315 ALA B C   1 
ATOM   1395 O O   . ALA B 2 7   ? -0.788  2.084   -11.907 1.00 44.02 ? 315 ALA B O   1 
ATOM   1396 C CB  . ALA B 2 7   ? -1.047  -0.698  -11.741 1.00 46.68 ? 315 ALA B CB  1 
ATOM   1397 N N   . PRO B 2 8   ? 1.432   1.899   -11.539 1.00 47.40 ? 316 PRO B N   1 
ATOM   1398 C CA  . PRO B 2 8   ? 1.819   3.222   -12.032 1.00 47.72 ? 316 PRO B CA  1 
ATOM   1399 C C   . PRO B 2 8   ? 2.416   3.137   -13.437 1.00 48.78 ? 316 PRO B C   1 
ATOM   1400 O O   . PRO B 2 8   ? 3.283   2.298   -13.695 1.00 47.55 ? 316 PRO B O   1 
ATOM   1401 C CB  . PRO B 2 8   ? 2.853   3.640   -11.021 1.00 47.59 ? 316 PRO B CB  1 
ATOM   1402 C CG  . PRO B 2 8   ? 3.636   2.357   -10.878 1.00 48.57 ? 316 PRO B CG  1 
ATOM   1403 C CD  . PRO B 2 8   ? 2.562   1.269   -10.832 1.00 46.89 ? 316 PRO B CD  1 
ATOM   1404 N N   . ARG B 2 9   ? 1.956   4.023   -14.324 1.00 50.29 ? 317 ARG B N   1 
ATOM   1405 C CA  . ARG B 2 9   ? 2.399   4.074   -15.721 1.00 50.43 ? 317 ARG B CA  1 
ATOM   1406 C C   . ARG B 2 9   ? 3.786   3.520   -15.928 1.00 49.66 ? 317 ARG B C   1 
ATOM   1407 O O   . ARG B 2 9   ? 4.019   2.315   -15.904 1.00 49.45 ? 317 ARG B O   1 
ATOM   1408 C CB  . ARG B 2 9   ? 2.398   5.513   -16.253 1.00 51.05 ? 317 ARG B CB  1 
ATOM   1409 C CG  . ARG B 2 9   ? 1.107   6.292   -16.090 1.00 53.37 ? 317 ARG B CG  1 
ATOM   1410 C CD  . ARG B 2 9   ? 0.988   7.308   -17.222 1.00 54.56 ? 317 ARG B CD  1 
ATOM   1411 N NE  . ARG B 2 9   ? 0.273   8.525   -16.848 1.00 57.47 ? 317 ARG B NE  1 
ATOM   1412 C CZ  . ARG B 2 9   ? 0.758   9.460   -16.033 1.00 59.29 ? 317 ARG B CZ  1 
ATOM   1413 N NH1 . ARG B 2 9   ? 1.964   9.321   -15.495 1.00 59.57 ? 317 ARG B NH1 1 
ATOM   1414 N NH2 . ARG B 2 9   ? 0.046   10.550  -15.772 1.00 59.30 ? 317 ARG B NH2 1 
ATOM   1415 N N   . LYS B 2 10  ? 4.694   4.447   -16.183 1.00 51.42 ? 318 LYS B N   1 
ATOM   1416 C CA  . LYS B 2 10  ? 6.104   4.178   -16.391 1.00 52.07 ? 318 LYS B CA  1 
ATOM   1417 C C   . LYS B 2 10  ? 6.668   5.214   -15.463 1.00 52.28 ? 318 LYS B C   1 
ATOM   1418 O O   . LYS B 2 10  ? 7.839   5.183   -15.094 1.00 53.29 ? 318 LYS B O   1 
ATOM   1419 C CB  . LYS B 2 10  ? 6.516   4.468   -17.839 1.00 52.88 ? 318 LYS B CB  1 
ATOM   1420 C CG  . LYS B 2 10  ? 5.508   5.279   -18.656 1.00 54.29 ? 318 LYS B CG  1 
ATOM   1421 C CD  . LYS B 2 10  ? 4.341   4.416   -19.136 1.00 54.15 ? 318 LYS B CD  1 
ATOM   1422 C CE  . LYS B 2 10  ? 3.332   5.228   -19.938 1.00 54.17 ? 318 LYS B CE  1 
ATOM   1423 N NZ  . LYS B 2 10  ? 3.958   5.896   -21.117 1.00 53.87 ? 318 LYS B NZ  1 
ATOM   1424 N N   . GLN B 2 11  ? 5.781   6.131   -15.092 1.00 53.29 ? 319 GLN B N   1 
ATOM   1425 C CA  . GLN B 2 11  ? 6.035   7.233   -14.176 1.00 55.99 ? 319 GLN B CA  1 
ATOM   1426 C C   . GLN B 2 11  ? 4.824   8.159   -14.186 1.00 58.17 ? 319 GLN B C   1 
ATOM   1427 O O   . GLN B 2 11  ? 4.997   9.349   -14.533 1.00 60.37 ? 319 GLN B O   1 
ATOM   1428 C CB  . GLN B 2 11  ? 7.283   8.018   -14.574 1.00 54.59 ? 319 GLN B CB  1 
ATOM   1429 C CG  . GLN B 2 11  ? 7.596   9.191   -13.641 1.00 54.22 ? 319 GLN B CG  1 
ATOM   1430 C CD  . GLN B 2 11  ? 7.337   8.877   -12.166 1.00 54.04 ? 319 GLN B CD  1 
ATOM   1431 O OE1 . GLN B 2 11  ? 6.187   8.821   -11.718 1.00 53.32 ? 319 GLN B OE1 1 
ATOM   1432 N NE2 . GLN B 2 11  ? 8.409   8.671   -11.409 1.00 53.29 ? 319 GLN B NE2 1 
HETATM 1433 N N1A . COA C 3 .   ? 7.939   12.246  -10.332 1.00 50.35 ? 401 COA A N1A 1 
HETATM 1434 C C2A . COA C 3 .   ? 9.239   11.729  -10.260 1.00 50.21 ? 401 COA A C2A 1 
HETATM 1435 N N3A . COA C 3 .   ? 9.920   11.423  -9.131  1.00 50.54 ? 401 COA A N3A 1 
HETATM 1436 C C4A . COA C 3 .   ? 9.216   11.668  -8.008  1.00 50.78 ? 401 COA A C4A 1 
HETATM 1437 C C5A . COA C 3 .   ? 7.882   12.191  -7.895  1.00 50.49 ? 401 COA A C5A 1 
HETATM 1438 C C6A . COA C 3 .   ? 7.197   12.505  -9.188  1.00 50.48 ? 401 COA A C6A 1 
HETATM 1439 N N6A . COA C 3 .   ? 5.994   12.983  -9.248  1.00 49.71 ? 401 COA A N6A 1 
HETATM 1440 N N7A . COA C 3 .   ? 7.487   12.309  -6.603  1.00 49.73 ? 401 COA A N7A 1 
HETATM 1441 C C8A . COA C 3 .   ? 8.552   11.864  -5.887  1.00 50.83 ? 401 COA A C8A 1 
HETATM 1442 N N9A . COA C 3 .   ? 9.623   11.466  -6.682  1.00 50.22 ? 401 COA A N9A 1 
HETATM 1443 C C1B . COA C 3 .   ? 10.961  10.933  -6.231  1.00 50.11 ? 401 COA A C1B 1 
HETATM 1444 C C2B . COA C 3 .   ? 11.898  12.031  -5.764  1.00 50.76 ? 401 COA A C2B 1 
HETATM 1445 O O2B . COA C 3 .   ? 12.397  12.730  -6.894  1.00 52.29 ? 401 COA A O2B 1 
HETATM 1446 C C3B . COA C 3 .   ? 12.967  11.235  -4.993  1.00 49.91 ? 401 COA A C3B 1 
HETATM 1447 O O3B . COA C 3 .   ? 13.896  10.641  -5.807  1.00 52.94 ? 401 COA A O3B 1 
HETATM 1448 P P3B . COA C 3 .   ? 15.333  10.366  -4.998  1.00 55.35 ? 401 COA A P3B 1 
HETATM 1449 O O7A . COA C 3 .   ? 15.916  11.809  -4.618  1.00 55.03 ? 401 COA A O7A 1 
HETATM 1450 O O8A . COA C 3 .   ? 16.392  9.692   -5.986  1.00 56.07 ? 401 COA A O8A 1 
HETATM 1451 O O9A . COA C 3 .   ? 15.025  9.509   -3.693  1.00 54.51 ? 401 COA A O9A 1 
HETATM 1452 C C4B . COA C 3 .   ? 12.072  10.290  -4.176  1.00 47.76 ? 401 COA A C4B 1 
HETATM 1453 O O4B . COA C 3 .   ? 10.811  10.147  -5.004  1.00 49.26 ? 401 COA A O4B 1 
HETATM 1454 C C5B . COA C 3 .   ? 11.720  10.786  -2.775  1.00 42.37 ? 401 COA A C5B 1 
HETATM 1455 O O5B . COA C 3 .   ? 10.300  10.537  -2.629  1.00 33.03 ? 401 COA A O5B 1 
HETATM 1456 P P1A . COA C 3 .   ? 9.526   10.965  -1.279  1.00 27.97 ? 401 COA A P1A 1 
HETATM 1457 O O1A . COA C 3 .   ? 9.503   12.465  -1.203  1.00 23.97 ? 401 COA A O1A 1 
HETATM 1458 O O2A . COA C 3 .   ? 10.015  10.202  -0.075  1.00 30.60 ? 401 COA A O2A 1 
HETATM 1459 O O3A . COA C 3 .   ? 8.152   10.490  -1.711  1.00 25.35 ? 401 COA A O3A 1 
HETATM 1460 P P2A . COA C 3 .   ? 6.787   11.238  -2.165  1.00 20.17 ? 401 COA A P2A 1 
HETATM 1461 O O4A . COA C 3 .   ? 6.994   12.105  -3.361  1.00 19.80 ? 401 COA A O4A 1 
HETATM 1462 O O5A . COA C 3 .   ? 6.086   12.055  -1.102  1.00 20.37 ? 401 COA A O5A 1 
HETATM 1463 O O6A . COA C 3 .   ? 5.914   9.886   -2.480  1.00 20.90 ? 401 COA A O6A 1 
HETATM 1464 C CBP . COA C 3 .   ? 5.181   8.321   -4.240  1.00 16.21 ? 401 COA A CBP 1 
HETATM 1465 C CCP . COA C 3 .   ? 6.374   8.928   -3.439  1.00 17.09 ? 401 COA A CCP 1 
HETATM 1466 C CDP . COA C 3 .   ? 5.623   7.076   -5.085  1.00 16.88 ? 401 COA A CDP 1 
HETATM 1467 C CEP . COA C 3 .   ? 4.184   7.892   -3.131  1.00 14.44 ? 401 COA A CEP 1 
HETATM 1468 C CAP . COA C 3 .   ? 4.658   9.479   -5.213  1.00 15.50 ? 401 COA A CAP 1 
HETATM 1469 O OAP . COA C 3 .   ? 5.662   9.802   -6.225  1.00 15.73 ? 401 COA A OAP 1 
HETATM 1470 C C9P . COA C 3 .   ? 3.357   9.136   -5.928  1.00 15.67 ? 401 COA A C9P 1 
HETATM 1471 O O9P . COA C 3 .   ? 2.172   9.329   -5.306  1.00 13.50 ? 401 COA A O9P 1 
HETATM 1472 N N8P . COA C 3 .   ? 3.482   8.647   -7.147  1.00 17.27 ? 401 COA A N8P 1 
HETATM 1473 C C7P . COA C 3 .   ? 2.357   8.274   -8.015  1.00 19.31 ? 401 COA A C7P 1 
HETATM 1474 C C6P . COA C 3 .   ? 1.696   7.024   -7.464  1.00 20.37 ? 401 COA A C6P 1 
HETATM 1475 C C5P . COA C 3 .   ? 2.522   5.811   -7.778  1.00 23.07 ? 401 COA A C5P 1 
HETATM 1476 O O5P . COA C 3 .   ? 3.086   5.622   -8.920  1.00 23.11 ? 401 COA A O5P 1 
HETATM 1477 N N4P . COA C 3 .   ? 2.599   4.969   -6.768  1.00 23.32 ? 401 COA A N4P 1 
HETATM 1478 C C3P . COA C 3 .   ? 3.354   3.643   -6.762  1.00 22.36 ? 401 COA A C3P 1 
HETATM 1479 C C2P . COA C 3 .   ? 2.489   2.666   -7.549  1.00 22.87 ? 401 COA A C2P 1 
HETATM 1480 S S1P . COA C 3 .   ? 0.834   2.318   -6.791  1.00 22.67 ? 401 COA A S1P 1 
HETATM 1481 O O   . HOH D 4 .   ? -21.991 9.741   11.354  1.00 17.58 ? 501 HOH A O   1 
HETATM 1482 O O   . HOH D 4 .   ? -3.264  14.239  -6.713  1.00 13.23 ? 502 HOH A O   1 
HETATM 1483 O O   . HOH D 4 .   ? 5.637   8.400   12.670  1.00 29.65 ? 503 HOH A O   1 
HETATM 1484 O O   . HOH D 4 .   ? -8.876  0.999   2.794   1.00 9.27  ? 504 HOH A O   1 
HETATM 1485 O O   . HOH D 4 .   ? -12.573 -1.024  3.173   1.00 16.50 ? 505 HOH A O   1 
HETATM 1486 O O   . HOH D 4 .   ? -11.737 -0.490  8.047   1.00 18.66 ? 506 HOH A O   1 
HETATM 1487 O O   . HOH D 4 .   ? -12.189 14.407  -2.705  1.00 22.63 ? 507 HOH A O   1 
HETATM 1488 O O   . HOH D 4 .   ? -8.665  15.561  2.515   1.00 22.97 ? 508 HOH A O   1 
HETATM 1489 O O   . HOH D 4 .   ? 8.399   7.482   9.273   1.00 23.53 ? 509 HOH A O   1 
HETATM 1490 O O   . HOH D 4 .   ? -8.745  -0.808  -17.705 1.00 26.94 ? 510 HOH A O   1 
HETATM 1491 O O   . HOH D 4 .   ? 6.590   16.799  9.018   1.00 33.56 ? 511 HOH A O   1 
HETATM 1492 O O   . HOH D 4 .   ? 15.752  -7.026  -6.730  1.00 32.26 ? 512 HOH A O   1 
HETATM 1493 O O   . HOH D 4 .   ? -19.074 11.498  11.301  1.00 22.14 ? 513 HOH A O   1 
HETATM 1494 O O   . HOH D 4 .   ? -7.797  -0.954  10.138  1.00 27.00 ? 514 HOH A O   1 
HETATM 1495 O O   . HOH D 4 .   ? 12.244  0.786   -12.061 1.00 23.13 ? 515 HOH A O   1 
HETATM 1496 O O   . HOH D 4 .   ? -6.280  -6.191  5.458   1.00 19.16 ? 516 HOH A O   1 
HETATM 1497 O O   . HOH D 4 .   ? 7.296   -2.913  15.831  1.00 26.91 ? 517 HOH A O   1 
HETATM 1498 O O   . HOH D 4 .   ? -3.694  -16.855 -10.113 1.00 25.17 ? 518 HOH A O   1 
HETATM 1499 O O   . HOH D 4 .   ? 7.976   10.568  10.278  1.00 39.41 ? 519 HOH A O   1 
HETATM 1500 O O   . HOH D 4 .   ? -9.097  10.655  -11.822 1.00 28.90 ? 520 HOH A O   1 
HETATM 1501 O O   . HOH D 4 .   ? -8.486  14.147  -2.479  1.00 19.96 ? 521 HOH A O   1 
HETATM 1502 O O   . HOH D 4 .   ? 6.459   -14.588 -9.392  1.00 30.94 ? 522 HOH A O   1 
HETATM 1503 O O   . HOH D 4 .   ? 3.663   -13.549 -10.288 1.00 31.24 ? 523 HOH A O   1 
HETATM 1504 O O   . HOH D 4 .   ? 8.559   -12.065 11.964  1.00 33.54 ? 524 HOH A O   1 
HETATM 1505 O O   . HOH D 4 .   ? 8.131   -7.885  16.382  1.00 26.89 ? 525 HOH A O   1 
HETATM 1506 O O   . HOH D 4 .   ? -15.730 7.336   -7.295  1.00 16.75 ? 526 HOH A O   1 
HETATM 1507 O O   . HOH D 4 .   ? -26.211 13.975  6.192   1.00 32.77 ? 527 HOH A O   1 
HETATM 1508 O O   . HOH D 4 .   ? 4.456   24.561  1.008   1.00 39.34 ? 528 HOH A O   1 
HETATM 1509 O O   . HOH D 4 .   ? -7.509  -11.060 3.309   1.00 18.63 ? 529 HOH A O   1 
HETATM 1510 O O   . HOH D 4 .   ? -13.261 -6.128  -3.781  1.00 21.57 ? 530 HOH A O   1 
HETATM 1511 O O   . HOH D 4 .   ? -7.779  -10.656 -14.323 1.00 17.37 ? 531 HOH A O   1 
HETATM 1512 O O   . HOH D 4 .   ? -4.163  -2.960  10.977  1.00 24.16 ? 532 HOH A O   1 
HETATM 1513 O O   . HOH D 4 .   ? -3.127  4.283   13.596  1.00 31.20 ? 533 HOH A O   1 
HETATM 1514 O O   . HOH D 4 .   ? -7.155  14.847  -5.548  1.00 33.35 ? 534 HOH A O   1 
HETATM 1515 O O   . HOH D 4 .   ? 0.235   -5.205  -5.763  1.00 13.82 ? 535 HOH A O   1 
HETATM 1516 O O   . HOH D 4 .   ? -2.553  15.832  11.370  1.00 28.59 ? 536 HOH A O   1 
HETATM 1517 O O   . HOH D 4 .   ? 14.837  3.778   12.505  1.00 47.82 ? 537 HOH A O   1 
HETATM 1518 O O   . HOH D 4 .   ? -2.102  23.079  3.538   1.00 40.32 ? 538 HOH A O   1 
HETATM 1519 O O   . HOH D 4 .   ? -7.523  -8.865  6.600   1.00 32.05 ? 539 HOH A O   1 
HETATM 1520 O O   . HOH D 4 .   ? 3.178   23.424  4.124   1.00 38.14 ? 540 HOH A O   1 
HETATM 1521 O O   . HOH D 4 .   ? -18.164 12.696  2.048   1.00 31.72 ? 541 HOH A O   1 
HETATM 1522 O O   . HOH D 4 .   ? 9.261   18.551  -7.417  1.00 35.15 ? 542 HOH A O   1 
HETATM 1523 O O   . HOH D 4 .   ? -2.036  20.014  0.942   1.00 37.69 ? 543 HOH A O   1 
HETATM 1524 O O   . HOH D 4 .   ? 3.236   20.128  3.753   1.00 26.28 ? 544 HOH A O   1 
HETATM 1525 O O   . HOH D 4 .   ? -1.269  10.141  14.983  1.00 39.95 ? 545 HOH A O   1 
HETATM 1526 O O   . HOH D 4 .   ? 7.036   -11.345 -10.708 1.00 29.96 ? 546 HOH A O   1 
HETATM 1527 O O   . HOH D 4 .   ? -10.096 5.163   11.813  1.00 27.88 ? 547 HOH A O   1 
HETATM 1528 O O   . HOH D 4 .   ? 13.535  -2.526  4.633   1.00 20.98 ? 548 HOH A O   1 
HETATM 1529 O O   . HOH D 4 .   ? 7.903   4.692   13.853  1.00 46.16 ? 549 HOH A O   1 
HETATM 1530 O O   . HOH D 4 .   ? -13.455 -3.307  -10.832 1.00 35.45 ? 550 HOH A O   1 
HETATM 1531 O O   . HOH D 4 .   ? -6.017  -15.249 4.763   1.00 39.38 ? 551 HOH A O   1 
HETATM 1532 O O   . HOH D 4 .   ? 13.260  -7.870  1.682   1.00 22.61 ? 552 HOH A O   1 
HETATM 1533 O O   . HOH D 4 .   ? 13.996  0.807   3.106   1.00 28.24 ? 553 HOH A O   1 
HETATM 1534 O O   . HOH D 4 .   ? -14.267 -2.234  8.280   1.00 38.34 ? 554 HOH A O   1 
HETATM 1535 O O   . HOH D 4 .   ? 3.003   19.386  11.963  1.00 52.41 ? 555 HOH A O   1 
HETATM 1536 O O   . HOH D 4 .   ? -4.223  13.163  17.068  1.00 56.22 ? 556 HOH A O   1 
HETATM 1537 O O   . HOH D 4 .   ? -18.159 -1.418  4.733   1.00 20.19 ? 557 HOH A O   1 
HETATM 1538 O O   . HOH D 4 .   ? -15.250 11.222  -5.808  1.00 19.05 ? 558 HOH A O   1 
HETATM 1539 O O   . HOH D 4 .   ? 6.631   -9.343  14.321  1.00 29.20 ? 559 HOH A O   1 
HETATM 1540 O O   . HOH D 4 .   ? 13.503  3.522   2.871   1.00 24.49 ? 560 HOH A O   1 
HETATM 1541 O O   . HOH D 4 .   ? 6.847   -5.865  -14.893 1.00 27.99 ? 561 HOH A O   1 
HETATM 1542 O O   . HOH D 4 .   ? -2.324  -9.750  11.476  1.00 20.85 ? 562 HOH A O   1 
HETATM 1543 O O   . HOH D 4 .   ? -19.327 -3.518  3.421   1.00 22.62 ? 563 HOH A O   1 
HETATM 1544 O O   . HOH D 4 .   ? -11.460 -0.346  -17.803 1.00 30.61 ? 564 HOH A O   1 
HETATM 1545 O O   . HOH D 4 .   ? 10.814  14.837  9.206   1.00 33.21 ? 565 HOH A O   1 
HETATM 1546 O O   . HOH D 4 .   ? 6.512   -5.408  17.193  1.00 42.82 ? 566 HOH A O   1 
HETATM 1547 O O   . HOH D 4 .   ? 11.377  11.156  4.436   1.00 30.14 ? 567 HOH A O   1 
HETATM 1548 O O   . HOH D 4 .   ? 10.737  -11.102 -11.437 1.00 39.41 ? 568 HOH A O   1 
HETATM 1549 O O   . HOH D 4 .   ? -11.578 -4.280  6.001   1.00 45.77 ? 569 HOH A O   1 
HETATM 1550 O O   . HOH D 4 .   ? 8.527   0.930   19.178  1.00 56.70 ? 570 HOH A O   1 
HETATM 1551 O O   . HOH D 4 .   ? -2.100  -17.291 -7.047  1.00 29.56 ? 571 HOH A O   1 
HETATM 1552 O O   . HOH D 4 .   ? 1.079   8.868   13.453  1.00 39.12 ? 572 HOH A O   1 
HETATM 1553 O O   . HOH D 4 .   ? -10.503 2.722   15.713  1.00 35.37 ? 573 HOH A O   1 
HETATM 1554 O O   . HOH D 4 .   ? 12.416  4.348   -10.186 1.00 26.18 ? 574 HOH A O   1 
HETATM 1555 O O   . HOH D 4 .   ? 14.206  -19.207 -1.302  1.00 51.55 ? 575 HOH A O   1 
HETATM 1556 O O   . HOH D 4 .   ? -7.526  -15.658 10.749  1.00 39.34 ? 576 HOH A O   1 
HETATM 1557 O O   . HOH D 4 .   ? -13.241 13.680  7.714   1.00 34.49 ? 577 HOH A O   1 
HETATM 1558 O O   . HOH D 4 .   ? -17.226 -1.012  -5.713  1.00 36.94 ? 578 HOH A O   1 
HETATM 1559 O O   . HOH D 4 .   ? -0.838  -20.679 7.066   1.00 41.22 ? 579 HOH A O   1 
HETATM 1560 O O   . HOH D 4 .   ? -28.287 15.290  7.293   1.00 51.52 ? 580 HOH A O   1 
HETATM 1561 O O   . HOH D 4 .   ? -6.576  9.886   -13.514 1.00 35.97 ? 581 HOH A O   1 
HETATM 1562 O O   . HOH D 4 .   ? -10.212 1.295   5.112   1.00 48.02 ? 582 HOH A O   1 
HETATM 1563 O O   . HOH D 4 .   ? -7.715  1.538   -16.810 1.00 29.96 ? 583 HOH A O   1 
HETATM 1564 O O   . HOH D 4 .   ? 6.429   14.241  -0.032  1.00 12.69 ? 584 HOH A O   1 
HETATM 1565 O O   . HOH D 4 .   ? -17.638 6.628   1.938   1.00 56.22 ? 586 HOH A O   1 
HETATM 1566 O O   . HOH D 4 .   ? -13.792 3.408   -13.835 1.00 25.74 ? 587 HOH A O   1 
HETATM 1567 O O   . HOH D 4 .   ? 12.623  -10.140 0.370   1.00 37.98 ? 588 HOH A O   1 
HETATM 1568 O O   . HOH D 4 .   ? -7.653  3.870   -19.730 1.00 32.81 ? 589 HOH A O   1 
HETATM 1569 O O   . HOH D 4 .   ? -16.517 0.351   -7.724  1.00 28.96 ? 590 HOH A O   1 
HETATM 1570 O O   . HOH D 4 .   ? -6.962  14.761  -8.272  1.00 50.20 ? 591 HOH A O   1 
HETATM 1571 O O   . HOH D 4 .   ? -14.124 3.090   13.598  1.00 37.45 ? 592 HOH A O   1 
HETATM 1572 O O   . HOH D 4 .   ? 4.601   3.639   16.952  1.00 44.91 ? 593 HOH A O   1 
HETATM 1573 O O   . HOH D 4 .   ? 15.883  -3.492  -2.387  1.00 31.44 ? 594 HOH A O   1 
HETATM 1574 O O   . HOH D 4 .   ? 11.873  18.818  0.145   1.00 42.94 ? 595 HOH A O   1 
HETATM 1575 O O   . HOH D 4 .   ? 1.884   7.181   -11.484 1.00 35.49 ? 596 HOH A O   1 
HETATM 1576 O O   . HOH D 4 .   ? 14.447  15.692  -2.301  1.00 35.44 ? 597 HOH A O   1 
HETATM 1577 O O   . HOH D 4 .   ? -14.445 -12.672 -0.191  1.00 44.82 ? 598 HOH A O   1 
HETATM 1578 O O   . HOH D 4 .   ? -12.273 -5.320  -11.921 1.00 35.14 ? 599 HOH A O   1 
HETATM 1579 O O   . HOH D 4 .   ? 0.318   -2.197  -20.453 1.00 39.62 ? 600 HOH A O   1 
HETATM 1580 O O   . HOH D 4 .   ? -17.498 0.505   2.180   1.00 25.03 ? 601 HOH A O   1 
HETATM 1581 O O   . HOH D 4 .   ? -9.615  18.485  3.694   1.00 38.94 ? 602 HOH A O   1 
HETATM 1582 O O   . HOH D 4 .   ? -4.800  -17.849 -12.503 1.00 50.09 ? 603 HOH A O   1 
HETATM 1583 O O   . HOH D 4 .   ? -1.839  24.688  5.544   1.00 52.51 ? 604 HOH A O   1 
HETATM 1584 O O   . HOH D 4 .   ? -11.137 5.671   -14.257 1.00 32.92 ? 605 HOH A O   1 
HETATM 1585 O O   . HOH D 4 .   ? -16.963 9.879   13.187  1.00 41.07 ? 606 HOH A O   1 
HETATM 1586 O O   . HOH D 4 .   ? 6.537   20.521  -8.025  1.00 45.23 ? 607 HOH A O   1 
HETATM 1587 O O   . HOH D 4 .   ? -7.803  8.192   -15.393 1.00 36.72 ? 608 HOH A O   1 
HETATM 1588 O O   . HOH D 4 .   ? -4.310  -8.556  -2.117  1.00 28.09 ? 611 HOH A O   1 
HETATM 1589 O O   . HOH D 4 .   ? 2.142   0.044   -16.143 1.00 26.43 ? 614 HOH A O   1 
HETATM 1590 O O   . HOH D 4 .   ? 17.407  -4.473  14.925  1.00 34.68 ? 618 HOH A O   1 
HETATM 1591 O O   . HOH D 4 .   ? 10.899  20.881  -0.128  1.00 38.17 ? 619 HOH A O   1 
HETATM 1592 O O   . HOH D 4 .   ? 11.704  13.683  5.539   1.00 31.96 ? 620 HOH A O   1 
HETATM 1593 O O   . HOH D 4 .   ? 16.911  -0.832  -0.011  1.00 34.54 ? 621 HOH A O   1 
HETATM 1594 O O   . HOH D 4 .   ? 3.487   -0.087  -19.879 1.00 39.83 ? 622 HOH A O   1 
HETATM 1595 O O   . HOH D 4 .   ? 7.581   -9.421  11.348  1.00 42.31 ? 624 HOH A O   1 
HETATM 1596 O O   . HOH D 4 .   ? 4.193   -17.934 4.297   1.00 46.58 ? 625 HOH A O   1 
HETATM 1597 O O   . HOH D 4 .   ? -0.285  4.783   13.052  1.00 43.40 ? 626 HOH A O   1 
HETATM 1598 O O   . HOH E 4 .   ? -1.231  4.552   -13.316 1.00 17.05 ? 585 HOH B O   1 
HETATM 1599 O O   . HOH E 4 .   ? 1.389   0.330   -13.551 1.00 21.76 ? 609 HOH B O   1 
HETATM 1600 O O   . HOH E 4 .   ? 5.866   11.054  -17.140 1.00 42.22 ? 612 HOH B O   1 
HETATM 1601 O O   . HOH E 4 .   ? -3.829  -4.923  -4.903  1.00 35.50 ? 615 HOH B O   1 
HETATM 1602 O O   . HOH E 4 .   ? 7.688   8.734   -8.877  1.00 50.73 ? 616 HOH B O   1 
# 
